data_1T0E
# 
_entry.id   1T0E 
# 
_audit_conform.dict_name       mmcif_pdbx.dic 
_audit_conform.dict_version    5.389 
_audit_conform.dict_location   http://mmcif.pdb.org/dictionaries/ascii/mmcif_pdbx.dic 
# 
loop_
_database_2.database_id 
_database_2.database_code 
_database_2.pdbx_database_accession 
_database_2.pdbx_DOI 
PDB   1T0E         pdb_00001t0e 10.2210/pdb1t0e/pdb 
NDB   UR0038       ?            ?                   
RCSB  RCSB022155   ?            ?                   
WWPDB D_1000022155 ?            ?                   
# 
loop_
_pdbx_audit_revision_history.ordinal 
_pdbx_audit_revision_history.data_content_type 
_pdbx_audit_revision_history.major_revision 
_pdbx_audit_revision_history.minor_revision 
_pdbx_audit_revision_history.revision_date 
1 'Structure model' 1 0 2004-06-15 
2 'Structure model' 1 1 2008-04-30 
3 'Structure model' 1 2 2011-07-13 
4 'Structure model' 1 3 2024-02-14 
5 'Structure model' 1 4 2024-04-03 
# 
_pdbx_audit_revision_details.ordinal             1 
_pdbx_audit_revision_details.revision_ordinal    1 
_pdbx_audit_revision_details.data_content_type   'Structure model' 
_pdbx_audit_revision_details.provider            repository 
_pdbx_audit_revision_details.type                'Initial release' 
_pdbx_audit_revision_details.description         ? 
_pdbx_audit_revision_details.details             ? 
# 
loop_
_pdbx_audit_revision_group.ordinal 
_pdbx_audit_revision_group.revision_ordinal 
_pdbx_audit_revision_group.data_content_type 
_pdbx_audit_revision_group.group 
1 2 'Structure model' 'Version format compliance' 
2 3 'Structure model' 'Version format compliance' 
3 4 'Structure model' 'Data collection'           
4 4 'Structure model' 'Database references'       
5 4 'Structure model' 'Derived calculations'      
6 5 'Structure model' 'Refinement description'    
# 
loop_
_pdbx_audit_revision_category.ordinal 
_pdbx_audit_revision_category.revision_ordinal 
_pdbx_audit_revision_category.data_content_type 
_pdbx_audit_revision_category.category 
1 4 'Structure model' chem_comp_atom                
2 4 'Structure model' chem_comp_bond                
3 4 'Structure model' database_2                    
4 4 'Structure model' struct_site                   
5 5 'Structure model' pdbx_initial_refinement_model 
# 
loop_
_pdbx_audit_revision_item.ordinal 
_pdbx_audit_revision_item.revision_ordinal 
_pdbx_audit_revision_item.data_content_type 
_pdbx_audit_revision_item.item 
1 4 'Structure model' '_database_2.pdbx_DOI'                
2 4 'Structure model' '_database_2.pdbx_database_accession' 
3 4 'Structure model' '_struct_site.pdbx_auth_asym_id'      
4 4 'Structure model' '_struct_site.pdbx_auth_comp_id'      
5 4 'Structure model' '_struct_site.pdbx_auth_seq_id'       
# 
_pdbx_database_status.status_code                     REL 
_pdbx_database_status.entry_id                        1T0E 
_pdbx_database_status.recvd_initial_deposition_date   2004-04-08 
_pdbx_database_status.deposit_site                    RCSB 
_pdbx_database_status.process_site                    RCSB 
_pdbx_database_status.status_code_sf                  REL 
_pdbx_database_status.SG_entry                        . 
_pdbx_database_status.pdb_format_compatible           Y 
_pdbx_database_status.status_code_mr                  ? 
_pdbx_database_status.status_code_cs                  ? 
_pdbx_database_status.status_code_nmr_data            ? 
_pdbx_database_status.methods_development_category    ? 
# 
_pdbx_database_related.db_name        PDB 
_pdbx_database_related.db_id          1T0D 
_pdbx_database_related.details        . 
_pdbx_database_related.content_type   unspecified 
# 
loop_
_audit_author.name 
_audit_author.pdbx_ordinal 
'Shandrick, S.'  1 
'Zhao, Q.'       2 
'Han, Q.'        3 
'Ayida, B.K.'    4 
'Takahashi, M.'  5 
'Winters, G.C.'  6 
'Simonsen, K.B.' 7 
'Vourloumis, D.' 8 
'Hermann, T.'    9 
# 
_citation.id                        primary 
_citation.title                     'Monitoring molecular recognition of the ribosomal decoding site.' 
_citation.journal_abbrev            Angew.Chem.Int.Ed.Engl. 
_citation.journal_volume            43 
_citation.page_first                3177 
_citation.page_last                 3182 
_citation.year                      2004 
_citation.journal_id_ASTM           ACIEAY 
_citation.country                   GE 
_citation.journal_id_ISSN           0570-0833 
_citation.journal_id_CSD            0179 
_citation.book_publisher            ? 
_citation.pdbx_database_id_PubMed   15199571 
_citation.pdbx_database_id_DOI      10.1002/anie.200454217 
# 
loop_
_citation_author.citation_id 
_citation_author.name 
_citation_author.ordinal 
_citation_author.identifier_ORCID 
primary 'Shandrick, S.'  1 ? 
primary 'Zhao, Q.'       2 ? 
primary 'Han, Q.'        3 ? 
primary 'Ayida, B.K.'    4 ? 
primary 'Takahashi, M.'  5 ? 
primary 'Winters, G.C.'  6 ? 
primary 'Simonsen, K.B.' 7 ? 
primary 'Vourloumis, D.' 8 ? 
primary 'Hermann, T.'    9 ? 
# 
loop_
_entity.id 
_entity.type 
_entity.src_method 
_entity.pdbx_description 
_entity.formula_weight 
_entity.pdbx_number_of_molecules 
_entity.pdbx_ec 
_entity.pdbx_mutation 
_entity.pdbx_fragment 
_entity.details 
1 polymer     syn "5'-R(*GP*GP*UP*GP*GP*UP*GP*AP*AP*GP*UP*CP*GP*CP*UP*CP*GP*G)-3'" 5860.515 1   ? ? ? ? 
2 polymer     syn "5'-R(*CP*GP*AP*GP*CP*GP*UP*CP*AP*CP*AP*CP*CP*AP*CP*CP*C)-3'"    5360.284 1   ? ? ? ? 
3 non-polymer syn 'SULFATE ION'                                                    96.063   2   ? ? ? ? 
4 water       nat water                                                            18.015   130 ? ? ? ? 
# 
loop_
_entity_poly.entity_id 
_entity_poly.type 
_entity_poly.nstd_linkage 
_entity_poly.nstd_monomer 
_entity_poly.pdbx_seq_one_letter_code 
_entity_poly.pdbx_seq_one_letter_code_can 
_entity_poly.pdbx_strand_id 
_entity_poly.pdbx_target_identifier 
1 polyribonucleotide no no GGUGGUGAAGUCGCUCGG GGUGGUGAAGUCGCUCGG A ? 
2 polyribonucleotide no no CGAGCGUCACACCACCC  CGAGCGUCACACCACCC  C ? 
# 
loop_
_pdbx_entity_nonpoly.entity_id 
_pdbx_entity_nonpoly.name 
_pdbx_entity_nonpoly.comp_id 
3 'SULFATE ION' SO4 
4 water         HOH 
# 
loop_
_entity_poly_seq.entity_id 
_entity_poly_seq.num 
_entity_poly_seq.mon_id 
_entity_poly_seq.hetero 
1 1  G n 
1 2  G n 
1 3  U n 
1 4  G n 
1 5  G n 
1 6  U n 
1 7  G n 
1 8  A n 
1 9  A n 
1 10 G n 
1 11 U n 
1 12 C n 
1 13 G n 
1 14 C n 
1 15 U n 
1 16 C n 
1 17 G n 
1 18 G n 
2 1  C n 
2 2  G n 
2 3  A n 
2 4  G n 
2 5  C n 
2 6  G n 
2 7  U n 
2 8  C n 
2 9  A n 
2 10 C n 
2 11 A n 
2 12 C n 
2 13 C n 
2 14 A n 
2 15 C n 
2 16 C n 
2 17 C n 
# 
loop_
_chem_comp.id 
_chem_comp.type 
_chem_comp.mon_nstd_flag 
_chem_comp.name 
_chem_comp.pdbx_synonyms 
_chem_comp.formula 
_chem_comp.formula_weight 
A   'RNA linking' y "ADENOSINE-5'-MONOPHOSPHATE" ? 'C10 H14 N5 O7 P' 347.221 
C   'RNA linking' y "CYTIDINE-5'-MONOPHOSPHATE"  ? 'C9 H14 N3 O8 P'  323.197 
G   'RNA linking' y "GUANOSINE-5'-MONOPHOSPHATE" ? 'C10 H14 N5 O8 P' 363.221 
HOH non-polymer   . WATER                        ? 'H2 O'            18.015  
SO4 non-polymer   . 'SULFATE ION'                ? 'O4 S -2'         96.063  
U   'RNA linking' y "URIDINE-5'-MONOPHOSPHATE"   ? 'C9 H13 N2 O9 P'  324.181 
# 
loop_
_pdbx_poly_seq_scheme.asym_id 
_pdbx_poly_seq_scheme.entity_id 
_pdbx_poly_seq_scheme.seq_id 
_pdbx_poly_seq_scheme.mon_id 
_pdbx_poly_seq_scheme.ndb_seq_num 
_pdbx_poly_seq_scheme.pdb_seq_num 
_pdbx_poly_seq_scheme.auth_seq_num 
_pdbx_poly_seq_scheme.pdb_mon_id 
_pdbx_poly_seq_scheme.auth_mon_id 
_pdbx_poly_seq_scheme.pdb_strand_id 
_pdbx_poly_seq_scheme.pdb_ins_code 
_pdbx_poly_seq_scheme.hetero 
A 1 1  G 1  1  1  G G A . n 
A 1 2  G 2  2  2  G G A . n 
A 1 3  U 3  3  3  U U A . n 
A 1 4  G 4  4  4  G G A . n 
A 1 5  G 5  5  5  G G A . n 
A 1 6  U 6  6  6  U U A . n 
A 1 7  G 7  7  7  G G A . n 
A 1 8  A 8  8  8  A A A . n 
A 1 9  A 9  9  9  A A A . n 
A 1 10 G 10 10 10 G G A . n 
A 1 11 U 11 11 11 U U A . n 
A 1 12 C 12 12 12 C C A . n 
A 1 13 G 13 13 13 G G A . n 
A 1 14 C 14 14 14 C C A . n 
A 1 15 U 15 15 15 U U A . n 
A 1 16 C 16 16 16 C C A . n 
A 1 17 G 17 17 17 G G A . n 
A 1 18 G 18 18 18 G G A . n 
B 2 1  C 1  9  9  C C C . n 
B 2 2  G 2  10 10 G G C . n 
B 2 3  A 3  11 11 A A C . n 
B 2 4  G 4  12 12 G G C . n 
B 2 5  C 5  13 13 C C C . n 
B 2 6  G 6  14 14 G G C . n 
B 2 7  U 7  15 15 U U C . n 
B 2 8  C 8  16 16 C C C . n 
B 2 9  A 9  17 17 A A C . n 
B 2 10 C 10 18 18 C C C . n 
B 2 11 A 11 19 19 A A C . n 
B 2 12 C 12 20 20 C C C . n 
B 2 13 C 13 21 21 C C C . n 
B 2 14 A 14 22 22 A A C . n 
B 2 15 C 15 23 23 C C C . n 
B 2 16 C 16 24 24 C C C . n 
B 2 17 C 17 25 25 C C C . n 
# 
loop_
_pdbx_nonpoly_scheme.asym_id 
_pdbx_nonpoly_scheme.entity_id 
_pdbx_nonpoly_scheme.mon_id 
_pdbx_nonpoly_scheme.ndb_seq_num 
_pdbx_nonpoly_scheme.pdb_seq_num 
_pdbx_nonpoly_scheme.auth_seq_num 
_pdbx_nonpoly_scheme.pdb_mon_id 
_pdbx_nonpoly_scheme.auth_mon_id 
_pdbx_nonpoly_scheme.pdb_strand_id 
_pdbx_nonpoly_scheme.pdb_ins_code 
C 3 SO4 1  201 1   SO4 SO4 C . 
D 3 SO4 1  202 2   SO4 SO4 C . 
E 4 HOH 1  19  1   HOH TIP A . 
E 4 HOH 2  20  3   HOH TIP A . 
E 4 HOH 3  21  5   HOH TIP A . 
E 4 HOH 4  22  6   HOH TIP A . 
E 4 HOH 5  23  7   HOH TIP A . 
E 4 HOH 6  24  9   HOH TIP A . 
E 4 HOH 7  25  11  HOH TIP A . 
E 4 HOH 8  26  14  HOH TIP A . 
E 4 HOH 9  27  15  HOH TIP A . 
E 4 HOH 10 28  16  HOH TIP A . 
E 4 HOH 11 29  19  HOH TIP A . 
E 4 HOH 12 30  22  HOH TIP A . 
E 4 HOH 13 31  23  HOH TIP A . 
E 4 HOH 14 32  27  HOH TIP A . 
E 4 HOH 15 33  30  HOH TIP A . 
E 4 HOH 16 34  31  HOH TIP A . 
E 4 HOH 17 35  37  HOH TIP A . 
E 4 HOH 18 36  39  HOH TIP A . 
E 4 HOH 19 37  41  HOH TIP A . 
E 4 HOH 20 38  42  HOH TIP A . 
E 4 HOH 21 39  44  HOH TIP A . 
E 4 HOH 22 40  53  HOH TIP A . 
E 4 HOH 23 41  55  HOH TIP A . 
E 4 HOH 24 42  56  HOH TIP A . 
E 4 HOH 25 43  57  HOH TIP A . 
E 4 HOH 26 44  60  HOH TIP A . 
E 4 HOH 27 45  66  HOH TIP A . 
E 4 HOH 28 46  69  HOH TIP A . 
E 4 HOH 29 47  72  HOH TIP A . 
E 4 HOH 30 48  74  HOH TIP A . 
E 4 HOH 31 49  76  HOH TIP A . 
E 4 HOH 32 50  85  HOH TIP A . 
E 4 HOH 33 51  89  HOH TIP A . 
E 4 HOH 34 52  93  HOH TIP A . 
E 4 HOH 35 53  100 HOH TIP A . 
E 4 HOH 36 54  103 HOH TIP A . 
E 4 HOH 37 55  104 HOH TIP A . 
E 4 HOH 38 56  105 HOH TIP A . 
E 4 HOH 39 57  106 HOH TIP A . 
E 4 HOH 40 58  108 HOH TIP A . 
E 4 HOH 41 59  109 HOH TIP A . 
E 4 HOH 42 60  116 HOH TIP A . 
E 4 HOH 43 61  118 HOH TIP A . 
E 4 HOH 44 62  122 HOH TIP A . 
E 4 HOH 45 63  127 HOH TIP A . 
E 4 HOH 46 64  132 HOH TIP A . 
E 4 HOH 47 65  150 HOH TIP A . 
E 4 HOH 48 66  153 HOH TIP A . 
E 4 HOH 49 67  155 HOH TIP A . 
E 4 HOH 50 68  157 HOH TIP A . 
E 4 HOH 51 69  158 HOH TIP A . 
E 4 HOH 52 70  159 HOH TIP A . 
E 4 HOH 53 71  160 HOH TIP A . 
E 4 HOH 54 72  161 HOH TIP A . 
E 4 HOH 55 73  162 HOH TIP A . 
E 4 HOH 56 74  163 HOH TIP A . 
E 4 HOH 57 75  164 HOH TIP A . 
E 4 HOH 58 76  166 HOH TIP A . 
E 4 HOH 59 77  168 HOH TIP A . 
E 4 HOH 60 78  169 HOH TIP A . 
E 4 HOH 61 79  170 HOH TIP A . 
E 4 HOH 62 80  171 HOH TIP A . 
E 4 HOH 63 81  172 HOH TIP A . 
E 4 HOH 64 82  175 HOH TIP A . 
E 4 HOH 65 83  177 HOH TIP A . 
E 4 HOH 66 84  181 HOH TIP A . 
E 4 HOH 67 85  187 HOH TIP A . 
E 4 HOH 68 86  188 HOH TIP A . 
E 4 HOH 69 87  192 HOH TIP A . 
F 4 HOH 1  203 2   HOH TIP C . 
F 4 HOH 2  204 8   HOH TIP C . 
F 4 HOH 3  205 10  HOH TIP C . 
F 4 HOH 4  206 17  HOH TIP C . 
F 4 HOH 5  207 18  HOH TIP C . 
F 4 HOH 6  208 24  HOH TIP C . 
F 4 HOH 7  209 26  HOH TIP C . 
F 4 HOH 8  210 32  HOH TIP C . 
F 4 HOH 9  211 33  HOH TIP C . 
F 4 HOH 10 212 34  HOH TIP C . 
F 4 HOH 11 213 35  HOH TIP C . 
F 4 HOH 12 214 38  HOH TIP C . 
F 4 HOH 13 215 43  HOH TIP C . 
F 4 HOH 14 216 47  HOH TIP C . 
F 4 HOH 15 217 48  HOH TIP C . 
F 4 HOH 16 218 49  HOH TIP C . 
F 4 HOH 17 219 50  HOH TIP C . 
F 4 HOH 18 220 51  HOH TIP C . 
F 4 HOH 19 221 54  HOH TIP C . 
F 4 HOH 20 222 64  HOH TIP C . 
F 4 HOH 21 223 65  HOH TIP C . 
F 4 HOH 22 224 68  HOH TIP C . 
F 4 HOH 23 225 70  HOH TIP C . 
F 4 HOH 24 226 75  HOH TIP C . 
F 4 HOH 25 227 77  HOH TIP C . 
F 4 HOH 26 228 78  HOH TIP C . 
F 4 HOH 27 229 79  HOH TIP C . 
F 4 HOH 28 230 81  HOH TIP C . 
F 4 HOH 29 231 86  HOH TIP C . 
F 4 HOH 30 232 87  HOH TIP C . 
F 4 HOH 31 233 90  HOH TIP C . 
F 4 HOH 32 234 92  HOH TIP C . 
F 4 HOH 33 235 94  HOH TIP C . 
F 4 HOH 34 236 95  HOH TIP C . 
F 4 HOH 35 237 96  HOH TIP C . 
F 4 HOH 36 238 97  HOH TIP C . 
F 4 HOH 37 239 98  HOH TIP C . 
F 4 HOH 38 240 102 HOH TIP C . 
F 4 HOH 39 241 110 HOH TIP C . 
F 4 HOH 40 242 111 HOH TIP C . 
F 4 HOH 41 243 112 HOH TIP C . 
F 4 HOH 42 244 113 HOH TIP C . 
F 4 HOH 43 245 115 HOH TIP C . 
F 4 HOH 44 246 117 HOH TIP C . 
F 4 HOH 45 247 121 HOH TIP C . 
F 4 HOH 46 248 123 HOH TIP C . 
F 4 HOH 47 249 129 HOH TIP C . 
F 4 HOH 48 250 130 HOH TIP C . 
F 4 HOH 49 251 135 HOH TIP C . 
F 4 HOH 50 252 139 HOH TIP C . 
F 4 HOH 51 253 142 HOH TIP C . 
F 4 HOH 52 254 143 HOH TIP C . 
F 4 HOH 53 255 149 HOH TIP C . 
F 4 HOH 54 256 151 HOH TIP C . 
F 4 HOH 55 257 165 HOH TIP C . 
F 4 HOH 56 258 174 HOH TIP C . 
F 4 HOH 57 259 176 HOH TIP C . 
F 4 HOH 58 260 180 HOH TIP C . 
F 4 HOH 59 261 183 HOH TIP C . 
F 4 HOH 60 262 190 HOH TIP C . 
F 4 HOH 61 263 193 HOH TIP C . 
# 
loop_
_software.name 
_software.classification 
_software.version 
_software.citation_id 
_software.pdbx_ordinal 
DENZO     'data reduction' . ? 1 
SCALEPACK 'data scaling'   . ? 2 
CNS       refinement       . ? 3 
CNS       phasing          . ? 4 
# 
_cell.entry_id           1T0E 
_cell.length_a           32.040 
_cell.length_b           32.950 
_cell.length_c           92.690 
_cell.angle_alpha        90.00 
_cell.angle_beta         90.00 
_cell.angle_gamma        90.00 
_cell.Z_PDB              4 
_cell.pdbx_unique_axis   ? 
# 
_symmetry.entry_id                         1T0E 
_symmetry.space_group_name_H-M             'P 21 21 21' 
_symmetry.pdbx_full_space_group_name_H-M   ? 
_symmetry.cell_setting                     ? 
_symmetry.Int_Tables_number                19 
# 
_exptl.entry_id          1T0E 
_exptl.method            'X-RAY DIFFRACTION' 
_exptl.crystals_number   1 
# 
_exptl_crystal.id                    1 
_exptl_crystal.density_meas          ? 
_exptl_crystal.density_percent_sol   42.6 
_exptl_crystal.description           ? 
_exptl_crystal.density_Matthews      2.1 
# 
_exptl_crystal_grow.crystal_id      1 
_exptl_crystal_grow.method          'VAPOR DIFFUSION, HANGING DROP' 
_exptl_crystal_grow.temp            293.15 
_exptl_crystal_grow.temp_details    ? 
_exptl_crystal_grow.pH              6.8 
_exptl_crystal_grow.pdbx_details    
'Ammonium sulfate, magnesium acetate, cacodylate, pH 6.8, VAPOR DIFFUSION, HANGING DROP, temperature 293.15K' 
_exptl_crystal_grow.pdbx_pH_range   . 
# 
loop_
_exptl_crystal_grow_comp.crystal_id 
_exptl_crystal_grow_comp.id 
_exptl_crystal_grow_comp.sol_id 
_exptl_crystal_grow_comp.name 
_exptl_crystal_grow_comp.volume 
_exptl_crystal_grow_comp.conc 
_exptl_crystal_grow_comp.details 
1 1 1 'Ammonium sulfate'  ? ? ? 
1 2 1 'magnesium acetate' ? ? ? 
1 3 1 cacodylate          ? ? ? 
# 
_diffrn.id                     1 
_diffrn.ambient_temp           103.0 
_diffrn.ambient_temp_details   ? 
_diffrn.crystal_id             1 
# 
_diffrn_detector.diffrn_id              1 
_diffrn_detector.detector               'IMAGE PLATE' 
_diffrn_detector.type                   'RIGAKU RAXIS IV' 
_diffrn_detector.pdbx_collection_date   2003-01-07 
_diffrn_detector.details                mirrors 
# 
_diffrn_radiation.diffrn_id                        1 
_diffrn_radiation.wavelength_id                    1 
_diffrn_radiation.pdbx_monochromatic_or_laue_m_l   M 
_diffrn_radiation.monochromator                    'Ni FILTER' 
_diffrn_radiation.pdbx_diffrn_protocol             'SINGLE WAVELENGTH' 
_diffrn_radiation.pdbx_scattering_type             x-ray 
# 
_diffrn_radiation_wavelength.id           1 
_diffrn_radiation_wavelength.wavelength   1.5418 
_diffrn_radiation_wavelength.wt           1.0 
# 
_diffrn_source.diffrn_id                   1 
_diffrn_source.source                      'ROTATING ANODE' 
_diffrn_source.type                        RIGAKU 
_diffrn_source.pdbx_synchrotron_site       ? 
_diffrn_source.pdbx_synchrotron_beamline   ? 
_diffrn_source.pdbx_wavelength             ? 
_diffrn_source.pdbx_wavelength_list        1.5418 
# 
_reflns.entry_id                     1T0E 
_reflns.observed_criterion_sigma_F   3.0 
_reflns.observed_criterion_sigma_I   3.0 
_reflns.d_resolution_high            1.7 
_reflns.d_resolution_low             30 
_reflns.number_all                   11356 
_reflns.number_obs                   11015 
_reflns.percent_possible_obs         97.0 
_reflns.pdbx_Rmerge_I_obs            0.044 
_reflns.pdbx_Rsym_value              ? 
_reflns.pdbx_netI_over_sigmaI        32.7 
_reflns.B_iso_Wilson_estimate        22.6 
_reflns.pdbx_redundancy              14.9 
_reflns.R_free_details               ? 
_reflns.pdbx_diffrn_id               1 
_reflns.pdbx_ordinal                 1 
# 
_reflns_shell.d_res_high             1.7 
_reflns_shell.d_res_low              1.76 
_reflns_shell.percent_possible_all   81.6 
_reflns_shell.Rmerge_I_obs           0.164 
_reflns_shell.pdbx_Rsym_value        ? 
_reflns_shell.meanI_over_sigI_obs    6.15 
_reflns_shell.pdbx_redundancy        ? 
_reflns_shell.percent_possible_obs   ? 
_reflns_shell.number_unique_all      902 
_reflns_shell.pdbx_diffrn_id         ? 
_reflns_shell.pdbx_ordinal           1 
# 
_refine.entry_id                                 1T0E 
_refine.ls_d_res_high                            1.7 
_refine.ls_d_res_low                             8.0 
_refine.pdbx_ls_sigma_F                          0.0 
_refine.pdbx_ls_sigma_I                          0.0 
_refine.ls_number_reflns_all                     11221 
_refine.ls_number_reflns_obs                     10711 
_refine.ls_number_reflns_R_free                  1096 
_refine.ls_percent_reflns_obs                    95.5 
_refine.ls_R_factor_all                          ? 
_refine.ls_R_factor_obs                          0.2271 
_refine.ls_R_factor_R_work                       0.209 
_refine.ls_R_factor_R_free                       0.238 
_refine.ls_redundancy_reflns_obs                 ? 
_refine.pdbx_data_cutoff_high_absF               ? 
_refine.pdbx_data_cutoff_low_absF                ? 
_refine.ls_number_parameters                     ? 
_refine.ls_number_restraints                     ? 
_refine.ls_percent_reflns_R_free                 ? 
_refine.ls_R_factor_R_free_error                 ? 
_refine.ls_R_factor_R_free_error_details         ? 
_refine.pdbx_method_to_determine_struct          'MOLECULAR REPLACEMENT' 
_refine.pdbx_starting_model                      'solved the construct model' 
_refine.pdbx_ls_cross_valid_method               THROUGHOUT 
_refine.pdbx_R_Free_selection_details            random 
_refine.pdbx_stereochem_target_val_spec_case     ? 
_refine.pdbx_stereochemistry_target_values       'Engh & Huber' 
_refine.solvent_model_details                    ? 
_refine.solvent_model_param_bsol                 ? 
_refine.solvent_model_param_ksol                 ? 
_refine.occupancy_max                            ? 
_refine.occupancy_min                            ? 
_refine.pdbx_isotropic_thermal_model             anistropic 
_refine.B_iso_mean                               26.6 
_refine.aniso_B[1][1]                            -0.952 
_refine.aniso_B[1][2]                            0.00 
_refine.aniso_B[1][3]                            0.00 
_refine.aniso_B[2][2]                            0.522 
_refine.aniso_B[2][3]                            0.00 
_refine.aniso_B[3][3]                            0.429 
_refine.details                                  ? 
_refine.correlation_coeff_Fo_to_Fc               ? 
_refine.correlation_coeff_Fo_to_Fc_free          ? 
_refine.pdbx_solvent_vdw_probe_radii             ? 
_refine.pdbx_solvent_ion_probe_radii             ? 
_refine.pdbx_solvent_shrinkage_radii             ? 
_refine.overall_SU_R_Cruickshank_DPI             ? 
_refine.overall_SU_R_free                        ? 
_refine.overall_SU_B                             ? 
_refine.overall_SU_ML                            ? 
_refine.pdbx_overall_ESU_R                       ? 
_refine.pdbx_overall_ESU_R_Free                  ? 
_refine.pdbx_data_cutoff_high_rms_absF           ? 
_refine.pdbx_refine_id                           'X-RAY DIFFRACTION' 
_refine.pdbx_diffrn_id                           1 
_refine.pdbx_TLS_residual_ADP_flag               ? 
_refine.pdbx_overall_phase_error                 ? 
_refine.pdbx_overall_SU_R_free_Cruickshank_DPI   ? 
_refine.pdbx_overall_SU_R_Blow_DPI               ? 
_refine.pdbx_overall_SU_R_free_Blow_DPI          ? 
# 
_refine_analyze.entry_id                        1T0E 
_refine_analyze.Luzzati_coordinate_error_obs    0.21 
_refine_analyze.Luzzati_sigma_a_obs             0.06 
_refine_analyze.Luzzati_d_res_low_obs           5.00 
_refine_analyze.Luzzati_coordinate_error_free   0.26 
_refine_analyze.Luzzati_sigma_a_free            0.15 
_refine_analyze.Luzzati_d_res_low_free          ? 
_refine_analyze.number_disordered_residues      ? 
_refine_analyze.occupancy_sum_non_hydrogen      ? 
_refine_analyze.occupancy_sum_hydrogen          ? 
_refine_analyze.pdbx_refine_id                  'X-RAY DIFFRACTION' 
# 
_refine_hist.pdbx_refine_id                   'X-RAY DIFFRACTION' 
_refine_hist.cycle_id                         LAST 
_refine_hist.pdbx_number_atoms_protein        0 
_refine_hist.pdbx_number_atoms_nucleic_acid   809 
_refine_hist.pdbx_number_atoms_ligand         10 
_refine_hist.number_atoms_solvent             130 
_refine_hist.number_atoms_total               949 
_refine_hist.d_res_high                       1.7 
_refine_hist.d_res_low                        8.0 
# 
loop_
_refine_ls_restr.type 
_refine_ls_restr.dev_ideal 
_refine_ls_restr.dev_ideal_target 
_refine_ls_restr.weight 
_refine_ls_restr.number 
_refine_ls_restr.pdbx_refine_id 
_refine_ls_restr.pdbx_restraint_function 
c_bond_d  0.022 ? ? ? 'X-RAY DIFFRACTION' ? 
c_angle_d 1.9   ? ? ? 'X-RAY DIFFRACTION' ? 
# 
_refine_ls_shell.pdbx_total_number_of_bins_used   ? 
_refine_ls_shell.d_res_high                       1.70 
_refine_ls_shell.d_res_low                        1.81 
_refine_ls_shell.number_reflns_R_work             ? 
_refine_ls_shell.R_factor_R_work                  0.298 
_refine_ls_shell.percent_reflns_obs               81.5 
_refine_ls_shell.R_factor_R_free                  0.334 
_refine_ls_shell.R_factor_R_free_error            0.028 
_refine_ls_shell.percent_reflns_R_free            ? 
_refine_ls_shell.number_reflns_R_free             144 
_refine_ls_shell.redundancy_reflns_obs            ? 
_refine_ls_shell.pdbx_refine_id                   'X-RAY DIFFRACTION' 
_refine_ls_shell.number_reflns_all                ? 
_refine_ls_shell.R_factor_all                     ? 
# 
_struct.entry_id                  1T0E 
_struct.title                     'Crystal Structure of 2-aminopurine labelled bacterial decoding site RNA' 
_struct.pdbx_model_details        ? 
_struct.pdbx_CASP_flag            ? 
_struct.pdbx_model_type_details   ? 
# 
_struct_keywords.entry_id        1T0E 
_struct_keywords.pdbx_keywords   RNA 
_struct_keywords.text            'BACTERIAL DECODING SITE RNA, 9-beta-D-Ribofuranosyl-9H-purin-2-amine, RNA' 
# 
loop_
_struct_asym.id 
_struct_asym.pdbx_blank_PDB_chainid_flag 
_struct_asym.pdbx_modified 
_struct_asym.entity_id 
_struct_asym.details 
A N N 1 ? 
B N N 2 ? 
C N N 3 ? 
D N N 3 ? 
E N N 4 ? 
F N N 4 ? 
# 
loop_
_struct_ref.id 
_struct_ref.entity_id 
_struct_ref.db_name 
_struct_ref.db_code 
_struct_ref.pdbx_db_accession 
_struct_ref.pdbx_db_isoform 
_struct_ref.pdbx_seq_one_letter_code 
_struct_ref.pdbx_align_begin 
1 1 PDB 1T0E 1T0E ? ? ? 
2 2 PDB 1T0E 1T0E ? ? ? 
# 
loop_
_struct_ref_seq.align_id 
_struct_ref_seq.ref_id 
_struct_ref_seq.pdbx_PDB_id_code 
_struct_ref_seq.pdbx_strand_id 
_struct_ref_seq.seq_align_beg 
_struct_ref_seq.pdbx_seq_align_beg_ins_code 
_struct_ref_seq.seq_align_end 
_struct_ref_seq.pdbx_seq_align_end_ins_code 
_struct_ref_seq.pdbx_db_accession 
_struct_ref_seq.db_align_beg 
_struct_ref_seq.pdbx_db_align_beg_ins_code 
_struct_ref_seq.db_align_end 
_struct_ref_seq.pdbx_db_align_end_ins_code 
_struct_ref_seq.pdbx_auth_seq_align_beg 
_struct_ref_seq.pdbx_auth_seq_align_end 
1 1 1T0E A 1 ? 18 ? 1T0E 1 ? 18 ? 1 18 
2 2 1T0E C 1 ? 17 ? 1T0E 9 ? 25 ? 9 25 
# 
_pdbx_struct_assembly.id                   1 
_pdbx_struct_assembly.details              author_defined_assembly 
_pdbx_struct_assembly.method_details       ? 
_pdbx_struct_assembly.oligomeric_details   dimeric 
_pdbx_struct_assembly.oligomeric_count     2 
# 
_pdbx_struct_assembly_gen.assembly_id       1 
_pdbx_struct_assembly_gen.oper_expression   1 
_pdbx_struct_assembly_gen.asym_id_list      A,B,C,D,E,F 
# 
_pdbx_struct_oper_list.id                   1 
_pdbx_struct_oper_list.type                 'identity operation' 
_pdbx_struct_oper_list.name                 1_555 
_pdbx_struct_oper_list.symmetry_operation   x,y,z 
_pdbx_struct_oper_list.matrix[1][1]         1.0000000000 
_pdbx_struct_oper_list.matrix[1][2]         0.0000000000 
_pdbx_struct_oper_list.matrix[1][3]         0.0000000000 
_pdbx_struct_oper_list.vector[1]            0.0000000000 
_pdbx_struct_oper_list.matrix[2][1]         0.0000000000 
_pdbx_struct_oper_list.matrix[2][2]         1.0000000000 
_pdbx_struct_oper_list.matrix[2][3]         0.0000000000 
_pdbx_struct_oper_list.vector[2]            0.0000000000 
_pdbx_struct_oper_list.matrix[3][1]         0.0000000000 
_pdbx_struct_oper_list.matrix[3][2]         0.0000000000 
_pdbx_struct_oper_list.matrix[3][3]         1.0000000000 
_pdbx_struct_oper_list.vector[3]            0.0000000000 
# 
_struct_biol.id                    1 
_struct_biol.pdbx_parent_biol_id   ? 
_struct_biol.details               ? 
# 
loop_
_struct_conn.id 
_struct_conn.conn_type_id 
_struct_conn.pdbx_leaving_atom_flag 
_struct_conn.pdbx_PDB_id 
_struct_conn.ptnr1_label_asym_id 
_struct_conn.ptnr1_label_comp_id 
_struct_conn.ptnr1_label_seq_id 
_struct_conn.ptnr1_label_atom_id 
_struct_conn.pdbx_ptnr1_label_alt_id 
_struct_conn.pdbx_ptnr1_PDB_ins_code 
_struct_conn.pdbx_ptnr1_standard_comp_id 
_struct_conn.ptnr1_symmetry 
_struct_conn.ptnr2_label_asym_id 
_struct_conn.ptnr2_label_comp_id 
_struct_conn.ptnr2_label_seq_id 
_struct_conn.ptnr2_label_atom_id 
_struct_conn.pdbx_ptnr2_label_alt_id 
_struct_conn.pdbx_ptnr2_PDB_ins_code 
_struct_conn.ptnr1_auth_asym_id 
_struct_conn.ptnr1_auth_comp_id 
_struct_conn.ptnr1_auth_seq_id 
_struct_conn.ptnr2_auth_asym_id 
_struct_conn.ptnr2_auth_comp_id 
_struct_conn.ptnr2_auth_seq_id 
_struct_conn.ptnr2_symmetry 
_struct_conn.pdbx_ptnr3_label_atom_id 
_struct_conn.pdbx_ptnr3_label_seq_id 
_struct_conn.pdbx_ptnr3_label_comp_id 
_struct_conn.pdbx_ptnr3_label_asym_id 
_struct_conn.pdbx_ptnr3_label_alt_id 
_struct_conn.pdbx_ptnr3_PDB_ins_code 
_struct_conn.details 
_struct_conn.pdbx_dist_value 
_struct_conn.pdbx_value_order 
_struct_conn.pdbx_role 
hydrog1  hydrog ? ? A G 1  N1 ? ? ? 1_555 B C 16 N3 ? ? A G 1  C C 24 1_555 ? ? ? ? ? ? WATSON-CRICK ? ? ? 
hydrog2  hydrog ? ? A G 1  N2 ? ? ? 1_555 B C 16 O2 ? ? A G 1  C C 24 1_555 ? ? ? ? ? ? WATSON-CRICK ? ? ? 
hydrog3  hydrog ? ? A G 1  O6 ? ? ? 1_555 B C 16 N4 ? ? A G 1  C C 24 1_555 ? ? ? ? ? ? WATSON-CRICK ? ? ? 
hydrog4  hydrog ? ? A G 2  N1 ? ? ? 1_555 B C 15 N3 ? ? A G 2  C C 23 1_555 ? ? ? ? ? ? WATSON-CRICK ? ? ? 
hydrog5  hydrog ? ? A G 2  N2 ? ? ? 1_555 B C 15 O2 ? ? A G 2  C C 23 1_555 ? ? ? ? ? ? WATSON-CRICK ? ? ? 
hydrog6  hydrog ? ? A G 2  O6 ? ? ? 1_555 B C 15 N4 ? ? A G 2  C C 23 1_555 ? ? ? ? ? ? WATSON-CRICK ? ? ? 
hydrog7  hydrog ? ? A U 3  N3 ? ? ? 1_555 B A 14 N1 ? ? A U 3  C A 22 1_555 ? ? ? ? ? ? WATSON-CRICK ? ? ? 
hydrog8  hydrog ? ? A U 3  O4 ? ? ? 1_555 B A 14 N6 ? ? A U 3  C A 22 1_555 ? ? ? ? ? ? WATSON-CRICK ? ? ? 
hydrog9  hydrog ? ? A G 4  N1 ? ? ? 1_555 B C 13 N3 ? ? A G 4  C C 21 1_555 ? ? ? ? ? ? WATSON-CRICK ? ? ? 
hydrog10 hydrog ? ? A G 4  N2 ? ? ? 1_555 B C 13 O2 ? ? A G 4  C C 21 1_555 ? ? ? ? ? ? WATSON-CRICK ? ? ? 
hydrog11 hydrog ? ? A G 4  O6 ? ? ? 1_555 B C 13 N4 ? ? A G 4  C C 21 1_555 ? ? ? ? ? ? WATSON-CRICK ? ? ? 
hydrog12 hydrog ? ? A G 5  N1 ? ? ? 1_555 B C 12 N3 ? ? A G 5  C C 20 1_555 ? ? ? ? ? ? WATSON-CRICK ? ? ? 
hydrog13 hydrog ? ? A G 5  N2 ? ? ? 1_555 B C 12 O2 ? ? A G 5  C C 20 1_555 ? ? ? ? ? ? WATSON-CRICK ? ? ? 
hydrog14 hydrog ? ? A G 5  O6 ? ? ? 1_555 B C 12 N4 ? ? A G 5  C C 20 1_555 ? ? ? ? ? ? WATSON-CRICK ? ? ? 
hydrog15 hydrog ? ? A U 6  N3 ? ? ? 1_555 B A 11 N1 ? ? A U 6  C A 19 1_555 ? ? ? ? ? ? WATSON-CRICK ? ? ? 
hydrog16 hydrog ? ? A U 6  O4 ? ? ? 1_555 B A 11 N6 ? ? A U 6  C A 19 1_555 ? ? ? ? ? ? WATSON-CRICK ? ? ? 
hydrog17 hydrog ? ? A G 7  N1 ? ? ? 1_555 B C 10 N3 ? ? A G 7  C C 18 1_555 ? ? ? ? ? ? WATSON-CRICK ? ? ? 
hydrog18 hydrog ? ? A G 7  N2 ? ? ? 1_555 B C 10 O2 ? ? A G 7  C C 18 1_555 ? ? ? ? ? ? WATSON-CRICK ? ? ? 
hydrog19 hydrog ? ? A G 7  O6 ? ? ? 1_555 B C 10 N4 ? ? A G 7  C C 18 1_555 ? ? ? ? ? ? WATSON-CRICK ? ? ? 
hydrog20 hydrog ? ? A G 10 N1 A ? ? 1_555 B C 8  N3 ? ? A G 10 C C 16 1_555 ? ? ? ? ? ? WATSON-CRICK ? ? ? 
hydrog21 hydrog ? ? A G 10 N2 A ? ? 1_555 B C 8  O2 ? ? A G 10 C C 16 1_555 ? ? ? ? ? ? WATSON-CRICK ? ? ? 
hydrog22 hydrog ? ? A G 10 O6 A ? ? 1_555 B C 8  N4 ? ? A G 10 C C 16 1_555 ? ? ? ? ? ? WATSON-CRICK ? ? ? 
hydrog23 hydrog ? ? A U 11 N3 ? ? ? 1_555 B U 7  O4 ? ? A U 11 C U 15 1_555 ? ? ? ? ? ? TYPE_16_PAIR ? ? ? 
hydrog24 hydrog ? ? A U 11 O2 ? ? ? 1_555 B U 7  N3 ? ? A U 11 C U 15 1_555 ? ? ? ? ? ? TYPE_16_PAIR ? ? ? 
hydrog25 hydrog ? ? A C 12 N3 ? ? ? 1_555 B G 6  N1 ? ? A C 12 C G 14 1_555 ? ? ? ? ? ? WATSON-CRICK ? ? ? 
hydrog26 hydrog ? ? A C 12 N4 ? ? ? 1_555 B G 6  O6 ? ? A C 12 C G 14 1_555 ? ? ? ? ? ? WATSON-CRICK ? ? ? 
hydrog27 hydrog ? ? A C 12 O2 ? ? ? 1_555 B G 6  N2 ? ? A C 12 C G 14 1_555 ? ? ? ? ? ? WATSON-CRICK ? ? ? 
hydrog28 hydrog ? ? A G 13 N1 ? ? ? 1_555 B C 5  N3 ? ? A G 13 C C 13 1_555 ? ? ? ? ? ? WATSON-CRICK ? ? ? 
hydrog29 hydrog ? ? A G 13 N2 ? ? ? 1_555 B C 5  O2 ? ? A G 13 C C 13 1_555 ? ? ? ? ? ? WATSON-CRICK ? ? ? 
hydrog30 hydrog ? ? A G 13 O6 ? ? ? 1_555 B C 5  N4 ? ? A G 13 C C 13 1_555 ? ? ? ? ? ? WATSON-CRICK ? ? ? 
hydrog31 hydrog ? ? A C 14 N3 ? ? ? 1_555 B G 4  N1 ? ? A C 14 C G 12 1_555 ? ? ? ? ? ? WATSON-CRICK ? ? ? 
hydrog32 hydrog ? ? A C 14 N4 ? ? ? 1_555 B G 4  O6 ? ? A C 14 C G 12 1_555 ? ? ? ? ? ? WATSON-CRICK ? ? ? 
hydrog33 hydrog ? ? A C 14 O2 ? ? ? 1_555 B G 4  N2 ? ? A C 14 C G 12 1_555 ? ? ? ? ? ? WATSON-CRICK ? ? ? 
hydrog34 hydrog ? ? A U 15 N3 ? ? ? 1_555 B A 3  N1 ? ? A U 15 C A 11 1_555 ? ? ? ? ? ? WATSON-CRICK ? ? ? 
hydrog35 hydrog ? ? A U 15 O4 ? ? ? 1_555 B A 3  N6 ? ? A U 15 C A 11 1_555 ? ? ? ? ? ? WATSON-CRICK ? ? ? 
hydrog36 hydrog ? ? A C 16 N3 ? ? ? 1_555 B G 2  N1 ? ? A C 16 C G 10 1_555 ? ? ? ? ? ? WATSON-CRICK ? ? ? 
hydrog37 hydrog ? ? A C 16 N4 ? ? ? 1_555 B G 2  O6 ? ? A C 16 C G 10 1_555 ? ? ? ? ? ? WATSON-CRICK ? ? ? 
hydrog38 hydrog ? ? A C 16 O2 ? ? ? 1_555 B G 2  N2 ? ? A C 16 C G 10 1_555 ? ? ? ? ? ? WATSON-CRICK ? ? ? 
hydrog39 hydrog ? ? A G 17 N1 ? ? ? 1_555 B C 1  N3 ? ? A G 17 C C 9  1_555 ? ? ? ? ? ? WATSON-CRICK ? ? ? 
hydrog40 hydrog ? ? A G 17 N2 ? ? ? 1_555 B C 1  O2 ? ? A G 17 C C 9  1_555 ? ? ? ? ? ? WATSON-CRICK ? ? ? 
hydrog41 hydrog ? ? A G 17 O6 ? ? ? 1_555 B C 1  N4 ? ? A G 17 C C 9  1_555 ? ? ? ? ? ? WATSON-CRICK ? ? ? 
# 
_struct_conn_type.id          hydrog 
_struct_conn_type.criteria    ? 
_struct_conn_type.reference   ? 
# 
loop_
_struct_site.id 
_struct_site.pdbx_evidence_code 
_struct_site.pdbx_auth_asym_id 
_struct_site.pdbx_auth_comp_id 
_struct_site.pdbx_auth_seq_id 
_struct_site.pdbx_auth_ins_code 
_struct_site.pdbx_num_residues 
_struct_site.details 
AC1 Software C SO4 201 ? 7 'BINDING SITE FOR RESIDUE SO4 C 201' 
AC2 Software C SO4 202 ? 2 'BINDING SITE FOR RESIDUE SO4 C 202' 
# 
loop_
_struct_site_gen.id 
_struct_site_gen.site_id 
_struct_site_gen.pdbx_num_res 
_struct_site_gen.label_comp_id 
_struct_site_gen.label_asym_id 
_struct_site_gen.label_seq_id 
_struct_site_gen.pdbx_auth_ins_code 
_struct_site_gen.auth_comp_id 
_struct_site_gen.auth_asym_id 
_struct_site_gen.auth_seq_id 
_struct_site_gen.label_atom_id 
_struct_site_gen.label_alt_id 
_struct_site_gen.symmetry 
_struct_site_gen.details 
1 AC1 7 A   A 8  ? A   A 8   . ? 1_555 ? 
2 AC1 7 HOH E .  ? HOH A 83  . ? 1_555 ? 
3 AC1 7 U   B 7  ? U   C 15  . ? 1_555 ? 
4 AC1 7 C   B 8  ? C   C 16  . ? 1_555 ? 
5 AC1 7 A   B 9  ? A   C 17  . ? 1_555 ? 
6 AC1 7 SO4 D .  ? SO4 C 202 . ? 1_555 ? 
7 AC1 7 HOH F .  ? HOH C 243 . ? 1_555 ? 
8 AC2 2 C   B 10 ? C   C 18  . ? 1_555 ? 
9 AC2 2 SO4 C .  ? SO4 C 201 . ? 1_555 ? 
# 
loop_
_pdbx_validate_symm_contact.id 
_pdbx_validate_symm_contact.PDB_model_num 
_pdbx_validate_symm_contact.auth_atom_id_1 
_pdbx_validate_symm_contact.auth_asym_id_1 
_pdbx_validate_symm_contact.auth_comp_id_1 
_pdbx_validate_symm_contact.auth_seq_id_1 
_pdbx_validate_symm_contact.PDB_ins_code_1 
_pdbx_validate_symm_contact.label_alt_id_1 
_pdbx_validate_symm_contact.site_symmetry_1 
_pdbx_validate_symm_contact.auth_atom_id_2 
_pdbx_validate_symm_contact.auth_asym_id_2 
_pdbx_validate_symm_contact.auth_comp_id_2 
_pdbx_validate_symm_contact.auth_seq_id_2 
_pdbx_validate_symm_contact.PDB_ins_code_2 
_pdbx_validate_symm_contact.label_alt_id_2 
_pdbx_validate_symm_contact.site_symmetry_2 
_pdbx_validate_symm_contact.dist 
1 1 "O3'" A A 9 ? A 1_555 "O2'" C C 21 ? ? 3_555 2.15 
2 1 "O2'" A A 9 ? A 1_555 "O4'" C A 22 ? ? 3_555 2.15 
# 
loop_
_pdbx_validate_rmsd_bond.id 
_pdbx_validate_rmsd_bond.PDB_model_num 
_pdbx_validate_rmsd_bond.auth_atom_id_1 
_pdbx_validate_rmsd_bond.auth_asym_id_1 
_pdbx_validate_rmsd_bond.auth_comp_id_1 
_pdbx_validate_rmsd_bond.auth_seq_id_1 
_pdbx_validate_rmsd_bond.PDB_ins_code_1 
_pdbx_validate_rmsd_bond.label_alt_id_1 
_pdbx_validate_rmsd_bond.auth_atom_id_2 
_pdbx_validate_rmsd_bond.auth_asym_id_2 
_pdbx_validate_rmsd_bond.auth_comp_id_2 
_pdbx_validate_rmsd_bond.auth_seq_id_2 
_pdbx_validate_rmsd_bond.PDB_ins_code_2 
_pdbx_validate_rmsd_bond.label_alt_id_2 
_pdbx_validate_rmsd_bond.bond_value 
_pdbx_validate_rmsd_bond.bond_target_value 
_pdbx_validate_rmsd_bond.bond_deviation 
_pdbx_validate_rmsd_bond.bond_standard_deviation 
_pdbx_validate_rmsd_bond.linker_flag 
1  1 C2    A G 2  ? ? N2    A G 2  ? ? 1.407 1.341 0.066  0.010 N 
2  1 C2    A G 10 ? B N2    A G 10 ? B 1.427 1.341 0.086  0.010 N 
3  1 N1    A C 12 ? ? C2    A C 12 ? ? 1.463 1.397 0.066  0.010 N 
4  1 "O5'" A G 17 ? ? "C5'" A G 17 ? ? 1.358 1.420 -0.062 0.009 N 
5  1 N7    A G 18 ? ? C8    A G 18 ? ? 1.348 1.305 0.043  0.006 N 
6  1 "O5'" C C 9  ? ? "C5'" C C 9  ? ? 1.358 1.420 -0.062 0.009 N 
7  1 C6    C A 11 ? ? N1    C A 11 ? ? 1.394 1.351 0.043  0.007 N 
8  1 C2    C G 14 ? ? N2    C G 14 ? ? 1.430 1.341 0.089  0.010 N 
9  1 C6    C G 14 ? ? O6    C G 14 ? ? 1.293 1.237 0.056  0.009 N 
10 1 C2    C U 15 ? ? O2    C U 15 ? ? 1.292 1.219 0.073  0.009 N 
11 1 C5    C C 16 ? ? C6    C C 16 ? ? 1.395 1.339 0.056  0.008 N 
12 1 "O5'" C A 17 ? ? "C5'" C A 17 ? ? 1.365 1.420 -0.055 0.009 N 
13 1 C2    C C 18 ? ? O2    C C 18 ? ? 1.298 1.240 0.058  0.009 N 
14 1 N1    C C 18 ? ? C2    C C 18 ? ? 1.329 1.397 -0.068 0.010 N 
15 1 "O5'" C A 19 ? ? "C5'" C A 19 ? ? 1.364 1.420 -0.056 0.009 N 
16 1 "O5'" C C 23 ? ? "C5'" C C 23 ? ? 1.345 1.420 -0.075 0.009 N 
17 1 "C4'" C C 23 ? ? "C3'" C C 23 ? ? 1.455 1.521 -0.066 0.010 N 
18 1 "O3'" C C 23 ? ? P     C C 24 ? ? 1.481 1.607 -0.126 0.012 Y 
# 
loop_
_pdbx_validate_rmsd_angle.id 
_pdbx_validate_rmsd_angle.PDB_model_num 
_pdbx_validate_rmsd_angle.auth_atom_id_1 
_pdbx_validate_rmsd_angle.auth_asym_id_1 
_pdbx_validate_rmsd_angle.auth_comp_id_1 
_pdbx_validate_rmsd_angle.auth_seq_id_1 
_pdbx_validate_rmsd_angle.PDB_ins_code_1 
_pdbx_validate_rmsd_angle.label_alt_id_1 
_pdbx_validate_rmsd_angle.auth_atom_id_2 
_pdbx_validate_rmsd_angle.auth_asym_id_2 
_pdbx_validate_rmsd_angle.auth_comp_id_2 
_pdbx_validate_rmsd_angle.auth_seq_id_2 
_pdbx_validate_rmsd_angle.PDB_ins_code_2 
_pdbx_validate_rmsd_angle.label_alt_id_2 
_pdbx_validate_rmsd_angle.auth_atom_id_3 
_pdbx_validate_rmsd_angle.auth_asym_id_3 
_pdbx_validate_rmsd_angle.auth_comp_id_3 
_pdbx_validate_rmsd_angle.auth_seq_id_3 
_pdbx_validate_rmsd_angle.PDB_ins_code_3 
_pdbx_validate_rmsd_angle.label_alt_id_3 
_pdbx_validate_rmsd_angle.angle_value 
_pdbx_validate_rmsd_angle.angle_target_value 
_pdbx_validate_rmsd_angle.angle_deviation 
_pdbx_validate_rmsd_angle.angle_standard_deviation 
_pdbx_validate_rmsd_angle.linker_flag 
1 1 "O3'" A G 2  ? ? P     A U 3  ? ? OP2   A U 3  ? ? 118.24 110.50 7.74   1.10 Y 
2 1 "O3'" C C 16 ? ? P     C A 17 ? ? OP2   C A 17 ? ? 117.68 110.50 7.18   1.10 Y 
3 1 "O3'" C C 18 ? ? P     C A 19 ? ? OP2   C A 19 ? ? 119.17 110.50 8.67   1.10 Y 
4 1 "O3'" C C 21 ? ? P     C A 22 ? ? OP2   C A 22 ? ? 121.04 110.50 10.54  1.10 Y 
5 1 "O3'" C A 22 ? ? P     C C 23 ? ? OP2   C C 23 ? ? 117.90 110.50 7.40   1.10 Y 
6 1 "C5'" C C 23 ? ? "C4'" C C 23 ? ? "C3'" C C 23 ? ? 103.94 115.20 -11.26 1.40 N 
# 
loop_
_pdbx_validate_planes.id 
_pdbx_validate_planes.PDB_model_num 
_pdbx_validate_planes.auth_comp_id 
_pdbx_validate_planes.auth_asym_id 
_pdbx_validate_planes.auth_seq_id 
_pdbx_validate_planes.PDB_ins_code 
_pdbx_validate_planes.label_alt_id 
_pdbx_validate_planes.rmsd 
_pdbx_validate_planes.type 
1 1 A A 8  ? A 0.075 'SIDE CHAIN' 
2 1 G A 10 ? A 0.090 'SIDE CHAIN' 
3 1 C A 12 ? ? 0.113 'SIDE CHAIN' 
4 1 C C 23 ? ? 0.057 'SIDE CHAIN' 
# 
loop_
_chem_comp_atom.comp_id 
_chem_comp_atom.atom_id 
_chem_comp_atom.type_symbol 
_chem_comp_atom.pdbx_aromatic_flag 
_chem_comp_atom.pdbx_stereo_config 
_chem_comp_atom.pdbx_ordinal 
A   OP3    O N N 1   
A   P      P N N 2   
A   OP1    O N N 3   
A   OP2    O N N 4   
A   "O5'"  O N N 5   
A   "C5'"  C N N 6   
A   "C4'"  C N R 7   
A   "O4'"  O N N 8   
A   "C3'"  C N S 9   
A   "O3'"  O N N 10  
A   "C2'"  C N R 11  
A   "O2'"  O N N 12  
A   "C1'"  C N R 13  
A   N9     N Y N 14  
A   C8     C Y N 15  
A   N7     N Y N 16  
A   C5     C Y N 17  
A   C6     C Y N 18  
A   N6     N N N 19  
A   N1     N Y N 20  
A   C2     C Y N 21  
A   N3     N Y N 22  
A   C4     C Y N 23  
A   HOP3   H N N 24  
A   HOP2   H N N 25  
A   "H5'"  H N N 26  
A   "H5''" H N N 27  
A   "H4'"  H N N 28  
A   "H3'"  H N N 29  
A   "HO3'" H N N 30  
A   "H2'"  H N N 31  
A   "HO2'" H N N 32  
A   "H1'"  H N N 33  
A   H8     H N N 34  
A   H61    H N N 35  
A   H62    H N N 36  
A   H2     H N N 37  
C   OP3    O N N 38  
C   P      P N N 39  
C   OP1    O N N 40  
C   OP2    O N N 41  
C   "O5'"  O N N 42  
C   "C5'"  C N N 43  
C   "C4'"  C N R 44  
C   "O4'"  O N N 45  
C   "C3'"  C N S 46  
C   "O3'"  O N N 47  
C   "C2'"  C N R 48  
C   "O2'"  O N N 49  
C   "C1'"  C N R 50  
C   N1     N N N 51  
C   C2     C N N 52  
C   O2     O N N 53  
C   N3     N N N 54  
C   C4     C N N 55  
C   N4     N N N 56  
C   C5     C N N 57  
C   C6     C N N 58  
C   HOP3   H N N 59  
C   HOP2   H N N 60  
C   "H5'"  H N N 61  
C   "H5''" H N N 62  
C   "H4'"  H N N 63  
C   "H3'"  H N N 64  
C   "HO3'" H N N 65  
C   "H2'"  H N N 66  
C   "HO2'" H N N 67  
C   "H1'"  H N N 68  
C   H41    H N N 69  
C   H42    H N N 70  
C   H5     H N N 71  
C   H6     H N N 72  
G   OP3    O N N 73  
G   P      P N N 74  
G   OP1    O N N 75  
G   OP2    O N N 76  
G   "O5'"  O N N 77  
G   "C5'"  C N N 78  
G   "C4'"  C N R 79  
G   "O4'"  O N N 80  
G   "C3'"  C N S 81  
G   "O3'"  O N N 82  
G   "C2'"  C N R 83  
G   "O2'"  O N N 84  
G   "C1'"  C N R 85  
G   N9     N Y N 86  
G   C8     C Y N 87  
G   N7     N Y N 88  
G   C5     C Y N 89  
G   C6     C N N 90  
G   O6     O N N 91  
G   N1     N N N 92  
G   C2     C N N 93  
G   N2     N N N 94  
G   N3     N N N 95  
G   C4     C Y N 96  
G   HOP3   H N N 97  
G   HOP2   H N N 98  
G   "H5'"  H N N 99  
G   "H5''" H N N 100 
G   "H4'"  H N N 101 
G   "H3'"  H N N 102 
G   "HO3'" H N N 103 
G   "H2'"  H N N 104 
G   "HO2'" H N N 105 
G   "H1'"  H N N 106 
G   H8     H N N 107 
G   H1     H N N 108 
G   H21    H N N 109 
G   H22    H N N 110 
HOH O      O N N 111 
HOH H1     H N N 112 
HOH H2     H N N 113 
SO4 S      S N N 114 
SO4 O1     O N N 115 
SO4 O2     O N N 116 
SO4 O3     O N N 117 
SO4 O4     O N N 118 
U   OP3    O N N 119 
U   P      P N N 120 
U   OP1    O N N 121 
U   OP2    O N N 122 
U   "O5'"  O N N 123 
U   "C5'"  C N N 124 
U   "C4'"  C N R 125 
U   "O4'"  O N N 126 
U   "C3'"  C N S 127 
U   "O3'"  O N N 128 
U   "C2'"  C N R 129 
U   "O2'"  O N N 130 
U   "C1'"  C N R 131 
U   N1     N N N 132 
U   C2     C N N 133 
U   O2     O N N 134 
U   N3     N N N 135 
U   C4     C N N 136 
U   O4     O N N 137 
U   C5     C N N 138 
U   C6     C N N 139 
U   HOP3   H N N 140 
U   HOP2   H N N 141 
U   "H5'"  H N N 142 
U   "H5''" H N N 143 
U   "H4'"  H N N 144 
U   "H3'"  H N N 145 
U   "HO3'" H N N 146 
U   "H2'"  H N N 147 
U   "HO2'" H N N 148 
U   "H1'"  H N N 149 
U   H3     H N N 150 
U   H5     H N N 151 
U   H6     H N N 152 
# 
loop_
_chem_comp_bond.comp_id 
_chem_comp_bond.atom_id_1 
_chem_comp_bond.atom_id_2 
_chem_comp_bond.value_order 
_chem_comp_bond.pdbx_aromatic_flag 
_chem_comp_bond.pdbx_stereo_config 
_chem_comp_bond.pdbx_ordinal 
A   OP3   P      sing N N 1   
A   OP3   HOP3   sing N N 2   
A   P     OP1    doub N N 3   
A   P     OP2    sing N N 4   
A   P     "O5'"  sing N N 5   
A   OP2   HOP2   sing N N 6   
A   "O5'" "C5'"  sing N N 7   
A   "C5'" "C4'"  sing N N 8   
A   "C5'" "H5'"  sing N N 9   
A   "C5'" "H5''" sing N N 10  
A   "C4'" "O4'"  sing N N 11  
A   "C4'" "C3'"  sing N N 12  
A   "C4'" "H4'"  sing N N 13  
A   "O4'" "C1'"  sing N N 14  
A   "C3'" "O3'"  sing N N 15  
A   "C3'" "C2'"  sing N N 16  
A   "C3'" "H3'"  sing N N 17  
A   "O3'" "HO3'" sing N N 18  
A   "C2'" "O2'"  sing N N 19  
A   "C2'" "C1'"  sing N N 20  
A   "C2'" "H2'"  sing N N 21  
A   "O2'" "HO2'" sing N N 22  
A   "C1'" N9     sing N N 23  
A   "C1'" "H1'"  sing N N 24  
A   N9    C8     sing Y N 25  
A   N9    C4     sing Y N 26  
A   C8    N7     doub Y N 27  
A   C8    H8     sing N N 28  
A   N7    C5     sing Y N 29  
A   C5    C6     sing Y N 30  
A   C5    C4     doub Y N 31  
A   C6    N6     sing N N 32  
A   C6    N1     doub Y N 33  
A   N6    H61    sing N N 34  
A   N6    H62    sing N N 35  
A   N1    C2     sing Y N 36  
A   C2    N3     doub Y N 37  
A   C2    H2     sing N N 38  
A   N3    C4     sing Y N 39  
C   OP3   P      sing N N 40  
C   OP3   HOP3   sing N N 41  
C   P     OP1    doub N N 42  
C   P     OP2    sing N N 43  
C   P     "O5'"  sing N N 44  
C   OP2   HOP2   sing N N 45  
C   "O5'" "C5'"  sing N N 46  
C   "C5'" "C4'"  sing N N 47  
C   "C5'" "H5'"  sing N N 48  
C   "C5'" "H5''" sing N N 49  
C   "C4'" "O4'"  sing N N 50  
C   "C4'" "C3'"  sing N N 51  
C   "C4'" "H4'"  sing N N 52  
C   "O4'" "C1'"  sing N N 53  
C   "C3'" "O3'"  sing N N 54  
C   "C3'" "C2'"  sing N N 55  
C   "C3'" "H3'"  sing N N 56  
C   "O3'" "HO3'" sing N N 57  
C   "C2'" "O2'"  sing N N 58  
C   "C2'" "C1'"  sing N N 59  
C   "C2'" "H2'"  sing N N 60  
C   "O2'" "HO2'" sing N N 61  
C   "C1'" N1     sing N N 62  
C   "C1'" "H1'"  sing N N 63  
C   N1    C2     sing N N 64  
C   N1    C6     sing N N 65  
C   C2    O2     doub N N 66  
C   C2    N3     sing N N 67  
C   N3    C4     doub N N 68  
C   C4    N4     sing N N 69  
C   C4    C5     sing N N 70  
C   N4    H41    sing N N 71  
C   N4    H42    sing N N 72  
C   C5    C6     doub N N 73  
C   C5    H5     sing N N 74  
C   C6    H6     sing N N 75  
G   OP3   P      sing N N 76  
G   OP3   HOP3   sing N N 77  
G   P     OP1    doub N N 78  
G   P     OP2    sing N N 79  
G   P     "O5'"  sing N N 80  
G   OP2   HOP2   sing N N 81  
G   "O5'" "C5'"  sing N N 82  
G   "C5'" "C4'"  sing N N 83  
G   "C5'" "H5'"  sing N N 84  
G   "C5'" "H5''" sing N N 85  
G   "C4'" "O4'"  sing N N 86  
G   "C4'" "C3'"  sing N N 87  
G   "C4'" "H4'"  sing N N 88  
G   "O4'" "C1'"  sing N N 89  
G   "C3'" "O3'"  sing N N 90  
G   "C3'" "C2'"  sing N N 91  
G   "C3'" "H3'"  sing N N 92  
G   "O3'" "HO3'" sing N N 93  
G   "C2'" "O2'"  sing N N 94  
G   "C2'" "C1'"  sing N N 95  
G   "C2'" "H2'"  sing N N 96  
G   "O2'" "HO2'" sing N N 97  
G   "C1'" N9     sing N N 98  
G   "C1'" "H1'"  sing N N 99  
G   N9    C8     sing Y N 100 
G   N9    C4     sing Y N 101 
G   C8    N7     doub Y N 102 
G   C8    H8     sing N N 103 
G   N7    C5     sing Y N 104 
G   C5    C6     sing N N 105 
G   C5    C4     doub Y N 106 
G   C6    O6     doub N N 107 
G   C6    N1     sing N N 108 
G   N1    C2     sing N N 109 
G   N1    H1     sing N N 110 
G   C2    N2     sing N N 111 
G   C2    N3     doub N N 112 
G   N2    H21    sing N N 113 
G   N2    H22    sing N N 114 
G   N3    C4     sing N N 115 
HOH O     H1     sing N N 116 
HOH O     H2     sing N N 117 
SO4 S     O1     doub N N 118 
SO4 S     O2     doub N N 119 
SO4 S     O3     sing N N 120 
SO4 S     O4     sing N N 121 
U   OP3   P      sing N N 122 
U   OP3   HOP3   sing N N 123 
U   P     OP1    doub N N 124 
U   P     OP2    sing N N 125 
U   P     "O5'"  sing N N 126 
U   OP2   HOP2   sing N N 127 
U   "O5'" "C5'"  sing N N 128 
U   "C5'" "C4'"  sing N N 129 
U   "C5'" "H5'"  sing N N 130 
U   "C5'" "H5''" sing N N 131 
U   "C4'" "O4'"  sing N N 132 
U   "C4'" "C3'"  sing N N 133 
U   "C4'" "H4'"  sing N N 134 
U   "O4'" "C1'"  sing N N 135 
U   "C3'" "O3'"  sing N N 136 
U   "C3'" "C2'"  sing N N 137 
U   "C3'" "H3'"  sing N N 138 
U   "O3'" "HO3'" sing N N 139 
U   "C2'" "O2'"  sing N N 140 
U   "C2'" "C1'"  sing N N 141 
U   "C2'" "H2'"  sing N N 142 
U   "O2'" "HO2'" sing N N 143 
U   "C1'" N1     sing N N 144 
U   "C1'" "H1'"  sing N N 145 
U   N1    C2     sing N N 146 
U   N1    C6     sing N N 147 
U   C2    O2     doub N N 148 
U   C2    N3     sing N N 149 
U   N3    C4     sing N N 150 
U   N3    H3     sing N N 151 
U   C4    O4     doub N N 152 
U   C4    C5     sing N N 153 
U   C5    C6     doub N N 154 
U   C5    H5     sing N N 155 
U   C6    H6     sing N N 156 
# 
loop_
_ndb_struct_conf_na.entry_id 
_ndb_struct_conf_na.feature 
1T0E 'a-form double helix'  
1T0E 'mismatched base pair' 
1T0E 'internal loop'        
# 
loop_
_ndb_struct_na_base_pair.model_number 
_ndb_struct_na_base_pair.i_label_asym_id 
_ndb_struct_na_base_pair.i_label_comp_id 
_ndb_struct_na_base_pair.i_label_seq_id 
_ndb_struct_na_base_pair.i_symmetry 
_ndb_struct_na_base_pair.j_label_asym_id 
_ndb_struct_na_base_pair.j_label_comp_id 
_ndb_struct_na_base_pair.j_label_seq_id 
_ndb_struct_na_base_pair.j_symmetry 
_ndb_struct_na_base_pair.shear 
_ndb_struct_na_base_pair.stretch 
_ndb_struct_na_base_pair.stagger 
_ndb_struct_na_base_pair.buckle 
_ndb_struct_na_base_pair.propeller 
_ndb_struct_na_base_pair.opening 
_ndb_struct_na_base_pair.pair_number 
_ndb_struct_na_base_pair.pair_name 
_ndb_struct_na_base_pair.i_auth_asym_id 
_ndb_struct_na_base_pair.i_auth_seq_id 
_ndb_struct_na_base_pair.i_PDB_ins_code 
_ndb_struct_na_base_pair.j_auth_asym_id 
_ndb_struct_na_base_pair.j_auth_seq_id 
_ndb_struct_na_base_pair.j_PDB_ins_code 
_ndb_struct_na_base_pair.hbond_type_28 
_ndb_struct_na_base_pair.hbond_type_12 
1 A G 1  1_555 B C 16 1_555 -0.032 -0.140 -0.066 -5.289  -12.673 -2.452 1  A_G1:C24_C  A 1  ? C 24 ? 19 1 
1 A G 2  1_555 B C 15 1_555 -0.201 -0.015 -0.038 -8.979  -16.056 4.009  2  A_G2:C23_C  A 2  ? C 23 ? 19 1 
1 A U 3  1_555 B A 14 1_555 -0.255 -0.030 -0.065 2.206   -12.421 -1.555 3  A_U3:A22_C  A 3  ? C 22 ? 20 1 
1 A G 4  1_555 B C 13 1_555 -0.036 -0.126 -0.033 -6.700  -15.755 0.336  4  A_G4:C21_C  A 4  ? C 21 ? 19 1 
1 A G 5  1_555 B C 12 1_555 -0.345 -0.160 -0.034 -9.497  -20.250 2.977  5  A_G5:C20_C  A 5  ? C 20 ? 19 1 
1 A U 6  1_555 B A 11 1_555 0.282  -0.098 0.137  -6.328  -15.450 5.300  6  A_U6:A19_C  A 6  ? C 19 ? 20 1 
1 A G 7  1_555 B C 10 1_555 -0.161 -0.128 0.027  -7.621  -13.858 1.119  7  A_G7:C18_C  A 7  ? C 18 ? 19 1 
1 A G 10 1_555 B C 8  1_555 -0.526 -0.058 0.126  -16.279 -8.987  0.686  8  A_G10:C16_C A 10 ? C 16 ? 19 1 
1 A U 11 1_555 B U 7  1_555 2.294  -1.692 -0.108 -4.017  -10.043 11.292 9  A_U11:U15_C A 11 ? C 15 ? 16 1 
1 A C 12 1_555 B G 6  1_555 0.256  -0.133 -0.680 17.392  -6.498  0.827  10 A_C12:G14_C A 12 ? C 14 ? 19 1 
1 A G 13 1_555 B C 5  1_555 -0.081 -0.141 0.012  -0.224  -5.074  -0.599 11 A_G13:C13_C A 13 ? C 13 ? 19 1 
1 A C 14 1_555 B G 4  1_555 0.274  -0.259 -0.012 -1.341  -12.611 -0.602 12 A_C14:G12_C A 14 ? C 12 ? 19 1 
1 A U 15 1_555 B A 3  1_555 -0.002 -0.197 0.048  -2.410  -12.360 4.480  13 A_U15:A11_C A 15 ? C 11 ? 20 1 
1 A C 16 1_555 B G 2  1_555 0.191  -0.086 -0.027 3.478   -6.459  -0.138 14 A_C16:G10_C A 16 ? C 10 ? 19 1 
1 A G 17 1_555 B C 1  1_555 -0.112 -0.154 -0.276 -8.555  -12.559 -0.054 15 A_G17:C9_C  A 17 ? C 9  ? 19 1 
# 
loop_
_ndb_struct_na_base_pair_step.model_number 
_ndb_struct_na_base_pair_step.i_label_asym_id_1 
_ndb_struct_na_base_pair_step.i_label_comp_id_1 
_ndb_struct_na_base_pair_step.i_label_seq_id_1 
_ndb_struct_na_base_pair_step.i_symmetry_1 
_ndb_struct_na_base_pair_step.j_label_asym_id_1 
_ndb_struct_na_base_pair_step.j_label_comp_id_1 
_ndb_struct_na_base_pair_step.j_label_seq_id_1 
_ndb_struct_na_base_pair_step.j_symmetry_1 
_ndb_struct_na_base_pair_step.i_label_asym_id_2 
_ndb_struct_na_base_pair_step.i_label_comp_id_2 
_ndb_struct_na_base_pair_step.i_label_seq_id_2 
_ndb_struct_na_base_pair_step.i_symmetry_2 
_ndb_struct_na_base_pair_step.j_label_asym_id_2 
_ndb_struct_na_base_pair_step.j_label_comp_id_2 
_ndb_struct_na_base_pair_step.j_label_seq_id_2 
_ndb_struct_na_base_pair_step.j_symmetry_2 
_ndb_struct_na_base_pair_step.shift 
_ndb_struct_na_base_pair_step.slide 
_ndb_struct_na_base_pair_step.rise 
_ndb_struct_na_base_pair_step.tilt 
_ndb_struct_na_base_pair_step.roll 
_ndb_struct_na_base_pair_step.twist 
_ndb_struct_na_base_pair_step.x_displacement 
_ndb_struct_na_base_pair_step.y_displacement 
_ndb_struct_na_base_pair_step.helical_rise 
_ndb_struct_na_base_pair_step.inclination 
_ndb_struct_na_base_pair_step.tip 
_ndb_struct_na_base_pair_step.helical_twist 
_ndb_struct_na_base_pair_step.step_number 
_ndb_struct_na_base_pair_step.step_name 
_ndb_struct_na_base_pair_step.i_auth_asym_id_1 
_ndb_struct_na_base_pair_step.i_auth_seq_id_1 
_ndb_struct_na_base_pair_step.i_PDB_ins_code_1 
_ndb_struct_na_base_pair_step.j_auth_asym_id_1 
_ndb_struct_na_base_pair_step.j_auth_seq_id_1 
_ndb_struct_na_base_pair_step.j_PDB_ins_code_1 
_ndb_struct_na_base_pair_step.i_auth_asym_id_2 
_ndb_struct_na_base_pair_step.i_auth_seq_id_2 
_ndb_struct_na_base_pair_step.i_PDB_ins_code_2 
_ndb_struct_na_base_pair_step.j_auth_asym_id_2 
_ndb_struct_na_base_pair_step.j_auth_seq_id_2 
_ndb_struct_na_base_pair_step.j_PDB_ins_code_2 
1 A G 1  1_555 B C 16 1_555 A G 2  1_555 B C 15 1_555 0.831  -2.051 3.299 1.854  7.194  29.905 -5.190 -1.223 2.787 13.677 -3.524  
30.794 1  AA_G1G2:C23C24_CC   A 1  ? C 24 ? A 2  ? C 23 ? 
1 A G 2  1_555 B C 15 1_555 A U 3  1_555 B A 14 1_555 -1.048 -1.946 2.978 -2.083 2.881  28.778 -4.455 1.684  2.840 5.769  4.171   
28.992 2  AA_G2U3:A22C23_CC   A 2  ? C 23 ? A 3  ? C 22 ? 
1 A U 3  1_555 B A 14 1_555 A G 4  1_555 B C 13 1_555 0.374  -1.557 3.376 0.170  12.821 32.659 -4.417 -0.597 2.602 21.782 -0.288  
35.021 3  AA_U3G4:C21A22_CC   A 3  ? C 22 ? A 4  ? C 21 ? 
1 A G 4  1_555 B C 13 1_555 A G 5  1_555 B C 12 1_555 0.277  -1.765 3.295 0.658  8.911  30.954 -4.671 -0.389 2.700 16.276 -1.201  
32.187 4  AA_G4G5:C20C21_CC   A 4  ? C 21 ? A 5  ? C 20 ? 
1 A G 5  1_555 B C 12 1_555 A U 6  1_555 B A 11 1_555 0.069  -1.123 3.090 -0.962 5.139  35.397 -2.510 -0.241 2.901 8.396  1.572   
35.769 5  AA_G5U6:A19C20_CC   A 5  ? C 20 ? A 6  ? C 19 ? 
1 A U 6  1_555 B A 11 1_555 A G 7  1_555 B C 10 1_555 -0.101 -1.412 3.208 0.968  13.364 30.188 -4.523 0.326  2.382 24.216 -1.755  
32.965 6  AA_U6G7:C18A19_CC   A 6  ? C 19 ? A 7  ? C 18 ? 
1 A G 10 1_555 B C 8  1_555 A U 11 1_555 B U 7  1_555 0.501  -1.153 3.130 5.251  6.441  45.629 -1.981 -0.217 2.987 8.225  -6.706  
46.340 7  AA_G10U11:U15C16_CC A 10 ? C 16 ? A 11 ? C 15 ? 
1 A U 11 1_555 B U 7  1_555 A C 12 1_555 B G 6  1_555 -0.122 -1.811 2.677 5.942  8.785  15.870 -8.512 2.429  1.365 28.092 -19.001 
19.069 8  AA_U11C12:G14U15_CC A 11 ? C 15 ? A 12 ? C 14 ? 
1 A C 12 1_555 B G 6  1_555 A G 13 1_555 B C 5  1_555 -1.184 -1.906 3.698 -8.679 8.604  30.972 -4.923 0.465  3.272 15.381 15.516  
33.241 9  AA_C12G13:C13G14_CC A 12 ? C 14 ? A 13 ? C 13 ? 
1 A G 13 1_555 B C 5  1_555 A C 14 1_555 B G 4  1_555 -0.122 -1.818 3.313 0.367  3.925  32.329 -3.914 0.281  3.075 7.017  -0.657  
32.562 10 AA_G13C14:G12C13_CC A 13 ? C 13 ? A 14 ? C 12 ? 
1 A C 14 1_555 B G 4  1_555 A U 15 1_555 B A 3  1_555 0.838  -1.803 3.196 3.087  7.318  30.833 -4.529 -1.005 2.774 13.486 -5.688  
31.815 11 AA_C14U15:A11G12_CC A 14 ? C 12 ? A 15 ? C 11 ? 
1 A U 15 1_555 B A 3  1_555 A C 16 1_555 B G 2  1_555 -0.315 -1.683 3.182 0.895  3.818  30.084 -3.938 0.772  2.941 7.316  -1.715  
30.333 12 AA_U15C16:G10A11_CC A 15 ? C 11 ? A 16 ? C 10 ? 
1 A C 16 1_555 B G 2  1_555 A G 17 1_555 B C 1  1_555 1.029  -2.164 3.579 3.258  8.656  29.427 -5.794 -1.288 2.933 16.533 -6.223  
30.816 13 AA_C16G17:C9G10_CC  A 16 ? C 10 ? A 17 ? C 9  ? 
# 
_pdbx_initial_refinement_model.accession_code   ? 
_pdbx_initial_refinement_model.id               1 
_pdbx_initial_refinement_model.entity_id_list   ? 
_pdbx_initial_refinement_model.type             'experimental model' 
_pdbx_initial_refinement_model.source_name      Other 
_pdbx_initial_refinement_model.details          'solved the construct model' 
# 
_atom_sites.entry_id                    1T0E 
_atom_sites.fract_transf_matrix[1][1]   0.01403434 
_atom_sites.fract_transf_matrix[1][2]   0.00196471 
_atom_sites.fract_transf_matrix[1][3]   -0.02780834 
_atom_sites.fract_transf_matrix[2][1]   -0.01712358 
_atom_sites.fract_transf_matrix[2][2]   -0.02286123 
_atom_sites.fract_transf_matrix[2][3]   -0.01025713 
_atom_sites.fract_transf_matrix[3][1]   -0.00747063 
_atom_sites.fract_transf_matrix[3][2]   0.00706337 
_atom_sites.fract_transf_matrix[3][3]   -0.00327124 
_atom_sites.fract_transf_vector[1]      -0.261744 
_atom_sites.fract_transf_vector[2]      -0.065467 
_atom_sites.fract_transf_vector[3]      0.299679 
# 
loop_
_atom_type.symbol 
C 
N 
O 
P 
S 
# 
loop_
_atom_site.group_PDB 
_atom_site.id 
_atom_site.type_symbol 
_atom_site.label_atom_id 
_atom_site.label_alt_id 
_atom_site.label_comp_id 
_atom_site.label_asym_id 
_atom_site.label_entity_id 
_atom_site.label_seq_id 
_atom_site.pdbx_PDB_ins_code 
_atom_site.Cartn_x 
_atom_site.Cartn_y 
_atom_site.Cartn_z 
_atom_site.occupancy 
_atom_site.B_iso_or_equiv 
_atom_site.pdbx_formal_charge 
_atom_site.auth_seq_id 
_atom_site.auth_comp_id 
_atom_site.auth_asym_id 
_atom_site.auth_atom_id 
_atom_site.pdbx_PDB_model_num 
ATOM   1   O "O5'" . G   A 1 1  ? 5.837   -17.810 8.679   1.00 24.83 ? 1   G   A "O5'" 1 
ATOM   2   C "C5'" . G   A 1 1  ? 5.071   -18.178 9.900   1.00 22.48 ? 1   G   A "C5'" 1 
ATOM   3   C "C4'" . G   A 1 1  ? 5.671   -17.601 11.146  1.00 21.26 ? 1   G   A "C4'" 1 
ATOM   4   O "O4'" . G   A 1 1  ? 7.008   -18.174 11.384  1.00 22.20 ? 1   G   A "O4'" 1 
ATOM   5   C "C3'" . G   A 1 1  ? 5.954   -16.085 11.143  1.00 20.05 ? 1   G   A "C3'" 1 
ATOM   6   O "O3'" . G   A 1 1  ? 4.728   -15.525 11.555  1.00 18.83 ? 1   G   A "O3'" 1 
ATOM   7   C "C2'" . G   A 1 1  ? 7.021   -15.983 12.239  1.00 20.80 ? 1   G   A "C2'" 1 
ATOM   8   O "O2'" . G   A 1 1  ? 6.546   -16.245 13.562  1.00 20.58 ? 1   G   A "O2'" 1 
ATOM   9   C "C1'" . G   A 1 1  ? 7.910   -17.209 11.922  1.00 20.85 ? 1   G   A "C1'" 1 
ATOM   10  N N9    . G   A 1 1  ? 8.881   -16.846 10.882  1.00 20.75 ? 1   G   A N9    1 
ATOM   11  C C8    . G   A 1 1  ? 8.886   -17.173 9.552   1.00 20.33 ? 1   G   A C8    1 
ATOM   12  N N7    . G   A 1 1  ? 9.817   -16.552 8.862   1.00 22.31 ? 1   G   A N7    1 
ATOM   13  C C5    . G   A 1 1  ? 10.527  -15.802 9.834   1.00 19.45 ? 1   G   A C5    1 
ATOM   14  C C6    . G   A 1 1  ? 11.693  -14.965 9.694   1.00 18.93 ? 1   G   A C6    1 
ATOM   15  O O6    . G   A 1 1  ? 12.314  -14.665 8.652   1.00 18.87 ? 1   G   A O6    1 
ATOM   16  N N1    . G   A 1 1  ? 12.068  -14.410 10.937  1.00 18.75 ? 1   G   A N1    1 
ATOM   17  C C2    . G   A 1 1  ? 11.361  -14.637 12.141  1.00 19.26 ? 1   G   A C2    1 
ATOM   18  N N2    . G   A 1 1  ? 11.745  -14.000 13.288  1.00 18.70 ? 1   G   A N2    1 
ATOM   19  N N3    . G   A 1 1  ? 10.323  -15.419 12.232  1.00 21.51 ? 1   G   A N3    1 
ATOM   20  C C4    . G   A 1 1  ? 9.970   -15.957 11.069  1.00 20.64 ? 1   G   A C4    1 
ATOM   21  P P     . G   A 1 2  ? 4.251   -14.117 10.956  1.00 18.45 ? 2   G   A P     1 
ATOM   22  O OP1   . G   A 1 2  ? 2.909   -13.761 11.593  1.00 19.30 ? 2   G   A OP1   1 
ATOM   23  O OP2   . G   A 1 2  ? 4.402   -14.122 9.504   1.00 18.84 ? 2   G   A OP2   1 
ATOM   24  O "O5'" . G   A 1 2  ? 5.369   -13.115 11.504  1.00 19.32 ? 2   G   A "O5'" 1 
ATOM   25  C "C5'" . G   A 1 2  ? 5.422   -12.871 12.910  1.00 18.51 ? 2   G   A "C5'" 1 
ATOM   26  C "C4'" . G   A 1 2  ? 6.628   -12.027 13.248  1.00 18.01 ? 2   G   A "C4'" 1 
ATOM   27  O "O4'" . G   A 1 2  ? 7.793   -12.781 12.833  1.00 20.37 ? 2   G   A "O4'" 1 
ATOM   28  C "C3'" . G   A 1 2  ? 6.844   -10.730 12.483  1.00 18.91 ? 2   G   A "C3'" 1 
ATOM   29  O "O3'" . G   A 1 2  ? 6.027   -9.675  13.041  1.00 16.95 ? 2   G   A "O3'" 1 
ATOM   30  C "C2'" . G   A 1 2  ? 8.337   -10.499 12.715  1.00 17.95 ? 2   G   A "C2'" 1 
ATOM   31  O "O2'" . G   A 1 2  ? 8.539   -10.123 14.014  1.00 19.22 ? 2   G   A "O2'" 1 
ATOM   32  C "C1'" . G   A 1 2  ? 8.894   -11.924 12.569  1.00 18.85 ? 2   G   A "C1'" 1 
ATOM   33  N N9    . G   A 1 2  ? 9.320   -12.105 11.199  1.00 17.20 ? 2   G   A N9    1 
ATOM   34  C C8    . G   A 1 2  ? 8.699   -12.836 10.207  1.00 18.69 ? 2   G   A C8    1 
ATOM   35  N N7    . G   A 1 2  ? 9.312   -12.748 9.045   1.00 17.22 ? 2   G   A N7    1 
ATOM   36  C C5    . G   A 1 2  ? 10.419  -11.893 9.297   1.00 17.60 ? 2   G   A C5    1 
ATOM   37  C C6    . G   A 1 2  ? 11.521  -11.460 8.469   1.00 19.01 ? 2   G   A C6    1 
ATOM   38  O O6    . G   A 1 2  ? 11.794  -11.670 7.280   1.00 18.11 ? 2   G   A O6    1 
ATOM   39  N N1    . G   A 1 2  ? 12.426  -10.629 9.203   1.00 18.54 ? 2   G   A N1    1 
ATOM   40  C C2    . G   A 1 2  ? 12.266  -10.298 10.516  1.00 20.33 ? 2   G   A C2    1 
ATOM   41  N N2    . G   A 1 2  ? 13.229  -9.413  11.035  1.00 19.40 ? 2   G   A N2    1 
ATOM   42  N N3    . G   A 1 2  ? 11.295  -10.725 11.279  1.00 18.74 ? 2   G   A N3    1 
ATOM   43  C C4    . G   A 1 2  ? 10.415  -11.500 10.616  1.00 17.93 ? 2   G   A C4    1 
ATOM   44  P P     . U   A 1 3  ? 5.623   -8.435  12.161  1.00 18.22 ? 3   U   A P     1 
ATOM   45  O OP1   . U   A 1 3  ? 4.582   -7.772  12.998  1.00 20.90 ? 3   U   A OP1   1 
ATOM   46  O OP2   . U   A 1 3  ? 5.376   -8.653  10.703  1.00 19.83 ? 3   U   A OP2   1 
ATOM   47  O "O5'" . U   A 1 3  ? 6.966   -7.534  12.247  1.00 17.46 ? 3   U   A "O5'" 1 
ATOM   48  C "C5'" . U   A 1 3  ? 7.313   -6.888  13.453  1.00 20.43 ? 3   U   A "C5'" 1 
ATOM   49  C "C4'" . U   A 1 3  ? 8.603   -6.103  13.252  1.00 20.03 ? 3   U   A "C4'" 1 
ATOM   50  O "O4'" . U   A 1 3  ? 9.690   -7.048  12.904  1.00 20.67 ? 3   U   A "O4'" 1 
ATOM   51  C "C3'" . U   A 1 3  ? 8.645   -5.099  12.134  1.00 19.34 ? 3   U   A "C3'" 1 
ATOM   52  O "O3'" . U   A 1 3  ? 7.989   -3.884  12.540  1.00 21.34 ? 3   U   A "O3'" 1 
ATOM   53  C "C2'" . U   A 1 3  ? 10.167  -4.901  12.011  1.00 19.52 ? 3   U   A "C2'" 1 
ATOM   54  O "O2'" . U   A 1 3  ? 10.710  -4.235  13.172  1.00 20.41 ? 3   U   A "O2'" 1 
ATOM   55  C "C1'" . U   A 1 3  ? 10.650  -6.367  12.077  1.00 19.46 ? 3   U   A "C1'" 1 
ATOM   56  N N1    . U   A 1 3  ? 10.602  -6.984  10.732  1.00 19.38 ? 3   U   A N1    1 
ATOM   57  C C2    . U   A 1 3  ? 11.668  -6.702  9.883   1.00 20.64 ? 3   U   A C2    1 
ATOM   58  O O2    . U   A 1 3  ? 12.564  -5.978  10.198  1.00 20.50 ? 3   U   A O2    1 
ATOM   59  N N3    . U   A 1 3  ? 11.613  -7.315  8.645   1.00 21.60 ? 3   U   A N3    1 
ATOM   60  C C4    . U   A 1 3  ? 10.591  -8.148  8.198   1.00 19.88 ? 3   U   A C4    1 
ATOM   61  O O4    . U   A 1 3  ? 10.680  -8.649  7.057   1.00 19.12 ? 3   U   A O4    1 
ATOM   62  C C5    . U   A 1 3  ? 9.512   -8.320  9.103   1.00 18.85 ? 3   U   A C5    1 
ATOM   63  C C6    . U   A 1 3  ? 9.552   -7.765  10.321  1.00 18.79 ? 3   U   A C6    1 
ATOM   64  P P     . G   A 1 4  ? 7.194   -3.075  11.491  1.00 20.96 ? 4   G   A P     1 
ATOM   65  O OP1   . G   A 1 4  ? 6.432   -2.049  12.274  1.00 23.92 ? 4   G   A OP1   1 
ATOM   66  O OP2   . G   A 1 4  ? 6.394   -3.937  10.526  1.00 20.81 ? 4   G   A OP2   1 
ATOM   67  O "O5'" . G   A 1 4  ? 8.333   -2.377  10.633  1.00 20.30 ? 4   G   A "O5'" 1 
ATOM   68  C "C5'" . G   A 1 4  ? 9.242   -1.411  11.200  1.00 19.51 ? 4   G   A "C5'" 1 
ATOM   69  C "C4'" . G   A 1 4  ? 10.340  -1.076  10.201  1.00 21.30 ? 4   G   A "C4'" 1 
ATOM   70  O "O4'" . G   A 1 4  ? 11.176  -2.258  10.036  1.00 21.07 ? 4   G   A "O4'" 1 
ATOM   71  C "C3'" . G   A 1 4  ? 9.898   -0.680  8.790   1.00 23.15 ? 4   G   A "C3'" 1 
ATOM   72  O "O3'" . G   A 1 4  ? 9.518   0.693   8.781   1.00 21.04 ? 4   G   A "O3'" 1 
ATOM   73  C "C2'" . G   A 1 4  ? 11.173  -0.918  8.046   1.00 22.16 ? 4   G   A "C2'" 1 
ATOM   74  O "O2'" . G   A 1 4  ? 12.088  0.076   8.450   1.00 25.03 ? 4   G   A "O2'" 1 
ATOM   75  C "C1'" . G   A 1 4  ? 11.675  -2.247  8.661   1.00 22.17 ? 4   G   A "C1'" 1 
ATOM   76  N N9    . G   A 1 4  ? 11.084  -3.368  7.933   1.00 21.61 ? 4   G   A N9    1 
ATOM   77  C C8    . G   A 1 4  ? 9.995   -4.177  8.231   1.00 22.98 ? 4   G   A C8    1 
ATOM   78  N N7    . G   A 1 4  ? 9.719   -5.039  7.261   1.00 22.89 ? 4   G   A N7    1 
ATOM   79  C C5    . G   A 1 4  ? 10.703  -4.782  6.289   1.00 22.04 ? 4   G   A C5    1 
ATOM   80  C C6    . G   A 1 4  ? 10.921  -5.418  5.020   1.00 24.40 ? 4   G   A C6    1 
ATOM   81  O O6    . G   A 1 4  ? 10.270  -6.399  4.528   1.00 26.64 ? 4   G   A O6    1 
ATOM   82  N N1    . G   A 1 4  ? 11.977  -4.860  4.342   1.00 22.27 ? 4   G   A N1    1 
ATOM   83  C C2    . G   A 1 4  ? 12.784  -3.891  4.815   1.00 23.72 ? 4   G   A C2    1 
ATOM   84  N N2    . G   A 1 4  ? 13.822  -3.556  3.979   1.00 24.00 ? 4   G   A N2    1 
ATOM   85  N N3    . G   A 1 4  ? 12.637  -3.296  6.038   1.00 22.49 ? 4   G   A N3    1 
ATOM   86  C C4    . G   A 1 4  ? 11.556  -3.799  6.686   1.00 22.07 ? 4   G   A C4    1 
ATOM   87  P P     . G   A 1 5  ? 8.570   1.223   7.665   1.00 23.93 ? 5   G   A P     1 
ATOM   88  O OP1   . G   A 1 5  ? 8.349   2.701   7.986   1.00 26.98 ? 5   G   A OP1   1 
ATOM   89  O OP2   . G   A 1 5  ? 7.401   0.412   7.383   1.00 24.56 ? 5   G   A OP2   1 
ATOM   90  O "O5'" . G   A 1 5  ? 9.425   1.103   6.305   1.00 24.32 ? 5   G   A "O5'" 1 
ATOM   91  C "C5'" . G   A 1 5  ? 10.507  1.977   6.136   1.00 23.13 ? 5   G   A "C5'" 1 
ATOM   92  C "C4'" . G   A 1 5  ? 11.301  1.657   4.877   1.00 23.96 ? 5   G   A "C4'" 1 
ATOM   93  O "O4'" . G   A 1 5  ? 11.719  0.296   4.928   1.00 24.50 ? 5   G   A "O4'" 1 
ATOM   94  C "C3'" . G   A 1 5  ? 10.527  1.724   3.594   1.00 25.02 ? 5   G   A "C3'" 1 
ATOM   95  O "O3'" . G   A 1 5  ? 10.432  3.062   3.154   1.00 27.05 ? 5   G   A "O3'" 1 
ATOM   96  C "C2'" . G   A 1 5  ? 11.367  0.860   2.687   1.00 24.13 ? 5   G   A "C2'" 1 
ATOM   97  O "O2'" . G   A 1 5  ? 12.534  1.496   2.329   1.00 24.19 ? 5   G   A "O2'" 1 
ATOM   98  C "C1'" . G   A 1 5  ? 11.766  -0.274  3.638   1.00 24.61 ? 5   G   A "C1'" 1 
ATOM   99  N N9    . G   A 1 5  ? 10.796  -1.333  3.535   1.00 23.69 ? 5   G   A N9    1 
ATOM   100 C C8    . G   A 1 5  ? 9.746   -1.615  4.431   1.00 23.35 ? 5   G   A C8    1 
ATOM   101 N N7    . G   A 1 5  ? 9.057   -2.659  4.082   1.00 23.23 ? 5   G   A N7    1 
ATOM   102 C C5    . G   A 1 5  ? 9.674   -3.076  2.883   1.00 23.62 ? 5   G   A C5    1 
ATOM   103 C C6    . G   A 1 5  ? 9.332   -4.158  1.980   1.00 23.93 ? 5   G   A C6    1 
ATOM   104 O O6    . G   A 1 5  ? 8.441   -4.992  2.097   1.00 23.99 ? 5   G   A O6    1 
ATOM   105 N N1    . G   A 1 5  ? 10.133  -4.149  0.808   1.00 23.45 ? 5   G   A N1    1 
ATOM   106 C C2    . G   A 1 5  ? 11.101  -3.231  0.558   1.00 23.96 ? 5   G   A C2    1 
ATOM   107 N N2    . G   A 1 5  ? 11.717  -3.338  -0.663  1.00 23.91 ? 5   G   A N2    1 
ATOM   108 N N3    . G   A 1 5  ? 11.470  -2.268  1.398   1.00 23.32 ? 5   G   A N3    1 
ATOM   109 C C4    . G   A 1 5  ? 10.707  -2.245  2.539   1.00 24.66 ? 5   G   A C4    1 
ATOM   110 P P     . U   A 1 6  ? 9.170   3.537   2.316   1.00 29.07 ? 6   U   A P     1 
ATOM   111 O OP1   . U   A 1 6  ? 9.173   5.005   2.187   1.00 30.19 ? 6   U   A OP1   1 
ATOM   112 O OP2   . U   A 1 6  ? 7.919   2.868   2.797   1.00 26.21 ? 6   U   A OP2   1 
ATOM   113 O "O5'" . U   A 1 6  ? 9.378   2.914   0.859   1.00 28.94 ? 6   U   A "O5'" 1 
ATOM   114 C "C5'" . U   A 1 6  ? 10.567  3.135   0.166   1.00 31.02 ? 6   U   A "C5'" 1 
ATOM   115 C "C4'" . U   A 1 6  ? 10.573  2.320   -1.117  1.00 32.49 ? 6   U   A "C4'" 1 
ATOM   116 O "O4'" . U   A 1 6  ? 10.854  0.988   -0.703  1.00 33.36 ? 6   U   A "O4'" 1 
ATOM   117 C "C3'" . U   A 1 6  ? 9.250   2.205   -1.894  1.00 33.52 ? 6   U   A "C3'" 1 
ATOM   118 O "O3'" . U   A 1 6  ? 9.149   3.177   -2.888  1.00 35.17 ? 6   U   A "O3'" 1 
ATOM   119 C "C2'" . U   A 1 6  ? 9.474   0.927   -2.648  1.00 34.26 ? 6   U   A "C2'" 1 
ATOM   120 O "O2'" . U   A 1 6  ? 10.295  1.272   -3.745  1.00 35.57 ? 6   U   A "O2'" 1 
ATOM   121 C "C1'" . U   A 1 6  ? 10.163  0.077   -1.574  1.00 33.69 ? 6   U   A "C1'" 1 
ATOM   122 N N1    . U   A 1 6  ? 9.148   -0.623  -0.773  1.00 32.87 ? 6   U   A N1    1 
ATOM   123 C C2    . U   A 1 6  ? 8.661   -1.804  -1.299  1.00 33.44 ? 6   U   A C2    1 
ATOM   124 O O2    . U   A 1 6  ? 9.010   -2.202  -2.414  1.00 34.33 ? 6   U   A O2    1 
ATOM   125 N N3    . U   A 1 6  ? 7.759   -2.460  -0.534  1.00 32.73 ? 6   U   A N3    1 
ATOM   126 C C4    . U   A 1 6  ? 7.242   -2.041  0.661   1.00 33.00 ? 6   U   A C4    1 
ATOM   127 O O4    . U   A 1 6  ? 6.476   -2.775  1.257   1.00 33.91 ? 6   U   A O4    1 
ATOM   128 C C5    . U   A 1 6  ? 7.752   -0.777  1.148   1.00 32.03 ? 6   U   A C5    1 
ATOM   129 C C6    . U   A 1 6  ? 8.678   -0.136  0.439   1.00 33.04 ? 6   U   A C6    1 
ATOM   130 P P     . G   A 1 7  ? 7.726   3.787   -3.286  1.00 37.22 ? 7   G   A P     1 
ATOM   131 O OP1   . G   A 1 7  ? 8.103   5.003   -4.070  1.00 40.95 ? 7   G   A OP1   1 
ATOM   132 O OP2   . G   A 1 7  ? 6.742   3.898   -2.206  1.00 37.54 ? 7   G   A OP2   1 
ATOM   133 O "O5'" . G   A 1 7  ? 7.259   2.692   -4.312  1.00 38.91 ? 7   G   A "O5'" 1 
ATOM   134 C "C5'" . G   A 1 7  ? 8.142   2.362   -5.355  1.00 41.10 ? 7   G   A "C5'" 1 
ATOM   135 C "C4'" . G   A 1 7  ? 7.645   1.160   -6.099  1.00 42.13 ? 7   G   A "C4'" 1 
ATOM   136 O "O4'" . G   A 1 7  ? 7.737   -0.022  -5.271  1.00 42.11 ? 7   G   A "O4'" 1 
ATOM   137 C "C3'" . G   A 1 7  ? 6.187   1.230   -6.521  1.00 43.53 ? 7   G   A "C3'" 1 
ATOM   138 O "O3'" . G   A 1 7  ? 6.180   1.976   -7.742  1.00 45.53 ? 7   G   A "O3'" 1 
ATOM   139 C "C2'" . G   A 1 7  ? 5.864   -0.236  -6.730  1.00 41.84 ? 7   G   A "C2'" 1 
ATOM   140 O "O2'" . G   A 1 7  ? 6.443   -0.646  -7.973  1.00 40.17 ? 7   G   A "O2'" 1 
ATOM   141 C "C1'" . G   A 1 7  ? 6.623   -0.859  -5.541  1.00 39.28 ? 7   G   A "C1'" 1 
ATOM   142 N N9    . G   A 1 7  ? 5.928   -1.109  -4.275  1.00 35.14 ? 7   G   A N9    1 
ATOM   143 C C8    . G   A 1 7  ? 5.937   -0.323  -3.137  1.00 34.99 ? 7   G   A C8    1 
ATOM   144 N N7    . G   A 1 7  ? 5.284   -0.875  -2.123  1.00 32.09 ? 7   G   A N7    1 
ATOM   145 C C5    . G   A 1 7  ? 4.810   -2.078  -2.644  1.00 30.38 ? 7   G   A C5    1 
ATOM   146 C C6    . G   A 1 7  ? 4.073   -3.125  -2.041  1.00 29.18 ? 7   G   A C6    1 
ATOM   147 O O6    . G   A 1 7  ? 3.700   -3.224  -0.891  1.00 27.63 ? 7   G   A O6    1 
ATOM   148 N N1    . G   A 1 7  ? 3.797   -4.170  -2.939  1.00 27.53 ? 7   G   A N1    1 
ATOM   149 C C2    . G   A 1 7  ? 4.189   -4.208  -4.208  1.00 29.85 ? 7   G   A C2    1 
ATOM   150 N N2    . G   A 1 7  ? 3.796   -5.339  -4.925  1.00 31.19 ? 7   G   A N2    1 
ATOM   151 N N3    . G   A 1 7  ? 4.909   -3.256  -4.784  1.00 30.24 ? 7   G   A N3    1 
ATOM   152 C C4    . G   A 1 7  ? 5.182   -2.229  -3.964  1.00 31.08 ? 7   G   A C4    1 
ATOM   153 P P     A A   A 1 8  ? 4.824   2.465   -8.402  0.50 48.26 ? 8   A   A P     1 
ATOM   154 P P     B A   A 1 8  ? 4.927   2.912   -8.034  0.50 42.21 ? 8   A   A P     1 
ATOM   155 O OP1   A A   A 1 8  ? 5.231   3.376   -9.546  0.50 48.78 ? 8   A   A OP1   1 
ATOM   156 O OP1   B A   A 1 8  ? 5.311   3.849   -9.152  0.50 43.41 ? 8   A   A OP1   1 
ATOM   157 O OP2   A A   A 1 8  ? 3.899   2.966   -7.314  0.50 48.53 ? 8   A   A OP2   1 
ATOM   158 O OP2   B A   A 1 8  ? 4.406   3.504   -6.733  0.50 42.43 ? 8   A   A OP2   1 
ATOM   159 O "O5'" A A   A 1 8  ? 4.191   1.187   -9.108  0.50 48.40 ? 8   A   A "O5'" 1 
ATOM   160 O "O5'" B A   A 1 8  ? 3.847   1.842   -8.570  0.50 40.87 ? 8   A   A "O5'" 1 
ATOM   161 C "C5'" A A   A 1 8  ? 2.898   0.711   -8.710  0.50 49.90 ? 8   A   A "C5'" 1 
ATOM   162 C "C5'" B A   A 1 8  ? 4.182   0.874   -9.583  0.50 36.88 ? 8   A   A "C5'" 1 
ATOM   163 C "C4'" A A   A 1 8  ? 1.775   1.535   -9.339  0.50 50.31 ? 8   A   A "C4'" 1 
ATOM   164 C "C4'" B A   A 1 8  ? 3.215   -0.321  -9.516  0.50 34.97 ? 8   A   A "C4'" 1 
ATOM   165 O "O4'" A A   A 1 8  ? 2.240   2.320   -10.471 0.50 50.99 ? 8   A   A "O4'" 1 
ATOM   166 O "O4'" B A   A 1 8  ? 3.540   -1.150  -8.364  0.50 33.18 ? 8   A   A "O4'" 1 
ATOM   167 C "C3'" A A   A 1 8  ? 0.688   0.676   -9.956  0.50 50.03 ? 8   A   A "C3'" 1 
ATOM   168 C "C3'" B A   A 1 8  ? 1.737   0.014   -9.338  0.50 33.79 ? 8   A   A "C3'" 1 
ATOM   169 O "O3'" A A   A 1 8  ? -0.156  0.030   -9.015  0.50 49.02 ? 8   A   A "O3'" 1 
ATOM   170 O "O3'" B A   A 1 8  ? 1.089   0.262   -10.587 0.50 34.89 ? 8   A   A "O3'" 1 
ATOM   171 C "C2'" A A   A 1 8  ? 0.015   1.606   -10.963 0.50 50.37 ? 8   A   A "C2'" 1 
ATOM   172 C "C2'" B A   A 1 8  ? 1.181   -1.241  -8.669  0.50 32.45 ? 8   A   A "C2'" 1 
ATOM   173 O "O2'" A A   A 1 8  ? -1.036  2.437   -10.496 0.50 50.59 ? 8   A   A "O2'" 1 
ATOM   174 O "O2'" B A   A 1 8  ? 0.917   -2.289  -9.588  0.50 29.31 ? 8   A   A "O2'" 1 
ATOM   175 C "C1'" A A   A 1 8  ? 1.200   2.447   -11.426 0.50 50.77 ? 8   A   A "C1'" 1 
ATOM   176 C "C1'" B A   A 1 8  ? 2.349   -1.624  -7.752  0.50 31.23 ? 8   A   A "C1'" 1 
ATOM   177 N N9    A A   A 1 8  ? 1.733   2.120   -12.744 0.50 50.82 ? 8   A   A N9    1 
ATOM   178 N N9    B A   A 1 8  ? 2.270   -1.052  -6.407  0.50 30.69 ? 8   A   A N9    1 
ATOM   179 C C8    A A   A 1 8  ? 3.052   1.998   -13.089 0.50 50.83 ? 8   A   A C8    1 
ATOM   180 C C8    B A   A 1 8  ? 2.755   0.135   -5.917  0.50 29.79 ? 8   A   A C8    1 
ATOM   181 N N7    A A   A 1 8  ? 3.247   1.821   -14.368 0.50 50.77 ? 8   A   A N7    1 
ATOM   182 N N7    B A   A 1 8  ? 2.546   0.289   -4.632  0.50 30.81 ? 8   A   A N7    1 
ATOM   183 C C5    A A   A 1 8  ? 1.967   1.812   -14.907 0.50 50.55 ? 8   A   A C5    1 
ATOM   184 C C5    B A   A 1 8  ? 1.841   -0.865  -4.264  0.50 29.53 ? 8   A   A C5    1 
ATOM   185 C C6    A A   A 1 8  ? 1.498   1.695   -16.214 0.50 50.27 ? 8   A   A C6    1 
ATOM   186 C C6    B A   A 1 8  ? 1.333   -1.327  -3.026  0.50 28.67 ? 8   A   A C6    1 
ATOM   187 N N6    A A   A 1 8  ? 2.291   1.679   -17.266 0.50 50.14 ? 8   A   A N6    1 
ATOM   188 N N6    B A   A 1 8  ? 1.394   -0.621  -1.896  0.50 27.19 ? 8   A   A N6    1 
ATOM   189 N N1    A A   A 1 8  ? 0.166   1.628   -16.407 0.50 50.19 ? 8   A   A N1    1 
ATOM   190 N N1    B A   A 1 8  ? 0.749   -2.549  -3.002  0.50 27.63 ? 8   A   A N1    1 
ATOM   191 C C2    A A   A 1 8  ? -0.634  1.744   -15.355 0.50 50.29 ? 8   A   A C2    1 
ATOM   192 C C2    B A   A 1 8  ? 0.643   -3.238  -4.155  0.50 28.44 ? 8   A   A C2    1 
ATOM   193 N N3    A A   A 1 8  ? -0.320  1.925   -14.078 0.50 50.84 ? 8   A   A N3    1 
ATOM   194 N N3    B A   A 1 8  ? 1.058   -2.897  -5.369  0.50 28.27 ? 8   A   A N3    1 
ATOM   195 C C4    A A   A 1 8  ? 1.020   1.943   -13.914 0.50 51.13 ? 8   A   A C4    1 
ATOM   196 C C4    B A   A 1 8  ? 1.665   -1.691  -5.346  0.50 29.66 ? 8   A   A C4    1 
ATOM   197 P P     A A   A 1 9  ? -0.513  -1.514  -9.247  0.50 48.22 ? 9   A   A P     1 
ATOM   198 P P     B A   A 1 9  ? -0.135  1.291   -10.646 0.50 34.26 ? 9   A   A P     1 
ATOM   199 O OP1   A A   A 1 9  ? -1.494  -1.957  -8.230  0.50 47.47 ? 9   A   A OP1   1 
ATOM   200 O OP1   B A   A 1 9  ? 0.371   2.689   -10.568 0.50 35.47 ? 9   A   A OP1   1 
ATOM   201 O OP2   A A   A 1 9  ? 0.749   -2.276  -9.445  0.50 47.27 ? 9   A   A OP2   1 
ATOM   202 O OP2   B A   A 1 9  ? -1.194  0.829   -9.692  0.50 35.75 ? 9   A   A OP2   1 
ATOM   203 O "O5'" A A   A 1 9  ? -1.266  -1.487  -10.649 0.50 46.44 ? 9   A   A "O5'" 1 
ATOM   204 O "O5'" B A   A 1 9  ? -0.771  1.051   -12.101 0.50 34.00 ? 9   A   A "O5'" 1 
ATOM   205 C "C5'" A A   A 1 9  ? -2.688  -1.475  -10.724 0.50 44.17 ? 9   A   A "C5'" 1 
ATOM   206 C "C5'" B A   A 1 9  ? -2.188  0.852   -12.258 0.50 30.67 ? 9   A   A "C5'" 1 
ATOM   207 C "C4'" A A   A 1 9  ? -3.122  -1.824  -12.127 0.50 42.37 ? 9   A   A "C4'" 1 
ATOM   208 C "C4'" B A   A 1 9  ? -2.460  -0.577  -12.636 0.50 28.37 ? 9   A   A "C4'" 1 
ATOM   209 O "O4'" A A   A 1 9  ? -2.494  -0.854  -13.016 0.50 41.14 ? 9   A   A "O4'" 1 
ATOM   210 O "O4'" B A   A 1 9  ? -1.755  -0.835  -13.873 0.50 28.70 ? 9   A   A "O4'" 1 
ATOM   211 C "C3'" A A   A 1 9  ? -2.652  -3.201  -12.625 0.50 41.11 ? 9   A   A "C3'" 1 
ATOM   212 C "C3'" B A   A 1 9  ? -1.979  -1.679  -11.668 0.50 27.35 ? 9   A   A "C3'" 1 
ATOM   213 O "O3'" A A   A 1 9  ? -3.635  -4.231  -12.348 0.50 38.95 ? 9   A   A "O3'" 1 
ATOM   214 O "O3'" B A   A 1 9  ? -3.038  -2.001  -10.739 0.50 23.93 ? 9   A   A "O3'" 1 
ATOM   215 C "C2'" A A   A 1 9  ? -2.577  -2.949  -14.130 0.50 40.49 ? 9   A   A "C2'" 1 
ATOM   216 C "C2'" B A   A 1 9  ? -1.801  -2.850  -12.633 0.50 27.56 ? 9   A   A "C2'" 1 
ATOM   217 O "O2'" A A   A 1 9  ? -3.862  -2.967  -14.687 0.50 39.77 ? 9   A   A "O2'" 1 
ATOM   218 O "O2'" B A   A 1 9  ? -3.074  -3.396  -12.946 0.50 28.07 ? 9   A   A "O2'" 1 
ATOM   219 C "C1'" A A   A 1 9  ? -2.058  -1.515  -14.190 0.50 38.96 ? 9   A   A "C1'" 1 
ATOM   220 C "C1'" B A   A 1 9  ? -1.280  -2.149  -13.903 0.50 26.89 ? 9   A   A "C1'" 1 
ATOM   221 N N9    A A   A 1 9  ? -0.605  -1.410  -14.296 0.50 36.85 ? 9   A   A N9    1 
ATOM   222 N N9    B A   A 1 9  ? 0.170   -2.094  -14.051 0.50 27.34 ? 9   A   A N9    1 
ATOM   223 C C8    A A   A 1 9  ? 0.369   -1.369  -13.312 0.50 36.18 ? 9   A   A C8    1 
ATOM   224 C C8    B A   A 1 9  ? 1.145   -2.098  -13.067 0.50 25.47 ? 9   A   A C8    1 
ATOM   225 N N7    A A   A 1 9  ? 1.595   -1.337  -13.791 0.50 35.80 ? 9   A   A N7    1 
ATOM   226 N N7    B A   A 1 9  ? 2.366   -1.992  -13.539 0.50 24.96 ? 9   A   A N7    1 
ATOM   227 C C5    A A   A 1 9  ? 1.415   -1.335  -15.180 0.50 34.80 ? 9   A   A C5    1 
ATOM   228 C C5    B A   A 1 9  ? 2.192   -1.930  -14.916 0.50 24.98 ? 9   A   A C5    1 
ATOM   229 C C6    A A   A 1 9  ? 2.334   -1.281  -16.280 0.50 34.92 ? 9   A   A C6    1 
ATOM   230 C C6    B A   A 1 9  ? 3.116   -1.812  -15.984 0.50 25.09 ? 9   A   A C6    1 
ATOM   231 N N6    A A   A 1 9  ? 3.678   -1.222  -16.140 0.50 34.11 ? 9   A   A N6    1 
ATOM   232 N N6    B A   A 1 9  ? 4.447   -1.751  -15.808 0.50 22.39 ? 9   A   A N6    1 
ATOM   233 N N1    A A   A 1 9  ? 1.809   -1.275  -17.527 0.50 33.98 ? 9   A   A N1    1 
ATOM   234 N N1    B A   A 1 9  ? 2.612   -1.770  -17.242 0.50 23.66 ? 9   A   A N1    1 
ATOM   235 C C2    A A   A 1 9  ? 0.476   -1.298  -17.670 0.50 33.90 ? 9   A   A C2    1 
ATOM   236 C C2    B A   A 1 9  ? 1.266   -1.848  -17.417 0.50 25.66 ? 9   A   A C2    1 
ATOM   237 N N3    A A   A 1 9  ? -0.474  -1.328  -16.732 0.50 34.91 ? 9   A   A N3    1 
ATOM   238 N N3    B A   A 1 9  ? 0.308   -1.961  -16.495 0.50 26.31 ? 9   A   A N3    1 
ATOM   239 C C4    A A   A 1 9  ? 0.070   -1.355  -15.499 0.50 35.49 ? 9   A   A C4    1 
ATOM   240 C C4    B A   A 1 9  ? 0.847   -1.998  -15.252 0.50 25.35 ? 9   A   A C4    1 
ATOM   241 P P     A G   A 1 10 ? -3.244  -5.582  -11.583 0.50 39.31 ? 10  G   A P     1 
ATOM   242 P P     B G   A 1 10 ? -2.725  -2.597  -9.256  0.50 23.23 ? 10  G   A P     1 
ATOM   243 O OP1   A G   A 1 10 ? -2.154  -6.312  -12.214 0.50 36.94 ? 10  G   A OP1   1 
ATOM   244 O OP1   B G   A 1 10 ? -2.800  -1.441  -8.337  0.50 22.64 ? 10  G   A OP1   1 
ATOM   245 O OP2   A G   A 1 10 ? -4.533  -6.270  -11.400 0.50 38.94 ? 10  G   A OP2   1 
ATOM   246 O OP2   B G   A 1 10 ? -1.542  -3.437  -9.275  0.50 20.00 ? 10  G   A OP2   1 
ATOM   247 O "O5'" A G   A 1 10 ? -2.833  -5.076  -10.137 0.50 34.87 ? 10  G   A "O5'" 1 
ATOM   248 O "O5'" B G   A 1 10 ? -4.042  -3.466  -9.035  0.50 20.29 ? 10  G   A "O5'" 1 
ATOM   249 C "C5'" A G   A 1 10 ? -3.831  -4.520  -9.311  0.50 31.45 ? 10  G   A "C5'" 1 
ATOM   250 C "C5'" B G   A 1 10 ? -4.220  -4.726  -9.631  0.50 18.11 ? 10  G   A "C5'" 1 
ATOM   251 C "C4'" A G   A 1 10 ? -4.482  -5.623  -8.503  0.50 29.55 ? 10  G   A "C4'" 1 
ATOM   252 C "C4'" B G   A 1 10 ? -4.508  -5.753  -8.530  0.50 19.39 ? 10  G   A "C4'" 1 
ATOM   253 O "O4'" A G   A 1 10 ? -3.495  -6.210  -7.641  0.50 27.13 ? 10  G   A "O4'" 1 
ATOM   254 O "O4'" B G   A 1 10 ? -3.406  -5.777  -7.586  0.50 16.64 ? 10  G   A "O4'" 1 
ATOM   255 C "C3'" A G   A 1 10 ? -5.650  -5.243  -7.601  0.50 27.25 ? 10  G   A "C3'" 1 
ATOM   256 C "C3'" B G   A 1 10 ? -5.686  -5.374  -7.634  0.50 19.40 ? 10  G   A "C3'" 1 
ATOM   257 O "O3'" A G   A 1 10 ? -6.856  -5.423  -8.347  0.50 26.87 ? 10  G   A "O3'" 1 
ATOM   258 O "O3'" B G   A 1 10 ? -6.944  -5.575  -8.284  0.50 22.90 ? 10  G   A "O3'" 1 
ATOM   259 C "C2'" A G   A 1 10 ? -5.614  -6.378  -6.596  0.50 26.50 ? 10  G   A "C2'" 1 
ATOM   260 C "C2'" B G   A 1 10 ? -5.435  -6.271  -6.424  0.50 18.25 ? 10  G   A "C2'" 1 
ATOM   261 O "O2'" A G   A 1 10 ? -6.260  -7.461  -7.244  0.50 26.85 ? 10  G   A "O2'" 1 
ATOM   262 O "O2'" B G   A 1 10 ? -5.791  -7.635  -6.609  0.50 18.43 ? 10  G   A "O2'" 1 
ATOM   263 C "C1'" A G   A 1 10 ? -4.103  -6.594  -6.429  0.50 26.78 ? 10  G   A "C1'" 1 
ATOM   264 C "C1'" B G   A 1 10 ? -3.921  -6.132  -6.305  0.50 18.54 ? 10  G   A "C1'" 1 
ATOM   265 N N9    A G   A 1 10 ? -3.575  -5.664  -5.450  0.50 24.87 ? 10  G   A N9    1 
ATOM   266 N N9    B G   A 1 10 ? -3.592  -5.063  -5.383  0.50 16.49 ? 10  G   A N9    1 
ATOM   267 C C8    A G   A 1 10 ? -2.670  -4.653  -5.659  0.50 24.70 ? 10  G   A C8    1 
ATOM   268 C C8    B G   A 1 10 ? -2.978  -3.871  -5.639  0.50 16.76 ? 10  G   A C8    1 
ATOM   269 N N7    A G   A 1 10 ? -2.499  -3.902  -4.604  0.50 24.46 ? 10  G   A N7    1 
ATOM   270 N N7    B G   A 1 10 ? -2.734  -3.185  -4.550  0.50 16.48 ? 10  G   A N7    1 
ATOM   271 C C5    A G   A 1 10 ? -3.326  -4.473  -3.645  0.50 22.90 ? 10  G   A C5    1 
ATOM   272 C C5    B G   A 1 10 ? -3.237  -3.974  -3.524  0.50 15.12 ? 10  G   A C5    1 
ATOM   273 C C6    A G   A 1 10 ? -3.611  -4.086  -2.307  0.50 22.82 ? 10  G   A C6    1 
ATOM   274 C C6    B G   A 1 10 ? -3.257  -3.769  -2.108  0.50 15.52 ? 10  G   A C6    1 
ATOM   275 O O6    A G   A 1 10 ? -3.250  -3.055  -1.700  0.50 22.68 ? 10  G   A O6    1 
ATOM   276 O O6    B G   A 1 10 ? -2.754  -2.831  -1.449  0.50 14.61 ? 10  G   A O6    1 
ATOM   277 N N1    A G   A 1 10 ? -4.451  -5.004  -1.689  0.50 21.74 ? 10  G   A N1    1 
ATOM   278 N N1    B G   A 1 10 ? -3.926  -4.798  -1.454  0.50 14.35 ? 10  G   A N1    1 
ATOM   279 C C2    A G   A 1 10 ? -4.977  -6.124  -2.280  0.50 23.32 ? 10  G   A C2    1 
ATOM   280 C C2    B G   A 1 10 ? -4.452  -5.907  -2.061  0.50 16.21 ? 10  G   A C2    1 
ATOM   281 N N2    A G   A 1 10 ? -5.672  -6.955  -1.499  0.50 20.24 ? 10  G   A N2    1 
ATOM   282 N N2    B G   A 1 10 ? -5.050  -6.922  -1.256  0.50 15.70 ? 10  G   A N2    1 
ATOM   283 N N3    A G   A 1 10 ? -4.801  -6.444  -3.545  0.50 23.61 ? 10  G   A N3    1 
ATOM   284 N N3    B G   A 1 10 ? -4.421  -6.102  -3.365  0.50 16.51 ? 10  G   A N3    1 
ATOM   285 C C4    A G   A 1 10 ? -3.960  -5.589  -4.155  0.50 24.07 ? 10  G   A C4    1 
ATOM   286 C C4    B G   A 1 10 ? -3.808  -5.109  -4.024  0.50 16.40 ? 10  G   A C4    1 
ATOM   287 P P     . U   A 1 11 ? -8.135  -4.524  -8.034  1.00 26.87 ? 11  U   A P     1 
ATOM   288 O OP1   . U   A 1 11 ? -9.287  -5.079  -8.817  1.00 28.19 ? 11  U   A OP1   1 
ATOM   289 O OP2   . U   A 1 11 ? -7.706  -3.106  -8.195  1.00 26.14 ? 11  U   A OP2   1 
ATOM   290 O "O5'" . U   A 1 11 ? -8.407  -4.687  -6.422  1.00 23.05 ? 11  U   A "O5'" 1 
ATOM   291 C "C5'" . U   A 1 11 ? -8.928  -5.910  -5.943  1.00 22.56 ? 11  U   A "C5'" 1 
ATOM   292 C "C4'" . U   A 1 11 ? -9.222  -5.802  -4.477  1.00 21.25 ? 11  U   A "C4'" 1 
ATOM   293 O "O4'" . U   A 1 11 ? -7.987  -5.612  -3.762  1.00 20.92 ? 11  U   A "O4'" 1 
ATOM   294 C "C3'" . U   A 1 11 ? -10.064 -4.605  -4.112  1.00 19.80 ? 11  U   A "C3'" 1 
ATOM   295 O "O3'" . U   A 1 11 ? -11.461 -4.881  -4.361  1.00 22.42 ? 11  U   A "O3'" 1 
ATOM   296 C "C2'" . U   A 1 11 ? -9.694  -4.394  -2.653  1.00 18.75 ? 11  U   A "C2'" 1 
ATOM   297 O "O2'" . U   A 1 11 ? -10.346 -5.319  -1.765  1.00 18.97 ? 11  U   A "O2'" 1 
ATOM   298 C "C1'" . U   A 1 11 ? -8.207  -4.765  -2.620  1.00 21.13 ? 11  U   A "C1'" 1 
ATOM   299 N N1    . U   A 1 11 ? -7.313  -3.604  -2.762  1.00 19.12 ? 11  U   A N1    1 
ATOM   300 C C2    . U   A 1 11 ? -6.916  -2.953  -1.646  1.00 19.69 ? 11  U   A C2    1 
ATOM   301 O O2    . U   A 1 11 ? -7.379  -3.194  -0.545  1.00 19.62 ? 11  U   A O2    1 
ATOM   302 N N3    . U   A 1 11 ? -5.941  -1.960  -1.846  1.00 18.66 ? 11  U   A N3    1 
ATOM   303 C C4    . U   A 1 11 ? -5.467  -1.533  -3.086  1.00 21.29 ? 11  U   A C4    1 
ATOM   304 O O4    . U   A 1 11 ? -4.645  -0.603  -3.110  1.00 22.09 ? 11  U   A O4    1 
ATOM   305 C C5    . U   A 1 11 ? -6.038  -2.185  -4.217  1.00 20.82 ? 11  U   A C5    1 
ATOM   306 C C6    . U   A 1 11 ? -6.883  -3.199  -4.038  1.00 20.33 ? 11  U   A C6    1 
ATOM   307 P P     . C   A 1 12 ? -12.445 -3.728  -4.733  1.00 20.59 ? 12  C   A P     1 
ATOM   308 O OP1   . C   A 1 12 ? -13.742 -4.358  -5.173  1.00 23.98 ? 12  C   A OP1   1 
ATOM   309 O OP2   . C   A 1 12 ? -11.784 -2.758  -5.603  1.00 23.92 ? 12  C   A OP2   1 
ATOM   310 O "O5'" . C   A 1 12 ? -12.711 -2.976  -3.345  1.00 20.31 ? 12  C   A "O5'" 1 
ATOM   311 C "C5'" . C   A 1 12 ? -13.261 -3.654  -2.235  1.00 18.84 ? 12  C   A "C5'" 1 
ATOM   312 C "C4'" . C   A 1 12 ? -13.113 -2.845  -0.984  1.00 19.38 ? 12  C   A "C4'" 1 
ATOM   313 O "O4'" . C   A 1 12 ? -11.698 -2.586  -0.778  1.00 19.14 ? 12  C   A "O4'" 1 
ATOM   314 C "C3'" . C   A 1 12 ? -13.849 -1.495  -1.075  1.00 20.09 ? 12  C   A "C3'" 1 
ATOM   315 O "O3'" . C   A 1 12 ? -14.267 -1.148  0.218   1.00 21.83 ? 12  C   A "O3'" 1 
ATOM   316 C "C2'" . C   A 1 12 ? -12.748 -0.510  -1.356  1.00 21.09 ? 12  C   A "C2'" 1 
ATOM   317 O "O2'" . C   A 1 12 ? -13.094 0.874   -1.068  1.00 23.28 ? 12  C   A "O2'" 1 
ATOM   318 C "C1'" . C   A 1 12 ? -11.569 -1.185  -0.651  1.00 21.87 ? 12  C   A "C1'" 1 
ATOM   319 N N1    . C   A 1 12 ? -10.291 -0.725  -1.076  1.00 21.05 ? 12  C   A N1    1 
ATOM   320 C C2    . C   A 1 12 ? -9.370  -0.366  0.003   1.00 21.71 ? 12  C   A C2    1 
ATOM   321 O O2    . C   A 1 12 ? -9.679  -0.674  1.168   1.00 18.27 ? 12  C   A O2    1 
ATOM   322 N N3    . C   A 1 12 ? -8.240  0.270   -0.311  1.00 20.72 ? 12  C   A N3    1 
ATOM   323 C C4    . C   A 1 12 ? -7.976  0.527   -1.610  1.00 20.97 ? 12  C   A C4    1 
ATOM   324 N N4    . C   A 1 12 ? -6.951  1.297   -1.890  1.00 20.61 ? 12  C   A N4    1 
ATOM   325 C C5    . C   A 1 12 ? -8.808  0.045   -2.697  1.00 20.40 ? 12  C   A C5    1 
ATOM   326 C C6    . C   A 1 12 ? -9.942  -0.565  -2.385  1.00 21.34 ? 12  C   A C6    1 
ATOM   327 P P     . G   A 1 13 ? -15.848 -1.085  0.632   1.00 21.71 ? 13  G   A P     1 
ATOM   328 O OP1   . G   A 1 13 ? -16.341 -2.390  1.299   1.00 21.25 ? 13  G   A OP1   1 
ATOM   329 O OP2   . G   A 1 13 ? -16.584 -0.296  -0.456  1.00 23.10 ? 13  G   A OP2   1 
ATOM   330 O "O5'" . G   A 1 13 ? -15.690 -0.153  1.898   1.00 22.48 ? 13  G   A "O5'" 1 
ATOM   331 C "C5'" . G   A 1 13 ? -15.492 1.239   1.685   1.00 19.68 ? 13  G   A "C5'" 1 
ATOM   332 C "C4'" . G   A 1 13 ? -14.868 1.789   2.906   1.00 20.07 ? 13  G   A "C4'" 1 
ATOM   333 O "O4'" . G   A 1 13 ? -13.513 1.274   3.092   1.00 19.31 ? 13  G   A "O4'" 1 
ATOM   334 C "C3'" . G   A 1 13 ? -14.698 3.284   2.898   1.00 19.65 ? 13  G   A "C3'" 1 
ATOM   335 O "O3'" . G   A 1 13 ? -15.940 3.860   3.361   1.00 22.95 ? 13  G   A "O3'" 1 
ATOM   336 C "C2'" . G   A 1 13 ? -13.658 3.453   3.955   1.00 20.94 ? 13  G   A "C2'" 1 
ATOM   337 O "O2'" . G   A 1 13 ? -14.166 3.207   5.249   1.00 20.45 ? 13  G   A "O2'" 1 
ATOM   338 C "C1'" . G   A 1 13 ? -12.690 2.334   3.627   1.00 19.60 ? 13  G   A "C1'" 1 
ATOM   339 N N9    . G   A 1 13 ? -11.757 2.738   2.595   1.00 18.74 ? 13  G   A N9    1 
ATOM   340 C C8    . G   A 1 13 ? -11.731 2.359   1.289   1.00 18.10 ? 13  G   A C8    1 
ATOM   341 N N7    . G   A 1 13 ? -10.717 2.875   0.605   1.00 20.33 ? 13  G   A N7    1 
ATOM   342 C C5    . G   A 1 13 ? -10.048 3.666   1.535   1.00 18.23 ? 13  G   A C5    1 
ATOM   343 C C6    . G   A 1 13 ? -8.898  4.509   1.349   1.00 20.22 ? 13  G   A C6    1 
ATOM   344 O O6    . G   A 1 13 ? -8.192  4.654   0.318   1.00 18.15 ? 13  G   A O6    1 
ATOM   345 N N1    . G   A 1 13 ? -8.613  5.197   2.511   1.00 16.38 ? 13  G   A N1    1 
ATOM   346 C C2    . G   A 1 13 ? -9.301  5.039   3.738   1.00 17.18 ? 13  G   A C2    1 
ATOM   347 N N2    . G   A 1 13 ? -8.839  5.769   4.784   1.00 17.33 ? 13  G   A N2    1 
ATOM   348 N N3    . G   A 1 13 ? -10.384 4.232   3.906   1.00 16.85 ? 13  G   A N3    1 
ATOM   349 C C4    . G   A 1 13 ? -10.687 3.619   2.768   1.00 19.36 ? 13  G   A C4    1 
ATOM   350 P P     . C   A 1 14 ? -16.450 5.213   2.667   1.00 19.87 ? 14  C   A P     1 
ATOM   351 O OP1   . C   A 1 14 ? -17.864 5.415   3.078   1.00 23.57 ? 14  C   A OP1   1 
ATOM   352 O OP2   . C   A 1 14 ? -16.107 5.330   1.260   1.00 20.64 ? 14  C   A OP2   1 
ATOM   353 O "O5'" . C   A 1 14 ? -15.556 6.279   3.395   1.00 19.51 ? 14  C   A "O5'" 1 
ATOM   354 C "C5'" . C   A 1 14 ? -15.612 6.419   4.791   1.00 19.69 ? 14  C   A "C5'" 1 
ATOM   355 C "C4'" . C   A 1 14 ? -14.523 7.396   5.267   1.00 19.75 ? 14  C   A "C4'" 1 
ATOM   356 O "O4'" . C   A 1 14 ? -13.240 6.750   5.143   1.00 19.81 ? 14  C   A "O4'" 1 
ATOM   357 C "C3'" . C   A 1 14 ? -14.361 8.720   4.513   1.00 18.05 ? 14  C   A "C3'" 1 
ATOM   358 O "O3'" . C   A 1 14 ? -15.322 9.641   5.040   1.00 19.89 ? 14  C   A "O3'" 1 
ATOM   359 C "C2'" . C   A 1 14 ? -12.944 9.081   4.922   1.00 17.51 ? 14  C   A "C2'" 1 
ATOM   360 O "O2'" . C   A 1 14 ? -12.911 9.398   6.287   1.00 19.13 ? 14  C   A "O2'" 1 
ATOM   361 C "C1'" . C   A 1 14 ? -12.232 7.722   4.803   1.00 20.60 ? 14  C   A "C1'" 1 
ATOM   362 N N1    . C   A 1 14 ? -11.741 7.491   3.407   1.00 19.68 ? 14  C   A N1    1 
ATOM   363 C C2    . C   A 1 14 ? -10.590 8.173   3.022   1.00 19.63 ? 14  C   A C2    1 
ATOM   364 O O2    . C   A 1 14 ? -10.017 8.850   3.870   1.00 19.51 ? 14  C   A O2    1 
ATOM   365 N N3    . C   A 1 14 ? -10.148 8.096   1.761   1.00 17.02 ? 14  C   A N3    1 
ATOM   366 C C4    . C   A 1 14 ? -10.771 7.312   0.896   1.00 19.10 ? 14  C   A C4    1 
ATOM   367 N N4    . C   A 1 14 ? -10.265 7.186   -0.336  1.00 19.94 ? 14  C   A N4    1 
ATOM   368 C C5    . C   A 1 14 ? -11.950 6.627   1.254   1.00 18.05 ? 14  C   A C5    1 
ATOM   369 C C6    . C   A 1 14 ? -12.389 6.730   2.493   1.00 18.64 ? 14  C   A C6    1 
ATOM   370 P P     . U   A 1 15 ? -15.869 10.734  4.068   1.00 20.69 ? 15  U   A P     1 
ATOM   371 O OP1   . U   A 1 15 ? -16.845 11.464  4.893   1.00 22.07 ? 15  U   A OP1   1 
ATOM   372 O OP2   . U   A 1 15 ? -16.267 10.219  2.719   1.00 22.50 ? 15  U   A OP2   1 
ATOM   373 O "O5'" . U   A 1 15 ? -14.608 11.671  3.734   1.00 17.79 ? 15  U   A "O5'" 1 
ATOM   374 C "C5'" . U   A 1 15 ? -14.086 12.481  4.789   1.00 17.08 ? 15  U   A "C5'" 1 
ATOM   375 C "C4'" . U   A 1 15 ? -12.831 13.192  4.345   1.00 17.31 ? 15  U   A "C4'" 1 
ATOM   376 O "O4'" . U   A 1 15 ? -11.896 12.172  3.890   1.00 18.85 ? 15  U   A "O4'" 1 
ATOM   377 C "C3'" . U   A 1 15 ? -13.006 13.998  3.082   1.00 17.30 ? 15  U   A "C3'" 1 
ATOM   378 O "O3'" . U   A 1 15 ? -13.597 15.261  3.409   1.00 17.62 ? 15  U   A "O3'" 1 
ATOM   379 C "C2'" . U   A 1 15 ? -11.547 14.121  2.675   1.00 17.08 ? 15  U   A "C2'" 1 
ATOM   380 O "O2'" . U   A 1 15 ? -10.817 14.980  3.557   1.00 16.18 ? 15  U   A "O2'" 1 
ATOM   381 C "C1'" . U   A 1 15 ? -11.061 12.689  2.859   1.00 17.30 ? 15  U   A "C1'" 1 
ATOM   382 N N1    . U   A 1 15 ? -11.227 11.863  1.649   1.00 18.48 ? 15  U   A N1    1 
ATOM   383 C C2    . U   A 1 15 ? -10.280 12.043  0.716   1.00 16.17 ? 15  U   A C2    1 
ATOM   384 O O2    . U   A 1 15 ? -9.378  12.877  0.888   1.00 13.68 ? 15  U   A O2    1 
ATOM   385 N N3    . U   A 1 15 ? -10.414 11.281  -0.435  1.00 16.66 ? 15  U   A N3    1 
ATOM   386 C C4    . U   A 1 15 ? -11.430 10.410  -0.712  1.00 19.11 ? 15  U   A C4    1 
ATOM   387 O O4    . U   A 1 15 ? -11.385 9.734   -1.750  1.00 19.21 ? 15  U   A O4    1 
ATOM   388 C C5    . U   A 1 15 ? -12.443 10.297  0.340   1.00 19.92 ? 15  U   A C5    1 
ATOM   389 C C6    . U   A 1 15 ? -12.298 11.010  1.451   1.00 19.71 ? 15  U   A C6    1 
ATOM   390 P P     . C   A 1 16 ? -14.452 15.991  2.333   1.00 18.62 ? 16  C   A P     1 
ATOM   391 O OP1   . C   A 1 16 ? -15.259 16.967  3.080   1.00 17.10 ? 16  C   A OP1   1 
ATOM   392 O OP2   . C   A 1 16 ? -15.189 15.084  1.385   1.00 18.47 ? 16  C   A OP2   1 
ATOM   393 O "O5'" . C   A 1 16 ? -13.419 16.731  1.394   1.00 15.39 ? 16  C   A "O5'" 1 
ATOM   394 C "C5'" . C   A 1 16 ? -12.508 17.661  1.952   1.00 16.58 ? 16  C   A "C5'" 1 
ATOM   395 C "C4'" . C   A 1 16 ? -11.359 17.909  0.994   1.00 18.96 ? 16  C   A "C4'" 1 
ATOM   396 O "O4'" . C   A 1 16 ? -10.617 16.672  0.785   1.00 17.72 ? 16  C   A "O4'" 1 
ATOM   397 C "C3'" . C   A 1 16 ? -11.752 18.380  -0.428  1.00 15.15 ? 16  C   A "C3'" 1 
ATOM   398 O "O3'" . C   A 1 16 ? -11.981 19.766  -0.301  1.00 20.03 ? 16  C   A "O3'" 1 
ATOM   399 C "C2'" . C   A 1 16 ? -10.451 18.081  -1.163  1.00 16.91 ? 16  C   A "C2'" 1 
ATOM   400 O "O2'" . C   A 1 16 ? -9.362  18.936  -0.851  1.00 18.28 ? 16  C   A "O2'" 1 
ATOM   401 C "C1'" . C   A 1 16 ? -10.088 16.718  -0.572  1.00 17.48 ? 16  C   A "C1'" 1 
ATOM   402 N N1    . C   A 1 16 ? -10.694 15.627  -1.348  1.00 15.91 ? 16  C   A N1    1 
ATOM   403 C C2    . C   A 1 16 ? -10.032 15.250  -2.541  1.00 17.53 ? 16  C   A C2    1 
ATOM   404 O O2    . C   A 1 16 ? -9.027  15.912  -2.908  1.00 17.57 ? 16  C   A O2    1 
ATOM   405 N N3    . C   A 1 16 ? -10.501 14.203  -3.267  1.00 18.43 ? 16  C   A N3    1 
ATOM   406 C C4    . C   A 1 16 ? -11.607 13.568  -2.884  1.00 18.64 ? 16  C   A C4    1 
ATOM   407 N N4    . C   A 1 16 ? -11.993 12.529  -3.622  1.00 19.98 ? 16  C   A N4    1 
ATOM   408 C C5    . C   A 1 16 ? -12.360 13.967  -1.725  1.00 18.54 ? 16  C   A C5    1 
ATOM   409 C C6    . C   A 1 16 ? -11.849 14.985  -0.970  1.00 17.10 ? 16  C   A C6    1 
ATOM   410 P P     . G   A 1 17 ? -12.867 20.551  -1.338  1.00 21.52 ? 17  G   A P     1 
ATOM   411 O OP1   . G   A 1 17 ? -12.859 21.981  -0.958  1.00 22.53 ? 17  G   A OP1   1 
ATOM   412 O OP2   . G   A 1 17 ? -14.069 19.854  -1.563  1.00 19.83 ? 17  G   A OP2   1 
ATOM   413 O "O5'" . G   A 1 17 ? -11.812 20.501  -2.579  1.00 20.95 ? 17  G   A "O5'" 1 
ATOM   414 C "C5'" . G   A 1 17 ? -12.280 20.165  -3.809  1.00 21.09 ? 17  G   A "C5'" 1 
ATOM   415 C "C4'" . G   A 1 17 ? -11.086 19.982  -4.729  1.00 17.20 ? 17  G   A "C4'" 1 
ATOM   416 O "O4'" . G   A 1 17 ? -10.561 18.685  -4.423  1.00 19.25 ? 17  G   A "O4'" 1 
ATOM   417 C "C3'" . G   A 1 17 ? -11.568 19.885  -6.137  1.00 19.27 ? 17  G   A "C3'" 1 
ATOM   418 O "O3'" . G   A 1 17 ? -11.632 21.203  -6.679  1.00 19.13 ? 17  G   A "O3'" 1 
ATOM   419 C "C2'" . G   A 1 17 ? -10.515 19.008  -6.771  1.00 15.87 ? 17  G   A "C2'" 1 
ATOM   420 O "O2'" . G   A 1 17 ? -9.319  19.682  -6.989  1.00 16.07 ? 17  G   A "O2'" 1 
ATOM   421 C "C1'" . G   A 1 17 ? -10.284 17.945  -5.649  1.00 16.34 ? 17  G   A "C1'" 1 
ATOM   422 N N9    . G   A 1 17 ? -11.261 16.849  -5.770  1.00 16.39 ? 17  G   A N9    1 
ATOM   423 C C8    . G   A 1 17 ? -12.334 16.546  -4.918  1.00 18.62 ? 17  G   A C8    1 
ATOM   424 N N7    . G   A 1 17 ? -13.004 15.510  -5.307  1.00 18.05 ? 17  G   A N7    1 
ATOM   425 C C5    . G   A 1 17 ? -12.320 15.082  -6.468  1.00 19.44 ? 17  G   A C5    1 
ATOM   426 C C6    . G   A 1 17 ? -12.623 14.000  -7.359  1.00 18.90 ? 17  G   A C6    1 
ATOM   427 O O6    . G   A 1 17 ? -13.477 13.131  -7.236  1.00 23.23 ? 17  G   A O6    1 
ATOM   428 N N1    . G   A 1 17 ? -11.798 13.993  -8.455  1.00 17.35 ? 17  G   A N1    1 
ATOM   429 C C2    . G   A 1 17 ? -10.786 14.887  -8.656  1.00 16.13 ? 17  G   A C2    1 
ATOM   430 N N2    . G   A 1 17 ? -10.089 14.686  -9.833  1.00 16.36 ? 17  G   A N2    1 
ATOM   431 N N3    . G   A 1 17 ? -10.457 15.879  -7.821  1.00 14.16 ? 17  G   A N3    1 
ATOM   432 C C4    . G   A 1 17 ? -11.268 15.906  -6.749  1.00 16.40 ? 17  G   A C4    1 
ATOM   433 P P     . G   A 1 18 ? -12.615 21.469  -7.911  1.00 21.20 ? 18  G   A P     1 
ATOM   434 O OP1   . G   A 1 18 ? -12.665 23.008  -7.938  1.00 20.89 ? 18  G   A OP1   1 
ATOM   435 O OP2   . G   A 1 18 ? -13.902 20.700  -7.796  1.00 20.01 ? 18  G   A OP2   1 
ATOM   436 O "O5'" . G   A 1 18 ? -11.927 20.849  -9.181  1.00 19.30 ? 18  G   A "O5'" 1 
ATOM   437 C "C5'" . G   A 1 18 ? -10.659 21.266  -9.611  1.00 20.96 ? 18  G   A "C5'" 1 
ATOM   438 C "C4'" . G   A 1 18 ? -10.334 20.536  -10.850 1.00 19.21 ? 18  G   A "C4'" 1 
ATOM   439 O "O4'" . G   A 1 18 ? -10.207 19.140  -10.482 1.00 19.16 ? 18  G   A "O4'" 1 
ATOM   440 C "C3'" . G   A 1 18 ? -11.362 20.565  -11.993 1.00 20.95 ? 18  G   A "C3'" 1 
ATOM   441 O "O3'" . G   A 1 18 ? -11.069 21.702  -12.877 1.00 21.98 ? 18  G   A "O3'" 1 
ATOM   442 C "C2'" . G   A 1 18 ? -10.989 19.307  -12.749 1.00 19.69 ? 18  G   A "C2'" 1 
ATOM   443 O "O2'" . G   A 1 18 ? -9.775  19.463  -13.549 1.00 20.52 ? 18  G   A "O2'" 1 
ATOM   444 C "C1'" . G   A 1 18 ? -10.578 18.371  -11.584 1.00 18.92 ? 18  G   A "C1'" 1 
ATOM   445 N N9    . G   A 1 18 ? -11.711 17.554  -11.130 1.00 17.81 ? 18  G   A N9    1 
ATOM   446 C C8    . G   A 1 18 ? -12.466 17.695  -9.989  1.00 18.30 ? 18  G   A C8    1 
ATOM   447 N N7    . G   A 1 18 ? -13.387 16.720  -9.858  1.00 18.63 ? 18  G   A N7    1 
ATOM   448 C C5    . G   A 1 18 ? -13.195 15.937  -11.007 1.00 17.35 ? 18  G   A C5    1 
ATOM   449 C C6    . G   A 1 18 ? -13.848 14.753  -11.439 1.00 17.12 ? 18  G   A C6    1 
ATOM   450 O O6    . G   A 1 18 ? -14.751 14.095  -10.834 1.00 19.08 ? 18  G   A O6    1 
ATOM   451 N N1    . G   A 1 18 ? -13.403 14.327  -12.690 1.00 18.07 ? 18  G   A N1    1 
ATOM   452 C C2    . G   A 1 18 ? -12.413 14.906  -13.409 1.00 17.46 ? 18  G   A C2    1 
ATOM   453 N N2    . G   A 1 18 ? -12.090 14.294  -14.598 1.00 19.48 ? 18  G   A N2    1 
ATOM   454 N N3    . G   A 1 18 ? -11.734 15.986  -13.030 1.00 16.85 ? 18  G   A N3    1 
ATOM   455 C C4    . G   A 1 18 ? -12.184 16.457  -11.801 1.00 17.46 ? 18  G   A C4    1 
ATOM   456 O "O5'" . C   B 2 1  ? -10.863 6.958   -13.320 1.00 26.91 ? 9   C   C "O5'" 1 
ATOM   457 C "C5'" . C   B 2 1  ? -10.260 7.342   -14.475 1.00 26.87 ? 9   C   C "C5'" 1 
ATOM   458 C "C4'" . C   B 2 1  ? -9.772  8.784   -14.451 1.00 28.10 ? 9   C   C "C4'" 1 
ATOM   459 O "O4'" . C   B 2 1  ? -10.902 9.702   -14.395 1.00 28.13 ? 9   C   C "O4'" 1 
ATOM   460 C "C3'" . C   B 2 1  ? -8.922  9.165   -13.227 1.00 25.78 ? 9   C   C "C3'" 1 
ATOM   461 O "O3'" . C   B 2 1  ? -7.570  8.775   -13.439 1.00 27.19 ? 9   C   C "O3'" 1 
ATOM   462 C "C2'" . C   B 2 1  ? -9.080  10.680  -13.182 1.00 24.66 ? 9   C   C "C2'" 1 
ATOM   463 O "O2'" . C   B 2 1  ? -8.277  11.322  -14.140 1.00 27.37 ? 9   C   C "O2'" 1 
ATOM   464 C "C1'" . C   B 2 1  ? -10.570 10.848  -13.567 1.00 24.73 ? 9   C   C "C1'" 1 
ATOM   465 N N1    . C   B 2 1  ? -11.379 10.806  -12.340 1.00 23.99 ? 9   C   C N1    1 
ATOM   466 C C2    . C   B 2 1  ? -11.363 11.909  -11.488 1.00 20.03 ? 9   C   C C2    1 
ATOM   467 O O2    . C   B 2 1  ? -10.590 12.825  -11.749 1.00 20.47 ? 9   C   C O2    1 
ATOM   468 N N3    . C   B 2 1  ? -12.155 11.920  -10.390 1.00 21.70 ? 9   C   C N3    1 
ATOM   469 C C4    . C   B 2 1  ? -12.892 10.844  -10.080 1.00 23.03 ? 9   C   C C4    1 
ATOM   470 N N4    . C   B 2 1  ? -13.653 10.863  -9.023  1.00 23.57 ? 9   C   C N4    1 
ATOM   471 C C5    . C   B 2 1  ? -12.881 9.675   -10.889 1.00 24.17 ? 9   C   C C5    1 
ATOM   472 C C6    . C   B 2 1  ? -12.128 9.705   -12.012 1.00 23.45 ? 9   C   C C6    1 
ATOM   473 P P     . G   B 2 2  ? -6.637  8.396   -12.168 1.00 28.95 ? 10  G   C P     1 
ATOM   474 O OP1   . G   B 2 2  ? -5.364  7.846   -12.660 1.00 26.68 ? 10  G   C OP1   1 
ATOM   475 O OP2   . G   B 2 2  ? -7.415  7.731   -11.075 1.00 24.10 ? 10  G   C OP2   1 
ATOM   476 O "O5'" . G   B 2 2  ? -6.265  9.863   -11.618 1.00 23.45 ? 10  G   C "O5'" 1 
ATOM   477 C "C5'" . G   B 2 2  ? -5.331  10.689  -12.293 1.00 21.39 ? 10  G   C "C5'" 1 
ATOM   478 C "C4'" . G   B 2 2  ? -4.980  11.919  -11.422 1.00 19.23 ? 10  G   C "C4'" 1 
ATOM   479 O "O4'" . G   B 2 2  ? -6.206  12.686  -11.263 1.00 18.29 ? 10  G   C "O4'" 1 
ATOM   480 C "C3'" . G   B 2 2  ? -4.636  11.565  -9.978  1.00 17.99 ? 10  G   C "C3'" 1 
ATOM   481 O "O3'" . G   B 2 2  ? -3.286  11.183  -9.888  1.00 18.40 ? 10  G   C "O3'" 1 
ATOM   482 C "C2'" . G   B 2 2  ? -4.842  12.941  -9.340  1.00 16.50 ? 10  G   C "C2'" 1 
ATOM   483 O "O2'" . G   B 2 2  ? -3.860  13.851  -9.790  1.00 17.59 ? 10  G   C "O2'" 1 
ATOM   484 C "C1'" . G   B 2 2  ? -6.197  13.301  -9.938  1.00 19.09 ? 10  G   C "C1'" 1 
ATOM   485 N N9    . G   B 2 2  ? -7.310  12.675  -9.177  1.00 15.13 ? 10  G   C N9    1 
ATOM   486 C C8    . G   B 2 2  ? -8.022  11.597  -9.525  1.00 15.57 ? 10  G   C C8    1 
ATOM   487 N N7    . G   B 2 2  ? -8.944  11.257  -8.643  1.00 17.88 ? 10  G   C N7    1 
ATOM   488 C C5    . G   B 2 2  ? -8.837  12.266  -7.654  1.00 15.66 ? 10  G   C C5    1 
ATOM   489 C C6    . G   B 2 2  ? -9.563  12.483  -6.443  1.00 16.75 ? 10  G   C C6    1 
ATOM   490 O O6    . G   B 2 2  ? -10.520 11.896  -6.023  1.00 16.98 ? 10  G   C O6    1 
ATOM   491 N N1    . G   B 2 2  ? -9.096  13.550  -5.749  1.00 15.74 ? 10  G   C N1    1 
ATOM   492 C C2    . G   B 2 2  ? -8.048  14.367  -6.147  1.00 19.28 ? 10  G   C C2    1 
ATOM   493 N N2    . G   B 2 2  ? -7.706  15.430  -5.323  1.00 18.08 ? 10  G   C N2    1 
ATOM   494 N N3    . G   B 2 2  ? -7.350  14.172  -7.290  1.00 17.16 ? 10  G   C N3    1 
ATOM   495 C C4    . G   B 2 2  ? -7.821  13.128  -7.977  1.00 15.98 ? 10  G   C C4    1 
ATOM   496 P P     . A   B 2 3  ? -2.775  10.215  -8.681  1.00 21.23 ? 11  A   C P     1 
ATOM   497 O OP1   . A   B 2 3  ? -1.382  9.883   -9.066  1.00 23.09 ? 11  A   C OP1   1 
ATOM   498 O OP2   . A   B 2 3  ? -3.717  9.157   -8.364  1.00 18.93 ? 11  A   C OP2   1 
ATOM   499 O "O5'" . A   B 2 3  ? -2.861  11.155  -7.406  1.00 19.95 ? 11  A   C "O5'" 1 
ATOM   500 C "C5'" . A   B 2 3  ? -2.042  12.306  -7.333  1.00 19.42 ? 11  A   C "C5'" 1 
ATOM   501 C "C4'" . A   B 2 3  ? -2.435  13.152  -6.095  1.00 20.08 ? 11  A   C "C4'" 1 
ATOM   502 O "O4'" . A   B 2 3  ? -3.836  13.476  -6.219  1.00 19.76 ? 11  A   C "O4'" 1 
ATOM   503 C "C3'" . A   B 2 3  ? -2.392  12.426  -4.757  1.00 19.13 ? 11  A   C "C3'" 1 
ATOM   504 O "O3'" . A   B 2 3  ? -1.058  12.333  -4.284  1.00 19.61 ? 11  A   C "O3'" 1 
ATOM   505 C "C2'" . A   B 2 3  ? -3.324  13.299  -3.899  1.00 18.92 ? 11  A   C "C2'" 1 
ATOM   506 O "O2'" . A   B 2 3  ? -2.625  14.500  -3.589  1.00 21.04 ? 11  A   C "O2'" 1 
ATOM   507 C "C1'" . A   B 2 3  ? -4.464  13.538  -4.902  1.00 20.21 ? 11  A   C "C1'" 1 
ATOM   508 N N9    . A   B 2 3  ? -5.484  12.473  -4.844  1.00 18.28 ? 11  A   C N9    1 
ATOM   509 C C8    . A   B 2 3  ? -5.672  11.406  -5.690  1.00 16.35 ? 11  A   C C8    1 
ATOM   510 N N7    . A   B 2 3  ? -6.686  10.667  -5.375  1.00 20.81 ? 11  A   C N7    1 
ATOM   511 C C5    . A   B 2 3  ? -7.191  11.246  -4.202  1.00 16.50 ? 11  A   C C5    1 
ATOM   512 C C6    . A   B 2 3  ? -8.275  10.924  -3.418  1.00 18.94 ? 11  A   C C6    1 
ATOM   513 N N6    . A   B 2 3  ? -9.091  9.933   -3.674  1.00 16.53 ? 11  A   C N6    1 
ATOM   514 N N1    . A   B 2 3  ? -8.508  11.726  -2.302  1.00 18.55 ? 11  A   C N1    1 
ATOM   515 C C2    . A   B 2 3  ? -7.705  12.741  -2.072  1.00 17.40 ? 11  A   C C2    1 
ATOM   516 N N3    . A   B 2 3  ? -6.642  13.135  -2.771  1.00 20.23 ? 11  A   C N3    1 
ATOM   517 C C4    . A   B 2 3  ? -6.467  12.323  -3.852  1.00 19.91 ? 11  A   C C4    1 
ATOM   518 P P     . G   B 2 4  ? -0.675  11.172  -3.250  1.00 19.81 ? 12  G   C P     1 
ATOM   519 O OP1   . G   B 2 4  ? 0.814   11.236  -3.285  1.00 20.36 ? 12  G   C OP1   1 
ATOM   520 O OP2   . G   B 2 4  ? -1.343  9.886   -3.520  1.00 19.80 ? 12  G   C OP2   1 
ATOM   521 O "O5'" . G   B 2 4  ? -1.295  11.671  -1.875  1.00 19.01 ? 12  G   C "O5'" 1 
ATOM   522 C "C5'" . G   B 2 4  ? -0.865  12.890  -1.227  1.00 19.01 ? 12  G   C "C5'" 1 
ATOM   523 C "C4'" . G   B 2 4  ? -1.703  13.101  0.060   1.00 19.14 ? 12  G   C "C4'" 1 
ATOM   524 O "O4'" . G   B 2 4  ? -3.078  13.395  -0.277  1.00 17.98 ? 12  G   C "O4'" 1 
ATOM   525 C "C3'" . G   B 2 4  ? -1.799  11.864  0.950   1.00 19.68 ? 12  G   C "C3'" 1 
ATOM   526 O "O3'" . G   B 2 4  ? -0.588  11.784  1.716   1.00 18.65 ? 12  G   C "O3'" 1 
ATOM   527 C "C2'" . G   B 2 4  ? -3.021  12.228  1.791   1.00 15.68 ? 12  G   C "C2'" 1 
ATOM   528 O "O2'" . G   B 2 4  ? -2.724  13.280  2.723   1.00 18.43 ? 12  G   C "O2'" 1 
ATOM   529 C "C1'" . G   B 2 4  ? -3.942  12.831  0.715   1.00 17.11 ? 12  G   C "C1'" 1 
ATOM   530 N N9    . G   B 2 4  ? -4.680  11.717  0.094   1.00 18.06 ? 12  G   C N9    1 
ATOM   531 C C8    . G   B 2 4  ? -4.389  11.054  -1.099  1.00 15.86 ? 12  G   C C8    1 
ATOM   532 N N7    . G   B 2 4  ? -5.278  10.137  -1.376  1.00 16.34 ? 12  G   C N7    1 
ATOM   533 C C5    . G   B 2 4  ? -6.163  10.155  -0.318  1.00 17.04 ? 12  G   C C5    1 
ATOM   534 C C6    . G   B 2 4  ? -7.352  9.385   -0.085  1.00 18.33 ? 12  G   C C6    1 
ATOM   535 O O6    . G   B 2 4  ? -7.880  8.559   -0.812  1.00 19.53 ? 12  G   C O6    1 
ATOM   536 N N1    . G   B 2 4  ? -7.931  9.680   1.178   1.00 18.59 ? 12  G   C N1    1 
ATOM   537 C C2    . G   B 2 4  ? -7.438  10.612  2.045   1.00 16.09 ? 12  G   C C2    1 
ATOM   538 N N2    . G   B 2 4  ? -8.104  10.683  3.231   1.00 17.23 ? 12  G   C N2    1 
ATOM   539 N N3    . G   B 2 4  ? -6.390  11.400  1.778   1.00 17.36 ? 12  G   C N3    1 
ATOM   540 C C4    . G   B 2 4  ? -5.808  11.094  0.609   1.00 16.79 ? 12  G   C C4    1 
ATOM   541 P P     . C   B 2 5  ? 0.002   10.386  2.165   1.00 18.82 ? 13  C   C P     1 
ATOM   542 O OP1   . C   B 2 5  ? 1.346   10.636  2.942   1.00 20.09 ? 13  C   C OP1   1 
ATOM   543 O OP2   . C   B 2 5  ? -0.060  9.404   1.057   1.00 18.76 ? 13  C   C OP2   1 
ATOM   544 O "O5'" . C   B 2 5  ? -1.048  9.865   3.217   1.00 17.57 ? 13  C   C "O5'" 1 
ATOM   545 C "C5'" . C   B 2 5  ? -1.174  10.470  4.458   1.00 17.93 ? 13  C   C "C5'" 1 
ATOM   546 C "C4'" . C   B 2 5  ? -2.377  9.915   5.255   1.00 17.75 ? 13  C   C "C4'" 1 
ATOM   547 O "O4'" . C   B 2 5  ? -3.635  10.191  4.566   1.00 17.50 ? 13  C   C "O4'" 1 
ATOM   548 C "C3'" . C   B 2 5  ? -2.407  8.403   5.385   1.00 19.45 ? 13  C   C "C3'" 1 
ATOM   549 O "O3'" . C   B 2 5  ? -1.507  7.872   6.418   1.00 19.25 ? 13  C   C "O3'" 1 
ATOM   550 C "C2'" . C   B 2 5  ? -3.862  8.191   5.802   1.00 17.33 ? 13  C   C "C2'" 1 
ATOM   551 O "O2'" . C   B 2 5  ? -4.071  8.694   7.141   1.00 17.90 ? 13  C   C "O2'" 1 
ATOM   552 C "C1'" . C   B 2 5  ? -4.553  9.158   4.867   1.00 18.52 ? 13  C   C "C1'" 1 
ATOM   553 N N1    . C   B 2 5  ? -4.925  8.477   3.635   1.00 17.89 ? 13  C   C N1    1 
ATOM   554 C C2    . C   B 2 5  ? -6.063  7.633   3.633   1.00 16.49 ? 13  C   C C2    1 
ATOM   555 O O2    . C   B 2 5  ? -6.734  7.546   4.669   1.00 18.19 ? 13  C   C O2    1 
ATOM   556 N N3    . C   B 2 5  ? -6.336  6.936   2.535   1.00 16.53 ? 13  C   C N3    1 
ATOM   557 C C4    . C   B 2 5  ? -5.554  7.036   1.468   1.00 16.59 ? 13  C   C C4    1 
ATOM   558 N N4    . C   B 2 5  ? -5.894  6.320   0.396   1.00 18.23 ? 13  C   C N4    1 
ATOM   559 C C5    . C   B 2 5  ? -4.402  7.857   1.423   1.00 18.04 ? 13  C   C C5    1 
ATOM   560 C C6    . C   B 2 5  ? -4.131  8.589   2.509   1.00 18.81 ? 13  C   C C6    1 
ATOM   561 P P     . G   B 2 6  ? -0.917  6.409   6.159   1.00 21.64 ? 14  G   C P     1 
ATOM   562 O OP1   . G   B 2 6  ? 0.177   6.275   7.199   1.00 25.83 ? 14  G   C OP1   1 
ATOM   563 O OP2   . G   B 2 6  ? -0.577  6.179   4.696   1.00 23.56 ? 14  G   C OP2   1 
ATOM   564 O "O5'" . G   B 2 6  ? -2.134  5.424   6.474   1.00 22.30 ? 14  G   C "O5'" 1 
ATOM   565 C "C5'" . G   B 2 6  ? -2.752  5.393   7.752   1.00 23.16 ? 14  G   C "C5'" 1 
ATOM   566 C "C4'" . G   B 2 6  ? -4.029  4.567   7.668   1.00 21.37 ? 14  G   C "C4'" 1 
ATOM   567 O "O4'" . G   B 2 6  ? -4.888  5.174   6.644   1.00 20.80 ? 14  G   C "O4'" 1 
ATOM   568 C "C3'" . G   B 2 6  ? -3.909  3.153   7.165   1.00 18.51 ? 14  G   C "C3'" 1 
ATOM   569 O "O3'" . G   B 2 6  ? -3.459  2.288   8.244   1.00 19.29 ? 14  G   C "O3'" 1 
ATOM   570 C "C2'" . G   B 2 6  ? -5.375  2.891   6.802   1.00 20.63 ? 14  G   C "C2'" 1 
ATOM   571 O "O2'" . G   B 2 6  ? -6.126  2.906   7.977   1.00 22.84 ? 14  G   C "O2'" 1 
ATOM   572 C "C1'" . G   B 2 6  ? -5.724  4.179   6.062   1.00 20.17 ? 14  G   C "C1'" 1 
ATOM   573 N N9    . G   B 2 6  ? -5.441  4.047   4.648   1.00 18.28 ? 14  G   C N9    1 
ATOM   574 C C8    . G   B 2 6  ? -4.402  4.595   3.911   1.00 19.09 ? 14  G   C C8    1 
ATOM   575 N N7    . G   B 2 6  ? -4.410  4.221   2.674   1.00 20.20 ? 14  G   C N7    1 
ATOM   576 C C5    . G   B 2 6  ? -5.511  3.339   2.587   1.00 17.76 ? 14  G   C C5    1 
ATOM   577 C C6    . G   B 2 6  ? -6.009  2.620   1.450   1.00 17.03 ? 14  G   C C6    1 
ATOM   578 O O6    . G   B 2 6  ? -5.597  2.657   0.225   1.00 18.45 ? 14  G   C O6    1 
ATOM   579 N N1    . G   B 2 6  ? -7.125  1.836   1.802   1.00 16.76 ? 14  G   C N1    1 
ATOM   580 C C2    . G   B 2 6  ? -7.675  1.821   3.043   1.00 16.08 ? 14  G   C C2    1 
ATOM   581 N N2    . G   B 2 6  ? -8.802  0.976   3.290   1.00 18.43 ? 14  G   C N2    1 
ATOM   582 N N3    . G   B 2 6  ? -7.230  2.515   4.086   1.00 17.24 ? 14  G   C N3    1 
ATOM   583 C C4    . G   B 2 6  ? -6.150  3.244   3.767   1.00 19.11 ? 14  G   C C4    1 
ATOM   584 P P     . U   B 2 7  ? -2.862  0.843   7.864   1.00 19.91 ? 15  U   C P     1 
ATOM   585 O OP1   . U   B 2 7  ? -2.409  0.343   9.184   1.00 23.53 ? 15  U   C OP1   1 
ATOM   586 O OP2   . U   B 2 7  ? -1.888  0.854   6.690   1.00 18.90 ? 15  U   C OP2   1 
ATOM   587 O "O5'" . U   B 2 7  ? -4.153  0.005   7.388   1.00 20.21 ? 15  U   C "O5'" 1 
ATOM   588 C "C5'" . U   B 2 7  ? -5.211  -0.272  8.307   1.00 22.84 ? 15  U   C "C5'" 1 
ATOM   589 C "C4'" . U   B 2 7  ? -6.238  -1.200  7.650   1.00 20.67 ? 15  U   C "C4'" 1 
ATOM   590 O "O4'" . U   B 2 7  ? -6.693  -0.587  6.460   1.00 22.46 ? 15  U   C "O4'" 1 
ATOM   591 C "C3'" . U   B 2 7  ? -5.637  -2.479  7.101   1.00 19.36 ? 15  U   C "C3'" 1 
ATOM   592 O "O3'" . U   B 2 7  ? -5.468  -3.439  8.173   1.00 20.26 ? 15  U   C "O3'" 1 
ATOM   593 C "C2'" . U   B 2 7  ? -6.707  -2.940  6.121   1.00 20.62 ? 15  U   C "C2'" 1 
ATOM   594 O "O2'" . U   B 2 7  ? -7.850  -3.418  6.831   1.00 21.53 ? 15  U   C "O2'" 1 
ATOM   595 C "C1'" . U   B 2 7  ? -7.122  -1.570  5.529   1.00 19.70 ? 15  U   C "C1'" 1 
ATOM   596 N N1    . U   B 2 7  ? -6.434  -1.371  4.237   1.00 18.43 ? 15  U   C N1    1 
ATOM   597 C C2    . U   B 2 7  ? -6.978  -2.004  3.109   1.00 19.17 ? 15  U   C C2    1 
ATOM   598 O O2    . U   B 2 7  ? -7.951  -2.850  3.195   1.00 22.56 ? 15  U   C O2    1 
ATOM   599 N N3    . U   B 2 7  ? -6.407  -1.704  1.888   1.00 19.41 ? 15  U   C N3    1 
ATOM   600 C C4    . U   B 2 7  ? -5.300  -0.829  1.664   1.00 17.70 ? 15  U   C C4    1 
ATOM   601 O O4    . U   B 2 7  ? -4.868  -0.677  0.513   1.00 17.44 ? 15  U   C O4    1 
ATOM   602 C C5    . U   B 2 7  ? -4.744  -0.280  2.877   1.00 17.14 ? 15  U   C C5    1 
ATOM   603 C C6    . U   B 2 7  ? -5.294  -0.563  4.117   1.00 19.32 ? 15  U   C C6    1 
ATOM   604 P P     . C   B 2 8  ? -4.113  -4.312  8.253   1.00 20.43 ? 16  C   C P     1 
ATOM   605 O OP1   . C   B 2 8  ? -4.099  -4.886  9.713   1.00 21.89 ? 16  C   C OP1   1 
ATOM   606 O OP2   . C   B 2 8  ? -2.936  -3.532  7.670   1.00 21.58 ? 16  C   C OP2   1 
ATOM   607 O "O5'" . C   B 2 8  ? -4.426  -5.448  7.225   1.00 20.26 ? 16  C   C "O5'" 1 
ATOM   608 C "C5'" . C   B 2 8  ? -5.550  -6.307  7.441   1.00 22.09 ? 16  C   C "C5'" 1 
ATOM   609 C "C4'" . C   B 2 8  ? -5.930  -7.008  6.191   1.00 21.13 ? 16  C   C "C4'" 1 
ATOM   610 O "O4'" . C   B 2 8  ? -6.380  -6.064  5.209   1.00 20.94 ? 16  C   C "O4'" 1 
ATOM   611 C "C3'" . C   B 2 8  ? -4.833  -7.721  5.466   1.00 25.58 ? 16  C   C "C3'" 1 
ATOM   612 O "O3'" . C   B 2 8  ? -4.705  -8.944  6.114   1.00 29.63 ? 16  C   C "O3'" 1 
ATOM   613 C "C2'" . C   B 2 8  ? -5.484  -7.884  4.091   1.00 22.24 ? 16  C   C "C2'" 1 
ATOM   614 O "O2'" . C   B 2 8  ? -6.555  -8.821  4.090   1.00 22.61 ? 16  C   C "O2'" 1 
ATOM   615 C "C1'" . C   B 2 8  ? -6.134  -6.540  3.935   1.00 21.12 ? 16  C   C "C1'" 1 
ATOM   616 N N1    . C   B 2 8  ? -5.201  -5.600  3.327   1.00 19.44 ? 16  C   C N1    1 
ATOM   617 C C2    . C   B 2 8  ? -5.140  -5.561  1.951   1.00 19.76 ? 16  C   C C2    1 
ATOM   618 O O2    . C   B 2 8  ? -5.766  -6.404  1.339   1.00 20.39 ? 16  C   C O2    1 
ATOM   619 N N3    . C   B 2 8  ? -4.358  -4.630  1.298   1.00 17.93 ? 16  C   C N3    1 
ATOM   620 C C4    . C   B 2 8  ? -3.588  -3.834  2.022   1.00 19.26 ? 16  C   C C4    1 
ATOM   621 N N4    . C   B 2 8  ? -2.801  -2.963  1.365   1.00 22.44 ? 16  C   C N4    1 
ATOM   622 C C5    . C   B 2 8  ? -3.588  -3.860  3.449   1.00 21.46 ? 16  C   C C5    1 
ATOM   623 C C6    . C   B 2 8  ? -4.428  -4.774  4.085   1.00 21.05 ? 16  C   C C6    1 
ATOM   624 P P     . A   B 2 9  ? -3.315  -9.757  5.970   1.00 32.57 ? 17  A   C P     1 
ATOM   625 O OP1   . A   B 2 9  ? -3.561  -11.035 6.858   1.00 33.68 ? 17  A   C OP1   1 
ATOM   626 O OP2   . A   B 2 9  ? -2.073  -8.995  6.045   1.00 32.12 ? 17  A   C OP2   1 
ATOM   627 O "O5'" . A   B 2 9  ? -3.448  -10.266 4.446   1.00 33.78 ? 17  A   C "O5'" 1 
ATOM   628 C "C5'" . A   B 2 9  ? -2.392  -10.232 3.582   1.00 29.98 ? 17  A   C "C5'" 1 
ATOM   629 C "C4'" . A   B 2 9  ? -2.897  -10.549 2.197   1.00 28.61 ? 17  A   C "C4'" 1 
ATOM   630 O "O4'" . A   B 2 9  ? -3.566  -9.368  1.718   1.00 26.68 ? 17  A   C "O4'" 1 
ATOM   631 C "C3'" . A   B 2 9  ? -1.683  -10.710 1.314   1.00 25.65 ? 17  A   C "C3'" 1 
ATOM   632 O "O3'" . A   B 2 9  ? -1.350  -12.090 1.248   1.00 27.50 ? 17  A   C "O3'" 1 
ATOM   633 C "C2'" . A   B 2 9  ? -2.156  -10.149 -0.026  1.00 25.86 ? 17  A   C "C2'" 1 
ATOM   634 O "O2'" . A   B 2 9  ? -2.998  -11.068 -0.696  1.00 26.14 ? 17  A   C "O2'" 1 
ATOM   635 C "C1'" . A   B 2 9  ? -3.038  -8.992  0.443   1.00 23.58 ? 17  A   C "C1'" 1 
ATOM   636 N N9    . A   B 2 9  ? -2.258  -7.809  0.572   1.00 22.98 ? 17  A   C N9    1 
ATOM   637 C C8    . A   B 2 9  ? -1.854  -7.082  1.680   1.00 22.10 ? 17  A   C C8    1 
ATOM   638 N N7    . A   B 2 9  ? -1.191  -6.008  1.361   1.00 22.84 ? 17  A   C N7    1 
ATOM   639 C C5    . A   B 2 9  ? -1.141  -6.052  -0.017  1.00 22.62 ? 17  A   C C5    1 
ATOM   640 C C6    . A   B 2 9  ? -0.553  -5.217  -0.907  1.00 22.77 ? 17  A   C C6    1 
ATOM   641 N N6    . A   B 2 9  ? 0.086   -4.107  -0.518  1.00 23.57 ? 17  A   C N6    1 
ATOM   642 N N1    . A   B 2 9  ? -0.662  -5.515  -2.200  1.00 21.49 ? 17  A   C N1    1 
ATOM   643 C C2    . A   B 2 9  ? -1.332  -6.619  -2.579  1.00 22.28 ? 17  A   C C2    1 
ATOM   644 N N3    . A   B 2 9  ? -1.928  -7.509  -1.808  1.00 24.98 ? 17  A   C N3    1 
ATOM   645 C C4    . A   B 2 9  ? -1.769  -7.147  -0.514  1.00 21.91 ? 17  A   C C4    1 
ATOM   646 P P     . C   B 2 10 ? 0.192   -12.510 1.140   1.00 27.79 ? 18  C   C P     1 
ATOM   647 O OP1   . C   B 2 10 ? 0.251   -14.049 1.012   1.00 30.59 ? 18  C   C OP1   1 
ATOM   648 O OP2   . C   B 2 10 ? 1.071   -11.771 2.055   1.00 26.40 ? 18  C   C OP2   1 
ATOM   649 O "O5'" . C   B 2 10 ? 0.647   -11.971 -0.290  1.00 28.95 ? 18  C   C "O5'" 1 
ATOM   650 C "C5'" . C   B 2 10 ? 0.080   -12.477 -1.441  1.00 26.76 ? 18  C   C "C5'" 1 
ATOM   651 C "C4'" . C   B 2 10 ? 0.665   -11.764 -2.618  1.00 27.95 ? 18  C   C "C4'" 1 
ATOM   652 O "O4'" . C   B 2 10 ? 0.190   -10.401 -2.623  1.00 26.59 ? 18  C   C "O4'" 1 
ATOM   653 C "C3'" . C   B 2 10 ? 2.188   -11.582 -2.704  1.00 28.31 ? 18  C   C "C3'" 1 
ATOM   654 O "O3'" . C   B 2 10 ? 2.838   -12.764 -3.203  1.00 30.07 ? 18  C   C "O3'" 1 
ATOM   655 C "C2'" . C   B 2 10 ? 2.304   -10.462 -3.743  1.00 27.50 ? 18  C   C "C2'" 1 
ATOM   656 O "O2'" . C   B 2 10 ? 1.959   -10.928 -5.054  1.00 28.87 ? 18  C   C "O2'" 1 
ATOM   657 C "C1'" . C   B 2 10 ? 1.138   -9.571  -3.287  1.00 26.84 ? 18  C   C "C1'" 1 
ATOM   658 N N1    . C   B 2 10 ? 1.551   -8.591  -2.295  1.00 25.74 ? 18  C   C N1    1 
ATOM   659 C C2    . C   B 2 10 ? 2.082   -7.456  -2.738  1.00 26.96 ? 18  C   C C2    1 
ATOM   660 O O2    . C   B 2 10 ? 2.238   -7.313  -4.018  1.00 26.79 ? 18  C   C O2    1 
ATOM   661 N N3    . C   B 2 10 ? 2.448   -6.500  -1.880  1.00 25.37 ? 18  C   C N3    1 
ATOM   662 C C4    . C   B 2 10 ? 2.335   -6.711  -0.601  1.00 25.68 ? 18  C   C C4    1 
ATOM   663 N N4    . C   B 2 10 ? 2.766   -5.718  0.191   1.00 26.14 ? 18  C   C N4    1 
ATOM   664 C C5    . C   B 2 10 ? 1.798   -7.931  -0.079  1.00 25.97 ? 18  C   C C5    1 
ATOM   665 C C6    . C   B 2 10 ? 1.388   -8.835  -0.960  1.00 25.23 ? 18  C   C C6    1 
ATOM   666 P P     . A   B 2 11 ? 4.354   -13.087 -2.745  1.00 31.87 ? 19  A   C P     1 
ATOM   667 O OP1   . A   B 2 11 ? 4.564   -14.505 -3.248  1.00 31.97 ? 19  A   C OP1   1 
ATOM   668 O OP2   . A   B 2 11 ? 4.775   -12.776 -1.341  1.00 32.14 ? 19  A   C OP2   1 
ATOM   669 O "O5'" . A   B 2 11 ? 5.261   -12.039 -3.568  1.00 30.05 ? 19  A   C "O5'" 1 
ATOM   670 C "C5'" . A   B 2 11 ? 5.207   -12.098 -4.930  1.00 29.42 ? 19  A   C "C5'" 1 
ATOM   671 C "C4'" . A   B 2 11 ? 5.969   -10.994 -5.558  1.00 30.39 ? 19  A   C "C4'" 1 
ATOM   672 O "O4'" . A   B 2 11 ? 5.289   -9.733  -5.384  1.00 30.65 ? 19  A   C "O4'" 1 
ATOM   673 C "C3'" . A   B 2 11 ? 7.366   -10.790 -4.986  1.00 31.70 ? 19  A   C "C3'" 1 
ATOM   674 O "O3'" . A   B 2 11 ? 8.353   -11.604 -5.584  1.00 32.00 ? 19  A   C "O3'" 1 
ATOM   675 C "C2'" . A   B 2 11 ? 7.650   -9.351  -5.342  1.00 31.24 ? 19  A   C "C2'" 1 
ATOM   676 O "O2'" . A   B 2 11 ? 8.043   -9.186  -6.731  1.00 31.70 ? 19  A   C "O2'" 1 
ATOM   677 C "C1'" . A   B 2 11 ? 6.269   -8.746  -5.077  1.00 31.30 ? 19  A   C "C1'" 1 
ATOM   678 N N9    . A   B 2 11 ? 6.098   -8.316  -3.691  1.00 31.49 ? 19  A   C N9    1 
ATOM   679 C C8    . A   B 2 11 ? 5.553   -8.940  -2.644  1.00 30.74 ? 19  A   C C8    1 
ATOM   680 N N7    . A   B 2 11 ? 5.523   -8.207  -1.553  1.00 29.86 ? 19  A   C N7    1 
ATOM   681 C C5    . A   B 2 11 ? 6.086   -7.018  -1.916  1.00 29.79 ? 19  A   C C5    1 
ATOM   682 C C6    . A   B 2 11 ? 6.341   -5.797  -1.206  1.00 28.45 ? 19  A   C C6    1 
ATOM   683 N N6    . A   B 2 11 ? 5.967   -5.544  0.081   1.00 27.10 ? 19  A   C N6    1 
ATOM   684 N N1    . A   B 2 11 ? 7.000   -4.829  -1.889  1.00 29.19 ? 19  A   C N1    1 
ATOM   685 C C2    . A   B 2 11 ? 7.310   -5.030  -3.152  1.00 30.14 ? 19  A   C C2    1 
ATOM   686 N N3    . A   B 2 11 ? 7.074   -6.116  -3.925  1.00 30.37 ? 19  A   C N3    1 
ATOM   687 C C4    . A   B 2 11 ? 6.477   -7.070  -3.225  1.00 30.04 ? 19  A   C C4    1 
ATOM   688 P P     . C   B 2 12 ? 9.516   -12.177 -4.650  1.00 33.13 ? 20  C   C P     1 
ATOM   689 O OP1   . C   B 2 12 ? 10.167  -13.287 -5.460  1.00 34.91 ? 20  C   C OP1   1 
ATOM   690 O OP2   . C   B 2 12 ? 9.033   -12.499 -3.266  1.00 32.56 ? 20  C   C OP2   1 
ATOM   691 O "O5'" . C   B 2 12 ? 10.543  -10.967 -4.596  1.00 30.66 ? 20  C   C "O5'" 1 
ATOM   692 C "C5'" . C   B 2 12 ? 11.086  -10.438 -5.741  1.00 32.70 ? 20  C   C "C5'" 1 
ATOM   693 C "C4'" . C   B 2 12 ? 11.657  -9.084  -5.486  1.00 31.99 ? 20  C   C "C4'" 1 
ATOM   694 O "O4'" . C   B 2 12 ? 10.595  -8.130  -5.204  1.00 30.76 ? 20  C   C "O4'" 1 
ATOM   695 C "C3'" . C   B 2 12 ? 12.615  -8.947  -4.303  1.00 33.01 ? 20  C   C "C3'" 1 
ATOM   696 O "O3'" . C   B 2 12 ? 13.914  -9.338  -4.727  1.00 38.49 ? 20  C   C "O3'" 1 
ATOM   697 C "C2'" . C   B 2 12 ? 12.613  -7.435  -4.129  1.00 30.85 ? 20  C   C "C2'" 1 
ATOM   698 O "O2'" . C   B 2 12 ? 13.322  -6.651  -5.136  1.00 30.63 ? 20  C   C "O2'" 1 
ATOM   699 C "C1'" . C   B 2 12 ? 11.102  -7.141  -4.299  1.00 28.95 ? 20  C   C "C1'" 1 
ATOM   700 N N1    . C   B 2 12 ? 10.416  -7.307  -2.976  1.00 25.44 ? 20  C   C N1    1 
ATOM   701 C C2    . C   B 2 12 ? 10.382  -6.215  -2.115  1.00 25.87 ? 20  C   C C2    1 
ATOM   702 O O2    . C   B 2 12 ? 10.948  -5.191  -2.466  1.00 26.30 ? 20  C   C O2    1 
ATOM   703 N N3    . C   B 2 12 ? 9.761   -6.344  -0.908  1.00 24.35 ? 20  C   C N3    1 
ATOM   704 C C4    . C   B 2 12 ? 9.205   -7.513  -0.593  1.00 23.90 ? 20  C   C C4    1 
ATOM   705 N N4    . C   B 2 12 ? 8.569   -7.632  0.579   1.00 24.49 ? 20  C   C N4    1 
ATOM   706 C C5    . C   B 2 12 ? 9.263   -8.651  -1.461  1.00 24.25 ? 20  C   C C5    1 
ATOM   707 C C6    . C   B 2 12 ? 9.882   -8.489  -2.616  1.00 24.09 ? 20  C   C C6    1 
ATOM   708 P P     . C   B 2 13 ? 15.026  -9.790  -3.632  1.00 38.95 ? 21  C   C P     1 
ATOM   709 O OP1   . C   B 2 13 ? 16.201  -9.898  -4.626  1.00 40.17 ? 21  C   C OP1   1 
ATOM   710 O OP2   . C   B 2 13 ? 14.604  -10.952 -2.823  1.00 35.32 ? 21  C   C OP2   1 
ATOM   711 O "O5'" . C   B 2 13 ? 15.382  -8.480  -2.801  1.00 40.89 ? 21  C   C "O5'" 1 
ATOM   712 C "C5'" . C   B 2 13 ? 16.195  -7.504  -3.392  1.00 38.99 ? 21  C   C "C5'" 1 
ATOM   713 C "C4'" . C   B 2 13 ? 16.416  -6.369  -2.434  1.00 39.62 ? 21  C   C "C4'" 1 
ATOM   714 O "O4'" . C   B 2 13 ? 15.147  -5.638  -2.215  1.00 38.73 ? 21  C   C "O4'" 1 
ATOM   715 C "C3'" . C   B 2 13 ? 16.838  -6.751  -1.020  1.00 38.08 ? 21  C   C "C3'" 1 
ATOM   716 O "O3'" . C   B 2 13 ? 18.251  -6.953  -1.020  1.00 40.00 ? 21  C   C "O3'" 1 
ATOM   717 C "C2'" . C   B 2 13 ? 16.548  -5.440  -0.296  1.00 35.81 ? 21  C   C "C2'" 1 
ATOM   718 O "O2'" . C   B 2 13 ? 17.370  -4.323  -0.715  1.00 33.43 ? 21  C   C "O2'" 1 
ATOM   719 C "C1'" . C   B 2 13 ? 15.140  -5.162  -0.863  1.00 36.45 ? 21  C   C "C1'" 1 
ATOM   720 N N1    . C   B 2 13 ? 14.181  -5.953  -0.089  1.00 34.06 ? 21  C   C N1    1 
ATOM   721 C C2    . C   B 2 13 ? 13.721  -5.351  1.106   1.00 32.97 ? 21  C   C C2    1 
ATOM   722 O O2    . C   B 2 13 ? 14.205  -4.243  1.415   1.00 30.48 ? 21  C   C O2    1 
ATOM   723 N N3    . C   B 2 13 ? 12.805  -5.949  1.828   1.00 30.48 ? 21  C   C N3    1 
ATOM   724 C C4    . C   B 2 13 ? 12.328  -7.134  1.469   1.00 32.21 ? 21  C   C C4    1 
ATOM   725 N N4    . C   B 2 13 ? 11.340  -7.654  2.201   1.00 28.10 ? 21  C   C N4    1 
ATOM   726 C C5    . C   B 2 13 ? 12.834  -7.843  0.287   1.00 32.44 ? 21  C   C C5    1 
ATOM   727 C C6    . C   B 2 13 ? 13.735  -7.195  -0.459  1.00 34.75 ? 21  C   C C6    1 
ATOM   728 P P     . A   B 2 14 ? 18.903  -7.972  0.011   1.00 40.44 ? 22  A   C P     1 
ATOM   729 O OP1   . A   B 2 14 ? 20.312  -7.930  -0.442  1.00 41.61 ? 22  A   C OP1   1 
ATOM   730 O OP2   . A   B 2 14 ? 18.247  -9.303  0.314   1.00 37.87 ? 22  A   C OP2   1 
ATOM   731 O "O5'" . A   B 2 14 ? 18.926  -7.108  1.359   1.00 38.77 ? 22  A   C "O5'" 1 
ATOM   732 C "C5'" . A   B 2 14 ? 19.699  -5.920  1.377   1.00 36.36 ? 22  A   C "C5'" 1 
ATOM   733 C "C4'" . A   B 2 14 ? 19.492  -5.230  2.688   1.00 36.51 ? 22  A   C "C4'" 1 
ATOM   734 O "O4'" . A   B 2 14 ? 18.126  -4.710  2.760   1.00 36.09 ? 22  A   C "O4'" 1 
ATOM   735 C "C3'" . A   B 2 14 ? 19.542  -6.206  3.828   1.00 35.14 ? 22  A   C "C3'" 1 
ATOM   736 O "O3'" . A   B 2 14 ? 20.913  -6.336  4.146   1.00 36.57 ? 22  A   C "O3'" 1 
ATOM   737 C "C2'" . A   B 2 14 ? 18.789  -5.471  4.917   1.00 35.50 ? 22  A   C "C2'" 1 
ATOM   738 O "O2'" . A   B 2 14 ? 19.473  -4.401  5.558   1.00 35.08 ? 22  A   C "O2'" 1 
ATOM   739 C "C1'" . A   B 2 14 ? 17.647  -4.887  4.105   1.00 33.98 ? 22  A   C "C1'" 1 
ATOM   740 N N9    . A   B 2 14 ? 16.588  -5.884  4.066   1.00 32.34 ? 22  A   C N9    1 
ATOM   741 C C8    . A   B 2 14 ? 16.319  -6.816  3.107   1.00 30.38 ? 22  A   C C8    1 
ATOM   742 N N7    . A   B 2 14 ? 15.310  -7.582  3.405   1.00 30.43 ? 22  A   C N7    1 
ATOM   743 C C5    . A   B 2 14 ? 14.858  -7.086  4.635   1.00 28.26 ? 22  A   C C5    1 
ATOM   744 C C6    . A   B 2 14 ? 13.773  -7.468  5.471   1.00 25.54 ? 22  A   C C6    1 
ATOM   745 N N6    . A   B 2 14 ? 12.923  -8.420  5.180   1.00 22.67 ? 22  A   C N6    1 
ATOM   746 N N1    . A   B 2 14 ? 13.612  -6.816  6.629   1.00 24.40 ? 22  A   C N1    1 
ATOM   747 C C2    . A   B 2 14 ? 14.473  -5.834  6.922   1.00 26.66 ? 22  A   C C2    1 
ATOM   748 N N3    . A   B 2 14 ? 15.535  -5.364  6.208   1.00 28.52 ? 22  A   C N3    1 
ATOM   749 C C4    . A   B 2 14 ? 15.650  -6.055  5.055   1.00 29.57 ? 22  A   C C4    1 
ATOM   750 P P     . C   B 2 15 ? 21.394  -7.618  4.940   1.00 32.53 ? 23  C   C P     1 
ATOM   751 O OP1   . C   B 2 15 ? 22.859  -7.512  5.161   1.00 38.33 ? 23  C   C OP1   1 
ATOM   752 O OP2   . C   B 2 15 ? 20.768  -8.912  4.604   1.00 36.14 ? 23  C   C OP2   1 
ATOM   753 O "O5'" . C   B 2 15 ? 20.722  -7.193  6.348   1.00 33.93 ? 23  C   C "O5'" 1 
ATOM   754 C "C5'" . C   B 2 15 ? 20.723  -8.011  7.415   1.00 29.88 ? 23  C   C "C5'" 1 
ATOM   755 C "C4'" . C   B 2 15 ? 19.876  -7.345  8.519   1.00 26.51 ? 23  C   C "C4'" 1 
ATOM   756 O "O4'" . C   B 2 15 ? 18.634  -6.819  7.983   1.00 26.39 ? 23  C   C "O4'" 1 
ATOM   757 C "C3'" . C   B 2 15 ? 19.465  -8.456  9.364   1.00 26.01 ? 23  C   C "C3'" 1 
ATOM   758 O "O3'" . C   B 2 15 ? 20.457  -8.443  10.363  1.00 25.81 ? 23  C   C "O3'" 1 
ATOM   759 C "C2'" . C   B 2 15 ? 18.149  -8.033  9.929   1.00 24.76 ? 23  C   C "C2'" 1 
ATOM   760 O "O2'" . C   B 2 15 ? 18.327  -7.106  10.977  1.00 24.34 ? 23  C   C "O2'" 1 
ATOM   761 C "C1'" . C   B 2 15 ? 17.540  -7.355  8.734   1.00 24.79 ? 23  C   C "C1'" 1 
ATOM   762 N N1    . C   B 2 15 ? 16.815  -8.363  7.982   1.00 23.95 ? 23  C   C N1    1 
ATOM   763 C C2    . C   B 2 15 ? 15.559  -8.720  8.461   1.00 22.28 ? 23  C   C C2    1 
ATOM   764 O O2    . C   B 2 15 ? 15.128  -8.074  9.419   1.00 21.74 ? 23  C   C O2    1 
ATOM   765 N N3    . C   B 2 15 ? 14.827  -9.726  7.856   1.00 22.99 ? 23  C   C N3    1 
ATOM   766 C C4    . C   B 2 15 ? 15.269  -10.234 6.699   1.00 24.54 ? 23  C   C C4    1 
ATOM   767 N N4    . C   B 2 15 ? 14.458  -11.094 5.998   1.00 24.88 ? 23  C   C N4    1 
ATOM   768 C C5    . C   B 2 15 ? 16.550  -9.857  6.158   1.00 25.60 ? 23  C   C C5    1 
ATOM   769 C C6    . C   B 2 15 ? 17.320  -8.951  6.864   1.00 24.51 ? 23  C   C C6    1 
ATOM   770 P P     . C   B 2 16 ? 20.865  -9.740  10.951  1.00 27.55 ? 24  C   C P     1 
ATOM   771 O OP1   . C   B 2 16 ? 22.169  -9.366  11.614  1.00 29.71 ? 24  C   C OP1   1 
ATOM   772 O OP2   . C   B 2 16 ? 20.833  -10.849 9.890   1.00 27.12 ? 24  C   C OP2   1 
ATOM   773 O "O5'" . C   B 2 16 ? 19.772  -10.171 12.021  1.00 24.32 ? 24  C   C "O5'" 1 
ATOM   774 C "C5'" . C   B 2 16 ? 19.513  -9.281  13.066  1.00 26.66 ? 24  C   C "C5'" 1 
ATOM   775 C "C4'" . C   B 2 16 ? 18.310  -9.693  13.862  1.00 25.50 ? 24  C   C "C4'" 1 
ATOM   776 O "O4'" . C   B 2 16 ? 17.111  -9.484  13.035  1.00 22.52 ? 24  C   C "O4'" 1 
ATOM   777 C "C3'" . C   B 2 16 ? 18.229  -11.155 14.195  1.00 26.46 ? 24  C   C "C3'" 1 
ATOM   778 O "O3'" . C   B 2 16 ? 18.931  -11.427 15.360  1.00 30.12 ? 24  C   C "O3'" 1 
ATOM   779 C "C2'" . C   B 2 16 ? 16.747  -11.294 14.467  1.00 25.03 ? 24  C   C "C2'" 1 
ATOM   780 O "O2'" . C   B 2 16 ? 16.352  -10.706 15.717  1.00 27.02 ? 24  C   C "O2'" 1 
ATOM   781 C "C1'" . C   B 2 16 ? 16.159  -10.484 13.336  1.00 24.22 ? 24  C   C "C1'" 1 
ATOM   782 N N1    . C   B 2 16 ? 15.869  -11.292 12.096  1.00 22.74 ? 24  C   C N1    1 
ATOM   783 C C2    . C   B 2 16 ? 14.718  -12.017 12.071  1.00 22.12 ? 24  C   C C2    1 
ATOM   784 O O2    . C   B 2 16 ? 14.056  -12.033 13.075  1.00 20.95 ? 24  C   C O2    1 
ATOM   785 N N3    . C   B 2 16 ? 14.372  -12.707 10.974  1.00 22.38 ? 24  C   C N3    1 
ATOM   786 C C4    . C   B 2 16 ? 15.163  -12.708 9.927   1.00 22.28 ? 24  C   C C4    1 
ATOM   787 N N4    . C   B 2 16 ? 14.746  -13.319 8.826   1.00 25.35 ? 24  C   C N4    1 
ATOM   788 C C5    . C   B 2 16 ? 16.429  -12.028 9.933   1.00 22.63 ? 24  C   C C5    1 
ATOM   789 C C6    . C   B 2 16 ? 16.727  -11.320 11.031  1.00 21.74 ? 24  C   C C6    1 
ATOM   790 P P     . C   B 2 17 ? 19.535  -12.894 15.575  1.00 33.04 ? 25  C   C P     1 
ATOM   791 O OP1   . C   B 2 17 ? 20.342  -12.916 16.898  1.00 34.35 ? 25  C   C OP1   1 
ATOM   792 O OP2   . C   B 2 17 ? 20.149  -13.280 14.320  1.00 31.44 ? 25  C   C OP2   1 
ATOM   793 O "O5'" . C   B 2 17 ? 18.257  -13.780 15.961  1.00 29.72 ? 25  C   C "O5'" 1 
ATOM   794 C "C5'" . C   B 2 17 ? 17.469  -13.529 17.138  1.00 28.53 ? 25  C   C "C5'" 1 
ATOM   795 C "C4'" . C   B 2 17 ? 16.250  -14.460 17.185  1.00 27.53 ? 25  C   C "C4'" 1 
ATOM   796 O "O4'" . C   B 2 17 ? 15.292  -14.185 16.092  1.00 24.75 ? 25  C   C "O4'" 1 
ATOM   797 C "C3'" . C   B 2 17 ? 16.534  -15.968 17.031  1.00 27.57 ? 25  C   C "C3'" 1 
ATOM   798 O "O3'" . C   B 2 17 ? 16.890  -16.598 18.295  1.00 30.02 ? 25  C   C "O3'" 1 
ATOM   799 C "C2'" . C   B 2 17 ? 15.138  -16.491 16.645  1.00 26.16 ? 25  C   C "C2'" 1 
ATOM   800 O "O2'" . C   B 2 17 ? 14.303  -16.406 17.763  1.00 25.99 ? 25  C   C "O2'" 1 
ATOM   801 C "C1'" . C   B 2 17 ? 14.627  -15.384 15.718  1.00 25.40 ? 25  C   C "C1'" 1 
ATOM   802 N N1    . C   B 2 17 ? 14.875  -15.614 14.296  1.00 22.95 ? 25  C   C N1    1 
ATOM   803 C C2    . C   B 2 17 ? 13.983  -16.428 13.621  1.00 22.83 ? 25  C   C C2    1 
ATOM   804 O O2    . C   B 2 17 ? 13.088  -16.949 14.271  1.00 21.08 ? 25  C   C O2    1 
ATOM   805 N N3    . C   B 2 17 ? 14.161  -16.641 12.313  1.00 20.57 ? 25  C   C N3    1 
ATOM   806 C C4    . C   B 2 17 ? 15.179  -16.084 11.672  1.00 21.51 ? 25  C   C C4    1 
ATOM   807 N N4    . C   B 2 17 ? 15.321  -16.291 10.392  1.00 19.20 ? 25  C   C N4    1 
ATOM   808 C C5    . C   B 2 17 ? 16.110  -15.252 12.330  1.00 22.16 ? 25  C   C C5    1 
ATOM   809 C C6    . C   B 2 17 ? 15.936  -15.063 13.639  1.00 24.11 ? 25  C   C C6    1 
HETATM 810 S S     . SO4 C 3 .  ? 0.033   -0.890  1.769   0.50 44.58 ? 201 SO4 C S     1 
HETATM 811 O O1    . SO4 C 3 .  ? 0.428   -2.262  1.922   0.50 45.55 ? 201 SO4 C O1    1 
HETATM 812 O O2    . SO4 C 3 .  ? 1.100   -0.069  2.265   0.50 45.60 ? 201 SO4 C O2    1 
HETATM 813 O O3    . SO4 C 3 .  ? -0.188  -0.587  0.383   0.50 45.31 ? 201 SO4 C O3    1 
HETATM 814 O O4    . SO4 C 3 .  ? -1.159  -0.665  2.514   0.50 43.84 ? 201 SO4 C O4    1 
HETATM 815 S S     . SO4 D 3 .  ? 2.689   -5.655  3.480   0.50 47.64 ? 202 SO4 C S     1 
HETATM 816 O O1    . SO4 D 3 .  ? 2.488   -4.846  4.690   0.50 48.03 ? 202 SO4 C O1    1 
HETATM 817 O O2    . SO4 D 3 .  ? 4.073   -5.994  3.355   0.50 48.13 ? 202 SO4 C O2    1 
HETATM 818 O O3    . SO4 D 3 .  ? 1.883   -6.841  3.599   0.50 47.21 ? 202 SO4 C O3    1 
HETATM 819 O O4    . SO4 D 3 .  ? 2.295   -4.887  2.354   0.50 47.59 ? 202 SO4 C O4    1 
HETATM 820 O O     . HOH E 4 .  ? -8.058  17.488  -8.175  1.00 18.66 ? 19  HOH A O     1 
HETATM 821 O O     . HOH E 4 .  ? -11.889 17.022  5.270   1.00 22.87 ? 20  HOH A O     1 
HETATM 822 O O     . HOH E 4 .  ? 2.194   -13.978 14.118  1.00 24.01 ? 21  HOH A O     1 
HETATM 823 O O     . HOH E 4 .  ? 5.870   -6.255  9.206   1.00 29.45 ? 22  HOH A O     1 
HETATM 824 O O     . HOH E 4 .  ? -14.455 17.530  -2.844  1.00 29.36 ? 23  HOH A O     1 
HETATM 825 O O     . HOH E 4 .  ? 11.245  -10.108 14.159  1.00 24.14 ? 24  HOH A O     1 
HETATM 826 O O     . HOH E 4 .  ? -10.078 15.565  -16.408 1.00 33.91 ? 25  HOH A O     1 
HETATM 827 O O     . HOH E 4 .  ? 3.657   -5.206  13.383  1.00 31.15 ? 26  HOH A O     1 
HETATM 828 O O     . HOH E 4 .  ? -14.237 -6.887  -4.049  1.00 29.07 ? 27  HOH A O     1 
HETATM 829 O O     . HOH E 4 .  ? -15.776 15.822  -1.162  1.00 30.33 ? 28  HOH A O     1 
HETATM 830 O O     . HOH E 4 .  ? -7.917  4.478   -2.266  1.00 28.00 ? 29  HOH A O     1 
HETATM 831 O O     . HOH E 4 .  ? -10.086 5.743   7.282   1.00 31.17 ? 30  HOH A O     1 
HETATM 832 O O     . HOH E 4 .  ? 7.153   -6.407  6.794   1.00 31.60 ? 31  HOH A O     1 
HETATM 833 O O     . HOH E 4 .  ? -9.261  -7.788  -1.417  1.00 25.36 ? 32  HOH A O     1 
HETATM 834 O O     . HOH E 4 .  ? 6.653   -10.174 8.786   1.00 30.68 ? 33  HOH A O     1 
HETATM 835 O O     . HOH E 4 .  ? 10.334  -16.726 6.115   1.00 36.59 ? 34  HOH A O     1 
HETATM 836 O O     . HOH E 4 .  ? 11.008  -13.768 15.928  1.00 29.99 ? 35  HOH A O     1 
HETATM 837 O O     . HOH E 4 .  ? -12.779 -1.854  4.239   1.00 36.93 ? 36  HOH A O     1 
HETATM 838 O O     . HOH E 4 .  ? -7.416  18.244  -2.868  1.00 36.50 ? 37  HOH A O     1 
HETATM 839 O O     . HOH E 4 .  ? -15.222 16.995  -7.876  1.00 34.33 ? 38  HOH A O     1 
HETATM 840 O O     . HOH E 4 .  ? -12.416 4.200   7.353   1.00 41.78 ? 39  HOH A O     1 
HETATM 841 O O     . HOH E 4 .  ? -15.150 14.551  -3.739  1.00 31.45 ? 40  HOH A O     1 
HETATM 842 O O     . HOH E 4 .  ? -14.740 10.357  8.050   1.00 34.68 ? 41  HOH A O     1 
HETATM 843 O O     . HOH E 4 .  ? 9.831   -16.732 15.146  1.00 38.63 ? 42  HOH A O     1 
HETATM 844 O O     . HOH E 4 .  ? -15.705 21.041  -5.735  1.00 33.18 ? 43  HOH A O     1 
HETATM 845 O O     . HOH E 4 .  ? -15.487 8.268   0.648   1.00 32.08 ? 44  HOH A O     1 
HETATM 846 O O     . HOH E 4 .  ? -13.542 -5.848  -7.998  1.00 34.51 ? 45  HOH A O     1 
HETATM 847 O O     . HOH E 4 .  ? 4.585   -7.822  15.757  1.00 39.91 ? 46  HOH A O     1 
HETATM 848 O O     . HOH E 4 .  ? 11.366  -14.205 5.942   1.00 35.80 ? 47  HOH A O     1 
HETATM 849 O O     . HOH E 4 .  ? -8.884  15.634  -13.508 1.00 28.69 ? 48  HOH A O     1 
HETATM 850 O O     . HOH E 4 .  ? 3.791   -1.451  12.986  1.00 40.14 ? 49  HOH A O     1 
HETATM 851 O O     . HOH E 4 .  ? 8.341   -13.689 6.642   1.00 33.57 ? 50  HOH A O     1 
HETATM 852 O O     . HOH E 4 .  ? 2.583   -11.688 15.658  1.00 35.33 ? 51  HOH A O     1 
HETATM 853 O O     . HOH E 4 .  ? -14.510 -2.107  6.252   1.00 36.53 ? 52  HOH A O     1 
HETATM 854 O O     . HOH E 4 .  ? -10.736 2.768   -2.171  1.00 33.76 ? 53  HOH A O     1 
HETATM 855 O O     . HOH E 4 .  ? -13.035 8.194   -3.165  1.00 40.04 ? 54  HOH A O     1 
HETATM 856 O O     . HOH E 4 .  ? -6.590  1.645   -4.865  1.00 36.12 ? 55  HOH A O     1 
HETATM 857 O O     . HOH E 4 .  ? -15.996 21.343  -2.956  1.00 43.95 ? 56  HOH A O     1 
HETATM 858 O O     . HOH E 4 .  ? -11.848 5.340   -1.952  1.00 36.08 ? 57  HOH A O     1 
HETATM 859 O O     . HOH E 4 .  ? 2.368   -2.032  15.141  1.00 45.11 ? 58  HOH A O     1 
HETATM 860 O O     . HOH E 4 .  ? -14.712 11.522  -2.759  1.00 33.99 ? 59  HOH A O     1 
HETATM 861 O O     . HOH E 4 .  ? 5.395   -19.106 6.353   1.00 42.42 ? 60  HOH A O     1 
HETATM 862 O O     . HOH E 4 .  ? 5.952   2.740   0.583   1.00 44.97 ? 61  HOH A O     1 
HETATM 863 O O     . HOH E 4 .  ? -17.755 14.107  4.663   1.00 39.95 ? 62  HOH A O     1 
HETATM 864 O O     . HOH E 4 .  ? -7.436  14.876  1.084   1.00 33.02 ? 63  HOH A O     1 
HETATM 865 O O     . HOH E 4 .  ? 4.299   0.503   0.318   1.00 35.59 ? 64  HOH A O     1 
HETATM 866 O O     . HOH E 4 .  ? -16.774 2.087   -2.009  1.00 40.72 ? 65  HOH A O     1 
HETATM 867 O O     . HOH E 4 .  ? -15.612 17.895  -5.261  1.00 36.47 ? 66  HOH A O     1 
HETATM 868 O O     . HOH E 4 .  ? -18.930 5.311   5.561   1.00 35.16 ? 67  HOH A O     1 
HETATM 869 O O     . HOH E 4 .  ? -11.101 8.219   7.787   1.00 37.04 ? 68  HOH A O     1 
HETATM 870 O O     . HOH E 4 .  ? -6.729  -1.807  -10.510 1.00 43.43 ? 69  HOH A O     1 
HETATM 871 O O     . HOH E 4 .  ? -17.897 4.115   -0.636  1.00 41.10 ? 70  HOH A O     1 
HETATM 872 O O     . HOH E 4 .  ? -12.271 1.716   -4.036  1.00 37.62 ? 71  HOH A O     1 
HETATM 873 O O     . HOH E 4 .  ? -16.199 14.224  -8.614  1.00 39.91 ? 72  HOH A O     1 
HETATM 874 O O     . HOH E 4 .  ? 0.535   -4.651  -7.263  1.00 38.60 ? 73  HOH A O     1 
HETATM 875 O O     . HOH E 4 .  ? 1.223   -5.710  14.345  1.00 43.89 ? 74  HOH A O     1 
HETATM 876 O O     . HOH E 4 .  ? -12.252 -0.179  -5.800  1.00 45.59 ? 75  HOH A O     1 
HETATM 877 O O     . HOH E 4 .  ? 5.918   6.001   -6.167  1.00 44.51 ? 76  HOH A O     1 
HETATM 878 O O     . HOH E 4 .  ? 9.900   -11.142 5.566   1.00 39.61 ? 77  HOH A O     1 
HETATM 879 O O     . HOH E 4 .  ? -15.623 12.440  0.151   1.00 39.89 ? 78  HOH A O     1 
HETATM 880 O O     . HOH E 4 .  ? 2.562   -7.469  17.558  1.00 39.60 ? 79  HOH A O     1 
HETATM 881 O O     . HOH E 4 .  ? 8.881   -8.777  4.780   1.00 44.94 ? 80  HOH A O     1 
HETATM 882 O O     . HOH E 4 .  ? 6.990   -9.260  6.346   1.00 25.94 ? 81  HOH A O     1 
HETATM 883 O O     . HOH E 4 .  ? 13.697  -0.250  0.872   1.00 37.40 ? 82  HOH A O     1 
HETATM 884 O O     . HOH E 4 .  ? -1.733  -0.569  -2.072  1.00 35.55 ? 83  HOH A O     1 
HETATM 885 O O     . HOH E 4 .  ? -15.775 20.395  -9.875  1.00 40.67 ? 84  HOH A O     1 
HETATM 886 O O     . HOH E 4 .  ? -18.564 8.009   6.692   1.00 41.63 ? 85  HOH A O     1 
HETATM 887 O O     . HOH E 4 .  ? -14.399 11.134  -5.592  1.00 42.19 ? 86  HOH A O     1 
HETATM 888 O O     . HOH E 4 .  ? -5.154  3.901   -2.823  1.00 43.38 ? 87  HOH A O     1 
HETATM 889 O O     . HOH F 4 .  ? -1.244  13.844  -10.504 1.00 23.36 ? 203 HOH C O     1 
HETATM 890 O O     . HOH F 4 .  ? -1.494  8.463   -1.068  1.00 26.61 ? 204 HOH C O     1 
HETATM 891 O O     . HOH F 4 .  ? -0.559  6.852   2.010   1.00 29.23 ? 205 HOH C O     1 
HETATM 892 O O     . HOH F 4 .  ? -9.680  -3.818  1.142   1.00 27.37 ? 206 HOH C O     1 
HETATM 893 O O     . HOH F 4 .  ? -8.460  -6.268  0.787   1.00 27.67 ? 207 HOH C O     1 
HETATM 894 O O     . HOH F 4 .  ? -10.442 0.033   5.166   1.00 31.02 ? 208 HOH C O     1 
HETATM 895 O O     . HOH F 4 .  ? -8.540  2.304   6.713   1.00 35.14 ? 209 HOH C O     1 
HETATM 896 O O     . HOH F 4 .  ? -11.840 9.443   -6.357  1.00 35.54 ? 210 HOH C O     1 
HETATM 897 O O     . HOH F 4 .  ? -0.791  7.814   -5.149  1.00 35.98 ? 211 HOH C O     1 
HETATM 898 O O     . HOH F 4 .  ? -8.502  8.967   6.480   1.00 27.65 ? 212 HOH C O     1 
HETATM 899 O O     . HOH F 4 .  ? 17.032  -13.495 6.854   1.00 30.41 ? 213 HOH C O     1 
HETATM 900 O O     . HOH F 4 .  ? -0.526  14.317  3.840   1.00 28.67 ? 214 HOH C O     1 
HETATM 901 O O     . HOH F 4 .  ? 2.403   -9.495  -7.348  1.00 33.35 ? 215 HOH C O     1 
HETATM 902 O O     . HOH F 4 .  ? -2.257  9.245   9.086   1.00 34.94 ? 216 HOH C O     1 
HETATM 903 O O     . HOH F 4 .  ? -6.032  13.729  3.268   1.00 27.08 ? 217 HOH C O     1 
HETATM 904 O O     . HOH F 4 .  ? -4.230  8.507   -3.489  1.00 33.22 ? 218 HOH C O     1 
HETATM 905 O O     . HOH F 4 .  ? -5.479  3.139   10.724  1.00 35.68 ? 219 HOH C O     1 
HETATM 906 O O     . HOH F 4 .  ? -3.151  -7.781  10.455  1.00 39.76 ? 220 HOH C O     1 
HETATM 907 O O     . HOH F 4 .  ? 15.631  -6.525  11.644  1.00 28.79 ? 221 HOH C O     1 
HETATM 908 O O     . HOH F 4 .  ? 17.772  -15.122 9.331   1.00 36.07 ? 222 HOH C O     1 
HETATM 909 O O     . HOH F 4 .  ? 20.217  -5.517  12.268  1.00 38.51 ? 223 HOH C O     1 
HETATM 910 O O     . HOH F 4 .  ? 19.190  -14.004 11.688  1.00 36.65 ? 224 HOH C O     1 
HETATM 911 O O     . HOH F 4 .  ? 0.062   15.171  -4.086  1.00 36.62 ? 225 HOH C O     1 
HETATM 912 O O     . HOH F 4 .  ? 2.262   6.258   3.987   1.00 36.35 ? 226 HOH C O     1 
HETATM 913 O O     . HOH F 4 .  ? -7.264  7.035   -2.994  1.00 36.07 ? 227 HOH C O     1 
HETATM 914 O O     . HOH F 4 .  ? -5.667  16.846  -7.050  1.00 22.37 ? 228 HOH C O     1 
HETATM 915 O O     . HOH F 4 .  ? -0.684  3.636   3.512   1.00 28.19 ? 229 HOH C O     1 
HETATM 916 O O     . HOH F 4 .  ? -4.267  15.876  3.689   1.00 28.44 ? 230 HOH C O     1 
HETATM 917 O O     . HOH F 4 .  ? -6.526  7.876   7.968   1.00 36.78 ? 231 HOH C O     1 
HETATM 918 O O     . HOH F 4 .  ? -7.251  13.650  -13.441 1.00 35.58 ? 232 HOH C O     1 
HETATM 919 O O     . HOH F 4 .  ? -8.327  -3.668  9.620   1.00 33.01 ? 233 HOH C O     1 
HETATM 920 O O     . HOH F 4 .  ? 14.542  -14.926 5.882   1.00 42.27 ? 234 HOH C O     1 
HETATM 921 O O     . HOH F 4 .  ? 10.577  -10.409 1.210   1.00 42.89 ? 235 HOH C O     1 
HETATM 922 O O     . HOH F 4 .  ? -3.899  6.265   -1.785  1.00 32.78 ? 236 HOH C O     1 
HETATM 923 O O     . HOH F 4 .  ? 0.239   14.922  -8.565  1.00 36.06 ? 237 HOH C O     1 
HETATM 924 O O     . HOH F 4 .  ? -0.131  -7.005  -6.070  1.00 38.88 ? 238 HOH C O     1 
HETATM 925 O O     . HOH F 4 .  ? 12.284  -10.936 3.337   1.00 38.74 ? 239 HOH C O     1 
HETATM 926 O O     . HOH F 4 .  ? 2.693   9.040   4.792   1.00 39.48 ? 240 HOH C O     1 
HETATM 927 O O     . HOH F 4 .  ? -8.134  8.583   -6.528  1.00 37.13 ? 241 HOH C O     1 
HETATM 928 O O     . HOH F 4 .  ? -4.642  -2.646  11.555  1.00 44.69 ? 242 HOH C O     1 
HETATM 929 O O     . HOH F 4 .  ? -2.285  1.518   4.061   1.00 28.53 ? 243 HOH C O     1 
HETATM 930 O O     . HOH F 4 .  ? -2.435  4.712   0.705   1.00 35.82 ? 244 HOH C O     1 
HETATM 931 O O     . HOH F 4 .  ? -7.140  -10.636 6.072   1.00 44.37 ? 245 HOH C O     1 
HETATM 932 O O     . HOH F 4 .  ? -5.914  15.558  -1.270  1.00 34.83 ? 246 HOH C O     1 
HETATM 933 O O     . HOH F 4 .  ? -3.082  1.470   -0.845  1.00 43.43 ? 247 HOH C O     1 
HETATM 934 O O     . HOH F 4 .  ? 19.512  -11.836 7.681   1.00 42.71 ? 248 HOH C O     1 
HETATM 935 O O     . HOH F 4 .  ? 13.042  -11.674 15.762  1.00 35.68 ? 249 HOH C O     1 
HETATM 936 O O     . HOH F 4 .  ? -3.268  16.278  -1.686  1.00 37.65 ? 250 HOH C O     1 
HETATM 937 O O     . HOH F 4 .  ? -6.541  -5.462  10.775  1.00 36.63 ? 251 HOH C O     1 
HETATM 938 O O     . HOH F 4 .  ? -2.172  -9.393  -6.298  1.00 42.54 ? 252 HOH C O     1 
HETATM 939 O O     . HOH F 4 .  ? -2.732  16.434  1.497   1.00 43.43 ? 253 HOH C O     1 
HETATM 940 O O     . HOH F 4 .  ? -6.493  -5.636  13.421  1.00 44.82 ? 254 HOH C O     1 
HETATM 941 O O     . HOH F 4 .  ? -10.434 7.162   -4.447  1.00 36.71 ? 255 HOH C O     1 
HETATM 942 O O     . HOH F 4 .  ? 1.729   13.187  -7.055  1.00 41.12 ? 256 HOH C O     1 
HETATM 943 O O     . HOH F 4 .  ? 0.141   -11.015 6.565   1.00 43.37 ? 257 HOH C O     1 
HETATM 944 O O     . HOH F 4 .  ? -1.724  -1.750  5.521   1.00 36.21 ? 258 HOH C O     1 
HETATM 945 O O     . HOH F 4 .  ? -1.052  -2.285  9.331   1.00 36.57 ? 259 HOH C O     1 
HETATM 946 O O     . HOH F 4 .  ? 7.699   -10.265 1.536   1.00 44.03 ? 260 HOH C O     1 
HETATM 947 O O     . HOH F 4 .  ? -0.989  -4.956  6.429   1.00 40.71 ? 261 HOH C O     1 
HETATM 948 O O     . HOH F 4 .  ? -10.214 8.841   -8.495  1.00 43.40 ? 262 HOH C O     1 
HETATM 949 O O     . HOH F 4 .  ? 0.911   1.566   6.726   1.00 40.55 ? 263 HOH C O     1 
# 
